data_3B06
#
_entry.id   3B06
#
_cell.length_a   100.842
_cell.length_b   100.842
_cell.length_c   334.499
_cell.angle_alpha   90.00
_cell.angle_beta   90.00
_cell.angle_gamma   90.00
#
_symmetry.space_group_name_H-M   'P 43 21 2'
#
loop_
_entity.id
_entity.type
_entity.pdbx_description
1 polymer 'Isopentenyl-diphosphate delta-isomerase'
2 non-polymer 1-DEOXY-1-(7,8-DIMETHYL-2,4-DIOXO-3,4-DIHYDRO-2H-BENZO[G]PTERIDIN-1-ID-10(5H)-YL)-5-O-PHOSPHONATO-D-RIBITOL
3 non-polymer 'DIMETHYLALLYL DIPHOSPHATE'
4 non-polymer 'MAGNESIUM ION'
5 water water
#
_entity_poly.entity_id   1
_entity_poly.type   'polypeptide(L)'
_entity_poly.pdbx_seq_one_letter_code
;MPDIVNRKVEHVEIAAFENVDGLSSSTFLNDVILVHQGFPGISFSEINTKTKFFRKEISVPVMVTGMTGGRNELGRINKI
IAEVAEKFGIPMGVGSQRVAIEKAEARESFAIVRKVAPTIPIIANLGMPQLVKGYGLKEFQDAIQMIEADAIAVHLNPAQ
EVFQPEGEPEYQIYALEKLRDISKELSVPIIVKESGNGISMETAKLLYSYGIKNFDTSGQGGTNWIAIEMIRDIRRGNWK
AESAKNFLDWGVPTAASIMEVRYSVPDSFLVGSGGIRSGLDAAKAIALGADIAGMALPVLKSAIEGKESLEQFFRKIIFE
LKAAMMLTGSKDVDALKKTSIVILGKLKEWAEYRGINLSIYEKVRKRE
;
_entity_poly.pdbx_strand_id   A,B,C,D
#
# COMPACT_ATOMS: atom_id res chain seq x y z
N ASP A 3 -13.96 -6.28 45.91
CA ASP A 3 -13.59 -7.28 44.82
C ASP A 3 -13.47 -6.54 43.46
N ILE A 4 -14.60 -5.98 43.07
CA ILE A 4 -14.68 -5.04 41.96
C ILE A 4 -13.79 -3.82 42.22
N VAL A 5 -13.57 -3.46 43.51
CA VAL A 5 -12.72 -2.32 43.86
C VAL A 5 -11.26 -2.60 43.46
N ASN A 6 -10.82 -3.83 43.67
CA ASN A 6 -9.51 -4.34 43.25
C ASN A 6 -9.29 -4.30 41.71
N ARG A 7 -10.33 -4.70 40.97
CA ARG A 7 -10.35 -4.65 39.51
C ARG A 7 -10.16 -3.19 39.04
N LYS A 8 -10.98 -2.27 39.54
CA LYS A 8 -10.86 -0.81 39.35
C LYS A 8 -9.44 -0.29 39.57
N VAL A 9 -8.77 -0.71 40.67
CA VAL A 9 -7.34 -0.33 40.83
C VAL A 9 -6.38 -0.95 39.76
N GLU A 10 -6.60 -2.22 39.44
CA GLU A 10 -5.76 -2.91 38.48
C GLU A 10 -5.98 -2.38 37.04
N HIS A 11 -7.22 -2.00 36.70
CA HIS A 11 -7.49 -1.38 35.41
C HIS A 11 -6.66 -0.12 35.27
N VAL A 12 -6.66 0.72 36.30
CA VAL A 12 -5.97 2.04 36.23
C VAL A 12 -4.46 1.77 36.09
N GLU A 13 -3.97 0.88 36.92
CA GLU A 13 -2.55 0.54 36.92
C GLU A 13 -2.05 -0.01 35.58
N ILE A 14 -2.83 -0.93 34.99
CA ILE A 14 -2.43 -1.47 33.69
C ILE A 14 -2.54 -0.40 32.59
N ALA A 15 -3.64 0.36 32.60
CA ALA A 15 -3.83 1.42 31.58
C ALA A 15 -2.71 2.45 31.73
N ALA A 16 -2.43 2.85 32.95
CA ALA A 16 -1.43 3.91 33.16
C ALA A 16 -0.01 3.46 32.86
N PHE A 17 0.32 2.20 33.15
CA PHE A 17 1.76 1.83 33.28
C PHE A 17 2.21 0.71 32.40
N GLU A 18 1.29 -0.09 31.85
CA GLU A 18 1.61 -1.10 30.86
C GLU A 18 1.42 -0.57 29.42
N ASN A 19 1.81 -1.38 28.43
CA ASN A 19 1.86 -0.92 27.07
C ASN A 19 0.53 -1.38 26.38
N VAL A 20 -0.53 -0.57 26.45
CA VAL A 20 -1.85 -0.97 25.93
C VAL A 20 -2.48 0.12 25.08
N ASP A 21 -1.77 1.24 24.90
CA ASP A 21 -2.24 2.37 24.16
C ASP A 21 -1.98 2.13 22.70
N GLY A 22 -3.04 1.84 21.93
CA GLY A 22 -2.86 1.54 20.50
C GLY A 22 -2.16 0.20 20.20
N LEU A 23 -2.24 -0.76 21.11
CA LEU A 23 -1.49 -2.02 20.96
C LEU A 23 -2.10 -2.84 19.86
N SER A 24 -1.33 -3.05 18.78
CA SER A 24 -1.79 -3.74 17.56
C SER A 24 -3.12 -3.23 16.96
N SER A 25 -3.41 -1.97 17.18
CA SER A 25 -4.68 -1.47 16.75
C SER A 25 -4.47 -0.15 16.08
N SER A 26 -5.54 0.41 15.48
CA SER A 26 -5.41 1.62 14.68
C SER A 26 -6.70 2.48 14.67
N THR A 27 -6.54 3.79 14.83
CA THR A 27 -7.70 4.70 14.71
C THR A 27 -8.16 4.95 13.28
N PHE A 28 -7.29 4.72 12.33
CA PHE A 28 -7.40 5.09 10.91
C PHE A 28 -7.30 6.60 10.74
N LEU A 29 -7.04 7.37 11.78
CA LEU A 29 -6.89 8.86 11.64
C LEU A 29 -5.72 9.35 10.75
N ASN A 30 -4.73 8.49 10.54
CA ASN A 30 -3.71 8.77 9.56
C ASN A 30 -4.22 8.76 8.10
N ASP A 31 -5.39 8.17 7.87
CA ASP A 31 -6.04 8.26 6.56
C ASP A 31 -6.91 9.53 6.38
N VAL A 32 -6.92 10.43 7.37
CA VAL A 32 -7.73 11.65 7.30
C VAL A 32 -6.72 12.78 7.28
N ILE A 33 -6.80 13.61 6.23
CA ILE A 33 -6.00 14.77 6.13
C ILE A 33 -6.90 16.03 6.11
N LEU A 34 -6.57 17.03 6.95
CA LEU A 34 -7.23 18.30 6.95
C LEU A 34 -6.53 19.17 5.88
N VAL A 35 -7.30 19.78 4.96
CA VAL A 35 -6.64 20.50 3.88
C VAL A 35 -6.09 21.84 4.36
N HIS A 36 -4.79 22.05 4.20
CA HIS A 36 -4.17 23.28 4.64
C HIS A 36 -4.66 24.46 3.78
N GLN A 37 -4.89 25.60 4.44
CA GLN A 37 -5.26 26.83 3.79
C GLN A 37 -4.23 27.92 4.04
N GLY A 38 -3.32 28.13 3.08
CA GLY A 38 -2.28 29.12 3.26
C GLY A 38 -2.82 30.54 3.47
N PHE A 39 -4.05 30.82 3.00
CA PHE A 39 -4.70 32.08 3.38
C PHE A 39 -5.88 31.81 4.25
N PRO A 40 -5.69 31.81 5.60
CA PRO A 40 -6.80 31.35 6.43
C PRO A 40 -8.02 32.30 6.48
N GLY A 41 -7.82 33.63 6.35
CA GLY A 41 -8.94 34.56 6.30
C GLY A 41 -9.36 34.98 7.72
N ILE A 42 -8.52 34.67 8.70
CA ILE A 42 -8.80 34.91 10.11
C ILE A 42 -7.49 35.17 10.85
N SER A 43 -7.65 35.56 12.08
CA SER A 43 -6.54 35.75 12.93
C SER A 43 -6.64 34.68 14.05
N PHE A 44 -5.50 34.24 14.55
CA PHE A 44 -5.47 33.22 15.62
C PHE A 44 -6.35 33.63 16.80
N SER A 45 -6.24 34.92 17.18
CA SER A 45 -6.88 35.45 18.37
C SER A 45 -8.40 35.55 18.25
N GLU A 46 -8.94 35.51 17.05
CA GLU A 46 -10.38 35.52 16.92
C GLU A 46 -11.02 34.12 16.86
N ILE A 47 -10.20 33.06 16.81
CA ILE A 47 -10.75 31.71 16.84
C ILE A 47 -11.60 31.48 18.12
N ASN A 48 -12.78 30.91 17.91
CA ASN A 48 -13.73 30.68 19.02
C ASN A 48 -14.01 29.19 19.16
N THR A 49 -13.72 28.61 20.32
CA THR A 49 -13.83 27.16 20.47
C THR A 49 -15.06 26.78 21.26
N LYS A 50 -15.88 27.75 21.60
CA LYS A 50 -17.08 27.40 22.43
C LYS A 50 -18.03 26.54 21.64
N THR A 51 -18.78 25.69 22.34
CA THR A 51 -19.79 24.85 21.72
C THR A 51 -20.80 24.37 22.80
N LYS A 52 -21.88 23.77 22.34
CA LYS A 52 -22.93 23.29 23.22
C LYS A 52 -22.67 21.86 23.63
N PHE A 53 -23.11 21.55 24.85
CA PHE A 53 -23.07 20.23 25.44
C PHE A 53 -24.40 20.13 26.19
N PHE A 54 -25.40 19.62 25.49
CA PHE A 54 -26.76 19.63 26.02
C PHE A 54 -27.17 21.09 26.42
N ARG A 55 -27.47 21.37 27.68
CA ARG A 55 -28.02 22.70 28.01
C ARG A 55 -26.96 23.66 28.53
N LYS A 56 -25.72 23.20 28.57
CA LYS A 56 -24.61 24.05 28.95
C LYS A 56 -23.75 24.46 27.77
N GLU A 57 -22.94 25.48 27.98
CA GLU A 57 -21.91 25.86 27.01
C GLU A 57 -20.59 25.43 27.60
N ILE A 58 -19.71 24.90 26.75
CA ILE A 58 -18.38 24.47 27.20
C ILE A 58 -17.39 25.26 26.35
N SER A 59 -16.17 25.36 26.83
CA SER A 59 -15.23 26.30 26.28
C SER A 59 -14.49 25.77 25.07
N VAL A 60 -14.46 24.44 24.96
CA VAL A 60 -13.63 23.69 24.01
C VAL A 60 -14.45 22.44 23.61
N PRO A 61 -14.42 22.01 22.32
CA PRO A 61 -15.22 20.85 21.93
C PRO A 61 -14.48 19.52 22.20
N VAL A 62 -14.09 19.33 23.46
CA VAL A 62 -13.38 18.19 23.93
C VAL A 62 -14.01 17.80 25.29
N MET A 63 -14.09 16.52 25.59
CA MET A 63 -14.51 16.08 26.91
C MET A 63 -13.54 15.01 27.39
N VAL A 64 -13.41 14.89 28.72
CA VAL A 64 -12.79 13.78 29.32
C VAL A 64 -13.83 12.69 29.51
N THR A 65 -13.66 11.48 28.93
CA THR A 65 -14.69 10.43 29.05
C THR A 65 -14.46 9.59 30.32
N GLY A 66 -15.44 8.77 30.70
CA GLY A 66 -15.44 8.10 31.99
C GLY A 66 -14.30 7.13 32.22
N MET A 67 -13.73 7.14 33.43
CA MET A 67 -12.57 6.25 33.72
C MET A 67 -12.66 5.56 35.05
N THR A 68 -12.68 6.33 36.12
CA THR A 68 -12.46 5.68 37.39
C THR A 68 -13.34 6.18 38.53
N GLY A 69 -13.08 5.62 39.71
CA GLY A 69 -13.91 5.84 40.86
C GLY A 69 -13.98 4.49 41.55
N GLY A 70 -14.16 4.50 42.88
CA GLY A 70 -14.48 3.26 43.62
C GLY A 70 -13.65 3.06 44.89
N ARG A 71 -12.59 3.85 45.05
CA ARG A 71 -11.70 3.83 46.23
C ARG A 71 -11.09 5.21 46.36
N ASN A 72 -10.55 5.54 47.53
CA ASN A 72 -10.15 6.92 47.78
C ASN A 72 -8.97 7.43 46.94
N GLU A 73 -8.03 6.55 46.60
CA GLU A 73 -6.97 6.95 45.69
C GLU A 73 -7.46 7.19 44.24
N LEU A 74 -8.59 6.54 43.90
CA LEU A 74 -9.24 6.71 42.58
C LEU A 74 -9.99 8.03 42.54
N GLY A 75 -10.62 8.36 43.67
CA GLY A 75 -11.26 9.64 43.88
C GLY A 75 -10.32 10.83 43.89
N ARG A 76 -9.08 10.61 44.30
CA ARG A 76 -8.10 11.65 44.29
C ARG A 76 -7.69 11.99 42.82
N ILE A 77 -7.64 10.96 41.96
CA ILE A 77 -7.48 11.17 40.53
C ILE A 77 -8.71 11.85 39.98
N ASN A 78 -9.91 11.36 40.35
CA ASN A 78 -11.11 12.04 39.87
C ASN A 78 -11.11 13.53 40.28
N LYS A 79 -10.67 13.81 41.50
CA LYS A 79 -10.65 15.17 42.01
C LYS A 79 -9.77 16.02 41.17
N ILE A 80 -8.56 15.55 40.87
CA ILE A 80 -7.63 16.32 40.02
C ILE A 80 -8.16 16.60 38.58
N ILE A 81 -8.74 15.60 37.95
CA ILE A 81 -9.29 15.77 36.60
C ILE A 81 -10.49 16.74 36.66
N ALA A 82 -11.39 16.50 37.60
CA ALA A 82 -12.53 17.42 37.78
C ALA A 82 -12.16 18.88 38.01
N GLU A 83 -11.25 19.14 38.95
CA GLU A 83 -10.86 20.55 39.19
C GLU A 83 -10.16 21.21 37.99
N VAL A 84 -9.42 20.46 37.22
CA VAL A 84 -8.78 21.02 36.05
C VAL A 84 -9.82 21.18 34.93
N ALA A 85 -10.74 20.23 34.81
CA ALA A 85 -11.78 20.29 33.80
C ALA A 85 -12.65 21.53 34.01
N GLU A 86 -12.99 21.76 35.28
CA GLU A 86 -13.77 22.94 35.72
C GLU A 86 -13.07 24.22 35.31
N LYS A 87 -11.78 24.31 35.65
CA LYS A 87 -10.95 25.48 35.33
C LYS A 87 -10.97 25.74 33.80
N PHE A 88 -10.93 24.67 32.98
CA PHE A 88 -10.90 24.84 31.51
C PHE A 88 -12.25 24.85 30.83
N GLY A 89 -13.31 24.58 31.59
CA GLY A 89 -14.64 24.67 31.00
C GLY A 89 -14.92 23.46 30.14
N ILE A 90 -14.32 22.32 30.50
CA ILE A 90 -14.58 21.08 29.78
C ILE A 90 -15.37 20.02 30.53
N PRO A 91 -16.27 19.36 29.86
CA PRO A 91 -17.07 18.33 30.47
C PRO A 91 -16.27 17.07 30.87
N MET A 92 -16.71 16.42 31.95
CA MET A 92 -16.03 15.26 32.47
C MET A 92 -17.04 14.14 32.77
N GLY A 93 -16.82 12.97 32.17
CA GLY A 93 -17.49 11.75 32.58
C GLY A 93 -16.73 11.04 33.72
N VAL A 94 -17.45 10.33 34.62
CA VAL A 94 -16.79 9.59 35.66
C VAL A 94 -16.80 8.15 35.18
N GLY A 95 -16.03 7.30 35.82
CA GLY A 95 -15.99 5.89 35.55
C GLY A 95 -17.22 5.19 36.05
N SER A 96 -17.35 3.94 35.64
CA SER A 96 -18.48 3.15 36.10
C SER A 96 -18.86 3.32 37.60
N GLN A 97 -20.14 3.59 37.83
CA GLN A 97 -20.60 3.86 39.18
C GLN A 97 -21.17 2.60 39.86
N ARG A 98 -21.15 1.47 39.15
CA ARG A 98 -21.59 0.21 39.70
C ARG A 98 -20.97 0.02 41.12
N VAL A 99 -19.64 0.14 41.17
CA VAL A 99 -18.88 -0.04 42.43
C VAL A 99 -19.47 0.75 43.60
N ALA A 100 -20.01 1.94 43.31
CA ALA A 100 -20.63 2.79 44.32
C ALA A 100 -22.13 2.55 44.51
N ILE A 101 -22.77 1.80 43.64
CA ILE A 101 -24.13 1.33 43.92
C ILE A 101 -24.01 0.14 44.91
N GLU A 102 -23.05 -0.75 44.65
CA GLU A 102 -22.77 -1.94 45.47
C GLU A 102 -22.15 -1.68 46.87
N LYS A 103 -21.35 -0.61 46.98
CA LYS A 103 -20.62 -0.32 48.20
C LYS A 103 -20.70 1.17 48.51
N ALA A 104 -21.40 1.54 49.57
CA ALA A 104 -21.54 2.95 49.96
C ALA A 104 -20.23 3.73 50.22
N GLU A 105 -19.14 3.03 50.56
CA GLU A 105 -17.83 3.66 50.81
C GLU A 105 -17.14 4.13 49.52
N ALA A 106 -17.63 3.67 48.37
CA ALA A 106 -17.09 4.08 47.07
C ALA A 106 -17.69 5.39 46.61
N ARG A 107 -18.79 5.81 47.24
CA ARG A 107 -19.56 6.97 46.75
C ARG A 107 -18.79 8.28 46.72
N GLU A 108 -18.04 8.56 47.78
CA GLU A 108 -17.34 9.83 47.89
C GLU A 108 -16.27 10.00 46.75
N SER A 109 -15.74 8.88 46.27
CA SER A 109 -14.77 8.94 45.20
C SER A 109 -15.41 9.42 43.84
N PHE A 110 -16.74 9.45 43.78
CA PHE A 110 -17.47 10.06 42.67
C PHE A 110 -18.01 11.44 43.00
N ALA A 111 -18.61 11.59 44.19
CA ALA A 111 -19.20 12.87 44.60
C ALA A 111 -18.20 14.01 44.59
N ILE A 112 -16.95 13.72 44.95
CA ILE A 112 -15.86 14.72 44.97
C ILE A 112 -15.81 15.54 43.67
N VAL A 113 -16.19 14.92 42.54
CA VAL A 113 -16.12 15.53 41.22
C VAL A 113 -17.04 16.75 41.17
N ARG A 114 -18.24 16.63 41.74
CA ARG A 114 -19.15 17.74 41.70
C ARG A 114 -18.78 18.80 42.75
N LYS A 115 -18.08 18.42 43.82
CA LYS A 115 -17.77 19.40 44.86
C LYS A 115 -16.81 20.44 44.27
N VAL A 116 -15.93 19.93 43.42
CA VAL A 116 -14.75 20.61 42.92
C VAL A 116 -15.04 21.16 41.52
N ALA A 117 -16.06 20.63 40.87
CA ALA A 117 -16.45 21.13 39.58
C ALA A 117 -17.93 21.44 39.54
N PRO A 118 -18.34 22.58 40.15
CA PRO A 118 -19.77 22.91 40.22
C PRO A 118 -20.45 23.34 38.91
N THR A 119 -19.71 23.84 37.92
CA THR A 119 -20.38 24.41 36.74
C THR A 119 -20.36 23.55 35.47
N ILE A 120 -19.27 22.81 35.20
CA ILE A 120 -19.13 21.97 33.97
C ILE A 120 -20.14 20.84 33.91
N PRO A 121 -20.48 20.39 32.68
CA PRO A 121 -21.26 19.16 32.57
C PRO A 121 -20.48 17.96 33.19
N ILE A 122 -21.15 17.19 34.05
CA ILE A 122 -20.59 15.98 34.61
C ILE A 122 -21.44 14.86 34.09
N ILE A 123 -20.81 13.75 33.66
CA ILE A 123 -21.59 12.66 33.02
C ILE A 123 -21.44 11.36 33.84
N ALA A 124 -22.57 10.83 34.30
CA ALA A 124 -22.59 9.59 35.09
C ALA A 124 -22.24 8.42 34.17
N ASN A 125 -22.15 7.22 34.73
CA ASN A 125 -21.71 6.04 33.99
C ASN A 125 -22.20 4.75 34.61
N LEU A 126 -22.87 3.89 33.83
CA LEU A 126 -23.17 2.53 34.23
C LEU A 126 -22.99 1.65 33.04
N GLY A 127 -22.75 0.35 33.25
CA GLY A 127 -22.51 -0.58 32.17
C GLY A 127 -23.79 -1.22 31.69
N MET A 128 -23.91 -1.39 30.37
CA MET A 128 -25.09 -2.02 29.78
C MET A 128 -25.43 -3.40 30.39
N PRO A 129 -24.43 -4.28 30.70
CA PRO A 129 -24.76 -5.59 31.35
C PRO A 129 -25.58 -5.48 32.64
N GLN A 130 -25.44 -4.38 33.36
CA GLN A 130 -26.12 -4.24 34.63
C GLN A 130 -27.63 -4.08 34.40
N LEU A 131 -27.99 -3.55 33.23
CA LEU A 131 -29.39 -3.42 32.85
C LEU A 131 -30.06 -4.78 32.70
N VAL A 132 -29.31 -5.82 32.33
CA VAL A 132 -29.96 -7.09 32.21
C VAL A 132 -29.95 -7.83 33.57
N LYS A 133 -29.25 -7.24 34.55
CA LYS A 133 -28.98 -7.90 35.82
C LYS A 133 -29.62 -7.13 36.97
N GLY A 134 -30.71 -6.44 36.71
CA GLY A 134 -31.47 -5.89 37.81
C GLY A 134 -31.49 -4.39 37.94
N TYR A 135 -30.46 -3.71 37.45
CA TYR A 135 -30.46 -2.24 37.48
C TYR A 135 -31.58 -1.69 36.62
N GLY A 136 -32.08 -0.52 37.01
CA GLY A 136 -33.17 0.12 36.32
C GLY A 136 -33.25 1.56 36.74
N LEU A 137 -34.43 2.12 36.65
CA LEU A 137 -34.58 3.54 36.90
C LEU A 137 -33.89 4.05 38.16
N LYS A 138 -34.11 3.35 39.27
CA LYS A 138 -33.61 3.85 40.56
C LYS A 138 -32.09 3.92 40.58
N GLU A 139 -31.45 2.88 40.07
CA GLU A 139 -30.01 2.90 40.00
C GLU A 139 -29.53 4.05 39.08
N PHE A 140 -30.21 4.28 37.96
CA PHE A 140 -29.77 5.35 37.09
C PHE A 140 -29.86 6.66 37.88
N GLN A 141 -30.97 6.82 38.64
CA GLN A 141 -31.24 8.07 39.36
C GLN A 141 -30.24 8.27 40.46
N ASP A 142 -29.82 7.18 41.10
CA ASP A 142 -28.78 7.24 42.14
C ASP A 142 -27.43 7.69 41.56
N ALA A 143 -27.04 7.04 40.45
CA ALA A 143 -25.79 7.40 39.73
C ALA A 143 -25.81 8.88 39.36
N ILE A 144 -26.95 9.34 38.88
CA ILE A 144 -27.09 10.74 38.49
C ILE A 144 -27.01 11.72 39.69
N GLN A 145 -27.76 11.44 40.76
CA GLN A 145 -27.85 12.42 41.89
C GLN A 145 -26.54 12.41 42.68
N MET A 146 -25.88 11.26 42.67
CA MET A 146 -24.60 11.12 43.38
C MET A 146 -23.56 12.20 43.02
N ILE A 147 -23.64 12.68 41.78
CA ILE A 147 -22.71 13.73 41.26
C ILE A 147 -23.46 14.91 40.59
N GLU A 148 -24.78 15.00 40.80
CA GLU A 148 -25.65 15.99 40.11
C GLU A 148 -25.27 16.08 38.64
N ALA A 149 -25.35 14.95 37.98
CA ALA A 149 -24.93 14.77 36.62
C ALA A 149 -25.81 15.53 35.62
N ASP A 150 -25.22 15.99 34.52
CA ASP A 150 -26.05 16.52 33.43
C ASP A 150 -26.44 15.50 32.38
N ALA A 151 -25.98 14.27 32.51
CA ALA A 151 -26.25 13.23 31.55
C ALA A 151 -25.70 11.96 32.15
N ILE A 152 -26.11 10.81 31.64
CA ILE A 152 -25.55 9.55 32.05
C ILE A 152 -25.12 8.76 30.79
N ALA A 153 -23.87 8.29 30.84
CA ALA A 153 -23.37 7.41 29.77
C ALA A 153 -23.63 5.97 30.17
N VAL A 154 -24.12 5.17 29.24
CA VAL A 154 -24.21 3.76 29.37
C VAL A 154 -23.18 3.11 28.45
N HIS A 155 -22.27 2.32 29.02
CA HIS A 155 -21.18 1.80 28.23
C HIS A 155 -21.44 0.44 27.65
N LEU A 156 -20.94 0.27 26.42
CA LEU A 156 -20.89 -1.03 25.80
C LEU A 156 -19.45 -1.54 25.95
N ASN A 157 -19.27 -2.74 26.51
CA ASN A 157 -17.93 -3.33 26.52
C ASN A 157 -17.95 -4.84 26.37
N PRO A 158 -18.75 -5.36 25.42
CA PRO A 158 -18.84 -6.81 25.32
C PRO A 158 -17.48 -7.49 25.02
N ALA A 159 -16.61 -6.85 24.24
CA ALA A 159 -15.29 -7.41 23.97
C ALA A 159 -14.44 -7.54 25.26
N GLN A 160 -14.48 -6.48 26.06
CA GLN A 160 -13.82 -6.50 27.34
C GLN A 160 -14.41 -7.63 28.25
N GLU A 161 -15.72 -7.75 28.28
CA GLU A 161 -16.35 -8.75 29.11
C GLU A 161 -15.96 -10.17 28.66
N VAL A 162 -15.91 -10.44 27.36
CA VAL A 162 -15.55 -11.74 26.85
C VAL A 162 -14.16 -12.23 27.30
N PHE A 163 -13.17 -11.36 27.30
CA PHE A 163 -11.82 -11.76 27.71
C PHE A 163 -11.51 -11.49 29.20
N GLN A 164 -12.39 -10.77 29.90
CA GLN A 164 -12.22 -10.41 31.32
C GLN A 164 -12.32 -11.73 32.04
N PRO A 165 -11.36 -12.02 32.96
CA PRO A 165 -11.40 -13.32 33.67
C PRO A 165 -12.78 -13.60 34.32
N GLU A 166 -13.31 -12.59 35.03
CA GLU A 166 -14.61 -12.53 35.73
C GLU A 166 -15.70 -11.62 35.04
N GLY A 167 -15.67 -11.61 33.70
CA GLY A 167 -16.55 -10.79 32.86
C GLY A 167 -17.98 -11.32 32.70
N GLU A 168 -18.87 -10.40 32.33
CA GLU A 168 -20.29 -10.72 32.21
C GLU A 168 -20.83 -10.35 30.81
N PRO A 169 -20.64 -11.28 29.81
CA PRO A 169 -21.00 -10.92 28.40
C PRO A 169 -22.50 -11.17 28.14
N GLU A 170 -23.34 -10.25 28.63
CA GLU A 170 -24.80 -10.38 28.59
C GLU A 170 -25.38 -9.16 27.94
N TYR A 171 -25.81 -9.31 26.70
CA TYR A 171 -26.28 -8.16 25.93
C TYR A 171 -27.62 -8.43 25.25
N GLN A 172 -28.51 -9.12 25.96
CA GLN A 172 -29.88 -9.39 25.48
C GLN A 172 -30.60 -8.08 25.12
N ILE A 173 -31.44 -8.17 24.10
CA ILE A 173 -32.21 -7.02 23.58
C ILE A 173 -33.05 -6.35 24.67
N TYR A 174 -33.54 -7.16 25.62
CA TYR A 174 -34.29 -6.67 26.77
C TYR A 174 -33.61 -5.44 27.40
N ALA A 175 -32.27 -5.43 27.41
CA ALA A 175 -31.54 -4.32 27.95
C ALA A 175 -31.91 -2.95 27.33
N LEU A 176 -32.09 -2.99 25.99
CA LEU A 176 -32.52 -1.81 25.23
C LEU A 176 -33.98 -1.45 25.52
N GLU A 177 -34.84 -2.44 25.63
CA GLU A 177 -36.24 -2.18 26.06
C GLU A 177 -36.28 -1.42 27.40
N LYS A 178 -35.42 -1.84 28.32
CA LYS A 178 -35.32 -1.27 29.65
C LYS A 178 -34.75 0.12 29.60
N LEU A 179 -33.77 0.32 28.71
CA LEU A 179 -33.08 1.60 28.59
C LEU A 179 -34.05 2.64 28.08
N ARG A 180 -34.79 2.26 27.07
CA ARG A 180 -35.80 3.12 26.48
C ARG A 180 -36.83 3.52 27.53
N ASP A 181 -37.32 2.56 28.33
CA ASP A 181 -38.26 2.87 29.43
C ASP A 181 -37.66 3.84 30.44
N ILE A 182 -36.45 3.53 30.92
CA ILE A 182 -35.77 4.41 31.83
C ILE A 182 -35.71 5.85 31.28
N SER A 183 -35.50 5.99 29.97
CA SER A 183 -35.21 7.30 29.40
C SER A 183 -36.47 8.17 29.45
N LYS A 184 -37.62 7.51 29.59
CA LYS A 184 -38.90 8.23 29.68
C LYS A 184 -38.97 8.99 30.99
N GLU A 185 -38.27 8.49 31.98
CA GLU A 185 -38.45 8.88 33.35
C GLU A 185 -37.31 9.77 33.84
N LEU A 186 -36.21 9.78 33.10
CA LEU A 186 -34.96 10.36 33.56
C LEU A 186 -35.03 11.86 33.25
N SER A 187 -34.44 12.71 34.07
CA SER A 187 -34.50 14.12 33.72
C SER A 187 -33.23 14.60 32.94
N VAL A 188 -32.29 13.69 32.69
CA VAL A 188 -31.10 14.04 31.91
C VAL A 188 -30.93 13.09 30.72
N PRO A 189 -30.26 13.53 29.65
CA PRO A 189 -30.15 12.59 28.50
C PRO A 189 -29.16 11.44 28.75
N ILE A 190 -29.37 10.38 27.99
CA ILE A 190 -28.50 9.22 27.87
C ILE A 190 -27.53 9.31 26.66
N ILE A 191 -26.26 9.04 26.94
CA ILE A 191 -25.24 8.76 25.93
C ILE A 191 -24.90 7.28 25.91
N VAL A 192 -24.89 6.65 24.74
CA VAL A 192 -24.36 5.29 24.68
C VAL A 192 -22.95 5.34 24.05
N LYS A 193 -21.95 4.74 24.75
CA LYS A 193 -20.56 4.90 24.40
C LYS A 193 -20.00 3.49 24.38
N GLU A 194 -19.07 3.22 23.47
CA GLU A 194 -18.36 1.94 23.47
C GLU A 194 -17.18 2.13 24.42
N SER A 195 -16.23 1.21 24.38
CA SER A 195 -15.11 1.32 25.28
C SER A 195 -13.87 0.75 24.62
N GLY A 196 -13.45 1.31 23.48
CA GLY A 196 -12.22 0.89 22.80
C GLY A 196 -12.43 0.05 21.56
N ASN A 197 -13.63 -0.44 21.32
CA ASN A 197 -13.92 -1.28 20.12
C ASN A 197 -14.92 -0.71 19.09
N GLY A 198 -15.48 0.46 19.40
CA GLY A 198 -16.10 1.24 18.33
C GLY A 198 -17.57 0.92 18.05
N ILE A 199 -18.31 1.90 17.53
CA ILE A 199 -19.74 1.74 17.19
C ILE A 199 -19.94 1.68 15.69
N SER A 200 -20.48 0.57 15.22
CA SER A 200 -20.78 0.37 13.80
C SER A 200 -22.14 1.02 13.49
N MET A 201 -22.42 1.15 12.19
CA MET A 201 -23.75 1.54 11.77
C MET A 201 -24.89 0.62 12.18
N GLU A 202 -24.67 -0.70 12.27
CA GLU A 202 -25.79 -1.58 12.65
C GLU A 202 -26.13 -1.34 14.12
N THR A 203 -25.09 -1.20 14.96
CA THR A 203 -25.30 -0.88 16.37
C THR A 203 -25.91 0.50 16.57
N ALA A 204 -25.41 1.51 15.86
CA ALA A 204 -25.98 2.86 16.00
C ALA A 204 -27.45 2.89 15.57
N LYS A 205 -27.78 2.25 14.45
CA LYS A 205 -29.19 2.20 14.01
C LYS A 205 -30.09 1.48 15.01
N LEU A 206 -29.59 0.41 15.63
CA LEU A 206 -30.37 -0.35 16.58
C LEU A 206 -30.63 0.49 17.81
N LEU A 207 -29.59 1.10 18.36
CA LEU A 207 -29.76 2.00 19.48
C LEU A 207 -30.75 3.13 19.13
N TYR A 208 -30.58 3.68 17.95
CA TYR A 208 -31.43 4.83 17.53
C TYR A 208 -32.89 4.38 17.52
N SER A 209 -33.12 3.15 17.07
CA SER A 209 -34.45 2.58 17.02
C SER A 209 -35.14 2.50 18.43
N TYR A 210 -34.32 2.54 19.51
CA TYR A 210 -34.81 2.49 20.86
C TYR A 210 -34.72 3.82 21.49
N GLY A 211 -34.44 4.83 20.67
CA GLY A 211 -34.55 6.23 21.15
C GLY A 211 -33.24 6.91 21.50
N ILE A 212 -32.11 6.20 21.38
CA ILE A 212 -30.81 6.78 21.75
C ILE A 212 -30.34 7.70 20.61
N LYS A 213 -30.01 8.94 20.92
CA LYS A 213 -29.61 9.93 19.90
C LYS A 213 -28.18 10.45 20.15
N ASN A 214 -27.58 10.03 21.26
CA ASN A 214 -26.27 10.55 21.72
C ASN A 214 -25.29 9.35 21.82
N PHE A 215 -24.18 9.46 21.07
CA PHE A 215 -23.24 8.36 20.87
C PHE A 215 -21.82 8.82 21.19
N ASP A 216 -21.01 7.91 21.70
CA ASP A 216 -19.56 8.17 21.85
C ASP A 216 -18.78 6.99 21.23
N THR A 217 -18.09 7.25 20.13
CA THR A 217 -17.58 6.16 19.29
C THR A 217 -16.66 5.16 20.02
N SER A 218 -15.81 5.71 20.89
CA SER A 218 -14.78 4.95 21.54
C SER A 218 -14.25 3.84 20.64
N GLY A 219 -13.61 4.23 19.53
CA GLY A 219 -13.17 3.23 18.57
C GLY A 219 -11.84 2.58 18.96
N GLN A 220 -11.44 1.55 18.23
CA GLN A 220 -10.11 0.99 18.45
C GLN A 220 -9.05 1.96 17.99
N GLY A 221 -7.84 1.79 18.55
CA GLY A 221 -6.69 2.61 18.20
C GLY A 221 -6.14 3.40 19.36
N GLY A 222 -6.93 3.44 20.45
CA GLY A 222 -6.50 4.10 21.68
C GLY A 222 -6.42 3.00 22.71
N THR A 223 -6.94 3.23 23.89
CA THR A 223 -6.84 2.27 24.92
C THR A 223 -7.41 0.94 24.43
N ASN A 224 -6.67 -0.12 24.63
CA ASN A 224 -7.05 -1.43 24.14
C ASN A 224 -7.40 -2.25 25.37
N TRP A 225 -8.71 -2.37 25.63
CA TRP A 225 -9.26 -3.02 26.74
C TRP A 225 -9.17 -4.54 26.61
N ILE A 226 -9.17 -5.03 25.36
CA ILE A 226 -8.86 -6.42 25.13
C ILE A 226 -7.39 -6.69 25.59
N ALA A 227 -6.48 -5.75 25.30
CA ALA A 227 -5.10 -5.90 25.77
C ALA A 227 -5.03 -5.88 27.31
N ILE A 228 -5.82 -4.99 27.92
CA ILE A 228 -5.77 -4.82 29.35
C ILE A 228 -6.20 -6.14 29.99
N GLU A 229 -7.28 -6.74 29.47
CA GLU A 229 -7.78 -7.99 30.02
C GLU A 229 -6.84 -9.13 29.67
N MET A 230 -6.27 -9.14 28.48
CA MET A 230 -5.22 -10.09 28.19
C MET A 230 -4.16 -10.07 29.31
N ILE A 231 -3.81 -8.86 29.78
CA ILE A 231 -2.69 -8.69 30.72
C ILE A 231 -3.16 -9.24 32.03
N ARG A 232 -4.43 -8.99 32.37
CA ARG A 232 -4.94 -9.51 33.61
C ARG A 232 -5.00 -11.07 33.52
N ASP A 233 -5.29 -11.62 32.33
CA ASP A 233 -5.35 -13.06 32.18
C ASP A 233 -3.93 -13.65 32.28
N ILE A 234 -2.95 -13.00 31.66
CA ILE A 234 -1.55 -13.45 31.81
C ILE A 234 -1.18 -13.52 33.29
N ARG A 235 -1.29 -12.38 33.97
CA ARG A 235 -1.11 -12.31 35.41
C ARG A 235 -1.76 -13.47 36.17
N ARG A 236 -2.96 -13.90 35.78
CA ARG A 236 -3.52 -15.01 36.55
C ARG A 236 -3.37 -16.41 35.96
N GLY A 237 -2.48 -16.53 34.99
CA GLY A 237 -2.31 -17.77 34.23
C GLY A 237 -3.61 -18.32 33.66
N ASN A 238 -4.60 -17.44 33.44
CA ASN A 238 -5.87 -17.81 32.80
C ASN A 238 -5.67 -18.04 31.28
N TRP A 239 -6.11 -19.21 30.82
CA TRP A 239 -5.92 -19.65 29.41
C TRP A 239 -6.38 -18.59 28.32
N LYS A 240 -7.44 -17.84 28.61
CA LYS A 240 -7.98 -16.80 27.70
C LYS A 240 -6.95 -15.82 27.12
N ALA A 241 -5.81 -15.62 27.80
CA ALA A 241 -4.85 -14.61 27.37
C ALA A 241 -4.42 -14.80 25.92
N GLU A 242 -4.17 -16.07 25.56
CA GLU A 242 -3.67 -16.36 24.22
C GLU A 242 -4.76 -16.03 23.22
N SER A 243 -6.01 -16.26 23.62
CA SER A 243 -7.16 -15.93 22.75
C SER A 243 -7.35 -14.42 22.58
N ALA A 244 -7.14 -13.65 23.68
CA ALA A 244 -7.27 -12.20 23.65
C ALA A 244 -6.26 -11.65 22.66
N LYS A 245 -5.07 -12.22 22.69
CA LYS A 245 -4.03 -11.80 21.78
C LYS A 245 -4.45 -11.85 20.32
N ASN A 246 -5.21 -12.88 19.92
CA ASN A 246 -5.71 -13.01 18.53
C ASN A 246 -6.73 -11.94 18.20
N PHE A 247 -7.34 -11.33 19.24
CA PHE A 247 -8.39 -10.28 19.10
C PHE A 247 -7.89 -8.85 19.31
N LEU A 248 -6.57 -8.66 19.43
CA LEU A 248 -6.00 -7.33 19.70
C LEU A 248 -6.39 -6.23 18.70
N ASP A 249 -6.67 -6.66 17.48
CA ASP A 249 -6.99 -5.68 16.46
C ASP A 249 -8.49 -5.71 16.09
N TRP A 250 -9.27 -6.27 17.01
CA TRP A 250 -10.72 -6.37 16.84
C TRP A 250 -11.34 -5.00 17.04
N GLY A 251 -12.31 -4.64 16.20
CA GLY A 251 -13.18 -3.49 16.51
C GLY A 251 -13.30 -2.53 15.34
N VAL A 252 -14.07 -1.43 15.49
CA VAL A 252 -14.18 -0.45 14.44
C VAL A 252 -13.16 0.66 14.77
N PRO A 253 -12.21 0.98 13.86
CA PRO A 253 -11.32 2.09 14.12
C PRO A 253 -12.13 3.39 14.37
N THR A 254 -11.63 4.24 15.25
CA THR A 254 -12.30 5.48 15.57
C THR A 254 -12.77 6.27 14.38
N ALA A 255 -11.87 6.50 13.41
CA ALA A 255 -12.25 7.35 12.26
C ALA A 255 -13.40 6.69 11.50
N ALA A 256 -13.37 5.38 11.35
CA ALA A 256 -14.41 4.67 10.62
C ALA A 256 -15.73 4.72 11.39
N SER A 257 -15.63 4.67 12.72
CA SER A 257 -16.82 4.70 13.58
C SER A 257 -17.47 6.08 13.53
N ILE A 258 -16.67 7.13 13.56
CA ILE A 258 -17.20 8.46 13.41
C ILE A 258 -18.04 8.57 12.08
N MET A 259 -17.44 8.12 10.98
CA MET A 259 -18.14 8.10 9.71
C MET A 259 -19.35 7.25 9.79
N GLU A 260 -19.23 6.04 10.35
CA GLU A 260 -20.43 5.17 10.34
C GLU A 260 -21.62 5.75 11.12
N VAL A 261 -21.33 6.38 12.24
CA VAL A 261 -22.40 6.86 13.08
C VAL A 261 -22.98 8.12 12.43
N ARG A 262 -22.14 9.09 12.04
CA ARG A 262 -22.64 10.32 11.46
C ARG A 262 -23.48 10.02 10.21
N TYR A 263 -23.05 8.99 9.46
CA TYR A 263 -23.73 8.57 8.25
C TYR A 263 -25.09 7.93 8.51
N SER A 264 -25.14 7.05 9.49
CA SER A 264 -26.33 6.20 9.59
C SER A 264 -27.27 6.90 10.54
N VAL A 265 -26.74 7.82 11.34
CA VAL A 265 -27.60 8.69 12.11
C VAL A 265 -27.23 10.17 12.05
N PRO A 266 -27.61 10.82 10.96
CA PRO A 266 -27.16 12.16 10.64
C PRO A 266 -27.48 13.22 11.72
N ASP A 267 -28.55 13.08 12.46
CA ASP A 267 -28.86 14.09 13.49
C ASP A 267 -28.32 13.73 14.91
N SER A 268 -27.49 12.69 15.00
CA SER A 268 -26.94 12.29 16.28
C SER A 268 -26.08 13.35 16.89
N PHE A 269 -26.02 13.40 18.21
CA PHE A 269 -25.02 14.16 18.86
C PHE A 269 -23.87 13.15 19.12
N LEU A 270 -22.64 13.48 18.68
CA LEU A 270 -21.59 12.49 18.45
C LEU A 270 -20.27 12.92 19.06
N VAL A 271 -19.82 12.12 20.02
CA VAL A 271 -18.46 12.24 20.62
C VAL A 271 -17.58 11.31 19.83
N GLY A 272 -16.51 11.87 19.25
CA GLY A 272 -15.51 11.04 18.54
C GLY A 272 -14.36 10.75 19.51
N SER A 273 -14.15 9.49 19.88
CA SER A 273 -13.07 9.16 20.86
C SER A 273 -12.51 7.77 20.61
N GLY A 274 -11.40 7.50 21.29
CA GLY A 274 -10.70 6.21 21.16
C GLY A 274 -9.43 6.60 20.44
N GLY A 275 -8.38 6.92 21.20
CA GLY A 275 -7.07 7.22 20.66
C GLY A 275 -6.92 8.66 20.19
N ILE A 276 -7.78 9.59 20.66
CA ILE A 276 -7.49 11.01 20.47
C ILE A 276 -6.31 11.43 21.43
N ARG A 277 -5.17 11.83 20.86
CA ARG A 277 -3.95 12.06 21.65
C ARG A 277 -3.38 13.47 21.49
N SER A 278 -3.97 14.24 20.59
CA SER A 278 -3.50 15.59 20.33
C SER A 278 -4.72 16.42 19.89
N GLY A 279 -4.57 17.75 19.86
CA GLY A 279 -5.64 18.63 19.39
C GLY A 279 -5.85 18.46 17.90
N LEU A 280 -4.80 18.06 17.21
CA LEU A 280 -4.89 17.62 15.81
C LEU A 280 -5.82 16.43 15.63
N ASP A 281 -5.66 15.37 16.43
CA ASP A 281 -6.58 14.23 16.37
C ASP A 281 -8.00 14.71 16.64
N ALA A 282 -8.12 15.57 17.66
CA ALA A 282 -9.42 16.13 18.04
C ALA A 282 -10.09 16.90 16.86
N ALA A 283 -9.32 17.67 16.14
CA ALA A 283 -9.77 18.47 15.02
C ALA A 283 -10.20 17.53 13.90
N LYS A 284 -9.44 16.47 13.67
CA LYS A 284 -9.81 15.48 12.62
C LYS A 284 -11.13 14.78 12.91
N ALA A 285 -11.28 14.39 14.17
CA ALA A 285 -12.50 13.72 14.64
C ALA A 285 -13.73 14.63 14.41
N ILE A 286 -13.63 15.89 14.82
CA ILE A 286 -14.70 16.87 14.58
C ILE A 286 -14.94 17.13 13.06
N ALA A 287 -13.86 17.38 12.32
CA ALA A 287 -14.01 17.56 10.87
C ALA A 287 -14.67 16.37 10.17
N LEU A 288 -14.41 15.17 10.68
CA LEU A 288 -14.97 13.95 10.08
C LEU A 288 -16.44 13.77 10.42
N GLY A 289 -16.89 14.31 11.54
CA GLY A 289 -18.31 14.21 11.75
C GLY A 289 -18.75 14.27 13.19
N ALA A 290 -17.81 14.26 14.11
CA ALA A 290 -18.13 14.33 15.54
C ALA A 290 -18.46 15.78 15.94
N ASP A 291 -19.21 15.92 17.03
CA ASP A 291 -19.52 17.21 17.60
C ASP A 291 -18.45 17.56 18.60
N ILE A 292 -17.96 16.52 19.24
CA ILE A 292 -16.90 16.74 20.15
C ILE A 292 -15.88 15.58 20.16
N ALA A 293 -14.68 15.89 20.58
CA ALA A 293 -13.64 14.91 20.66
C ALA A 293 -13.55 14.41 22.09
N GLY A 294 -13.52 13.11 22.31
CA GLY A 294 -13.33 12.66 23.69
C GLY A 294 -11.93 12.09 23.98
N MET A 295 -11.48 12.19 25.23
CA MET A 295 -10.15 11.60 25.64
C MET A 295 -10.29 10.97 27.05
N ALA A 296 -9.62 9.84 27.28
CA ALA A 296 -9.56 9.22 28.62
C ALA A 296 -8.08 8.95 28.99
N LEU A 297 -7.44 7.95 28.39
CA LEU A 297 -6.09 7.53 28.85
C LEU A 297 -5.06 8.67 29.05
N PRO A 298 -4.87 9.58 28.06
CA PRO A 298 -3.81 10.59 28.32
C PRO A 298 -4.17 11.54 29.45
N VAL A 299 -5.45 11.72 29.74
CA VAL A 299 -5.85 12.56 30.86
C VAL A 299 -5.48 11.82 32.17
N LEU A 300 -5.73 10.53 32.25
CA LEU A 300 -5.33 9.72 33.40
C LEU A 300 -3.81 9.83 33.68
N LYS A 301 -2.99 9.64 32.64
CA LYS A 301 -1.55 9.62 32.84
C LYS A 301 -1.08 11.00 33.31
N SER A 302 -1.63 12.08 32.76
CA SER A 302 -1.32 13.41 33.32
C SER A 302 -1.82 13.61 34.72
N ALA A 303 -3.05 13.26 34.99
CA ALA A 303 -3.57 13.46 36.31
C ALA A 303 -2.69 12.74 37.34
N ILE A 304 -2.20 11.54 37.01
CA ILE A 304 -1.40 10.78 37.92
C ILE A 304 -0.10 11.55 38.23
N GLU A 305 0.47 12.26 37.24
CA GLU A 305 1.61 13.12 37.47
C GLU A 305 1.27 14.40 38.26
N GLY A 306 0.00 14.82 38.23
CA GLY A 306 -0.45 15.91 39.05
C GLY A 306 -1.24 17.00 38.36
N LYS A 307 -1.75 17.88 39.19
CA LYS A 307 -2.61 18.96 38.73
C LYS A 307 -1.87 19.78 37.65
N GLU A 308 -0.60 20.12 37.91
CA GLU A 308 0.06 21.03 36.98
C GLU A 308 0.39 20.36 35.62
N SER A 309 0.75 19.08 35.70
CA SER A 309 0.91 18.30 34.52
C SER A 309 -0.37 18.23 33.64
N LEU A 310 -1.51 18.01 34.28
CA LEU A 310 -2.77 17.95 33.59
C LEU A 310 -3.18 19.31 33.00
N GLU A 311 -2.84 20.41 33.71
CA GLU A 311 -3.10 21.76 33.18
C GLU A 311 -2.29 22.03 31.91
N GLN A 312 -1.01 21.67 31.99
CA GLN A 312 -0.14 21.72 30.82
C GLN A 312 -0.72 20.85 29.65
N PHE A 313 -1.23 19.65 29.97
CA PHE A 313 -1.76 18.78 28.94
C PHE A 313 -2.93 19.48 28.18
N PHE A 314 -3.88 20.02 28.93
CA PHE A 314 -5.03 20.72 28.32
C PHE A 314 -4.66 21.93 27.52
N ARG A 315 -3.71 22.66 28.04
CA ARG A 315 -3.19 23.82 27.36
C ARG A 315 -2.65 23.40 25.97
N LYS A 316 -1.89 22.32 25.93
CA LYS A 316 -1.36 21.78 24.69
C LYS A 316 -2.46 21.30 23.71
N ILE A 317 -3.45 20.57 24.21
CA ILE A 317 -4.54 20.01 23.38
C ILE A 317 -5.30 21.18 22.71
N ILE A 318 -5.48 22.25 23.47
CA ILE A 318 -6.33 23.34 23.05
C ILE A 318 -5.52 24.15 22.08
N PHE A 319 -4.25 24.39 22.37
CA PHE A 319 -3.40 25.04 21.36
C PHE A 319 -3.35 24.30 20.00
N GLU A 320 -3.13 23.01 20.06
CA GLU A 320 -3.16 22.14 18.89
C GLU A 320 -4.46 22.20 18.13
N LEU A 321 -5.56 22.16 18.87
CA LEU A 321 -6.89 22.29 18.25
C LEU A 321 -7.03 23.61 17.51
N LYS A 322 -6.59 24.68 18.15
CA LYS A 322 -6.72 26.00 17.55
C LYS A 322 -5.76 26.19 16.36
N ALA A 323 -4.62 25.50 16.40
CA ALA A 323 -3.68 25.56 15.31
C ALA A 323 -4.36 24.93 14.10
N ALA A 324 -5.07 23.82 14.31
CA ALA A 324 -5.70 23.10 13.21
C ALA A 324 -6.92 23.92 12.66
N MET A 325 -7.68 24.56 13.54
CA MET A 325 -8.68 25.54 13.07
C MET A 325 -8.04 26.70 12.27
N MET A 326 -6.94 27.24 12.80
CA MET A 326 -6.28 28.37 12.17
C MET A 326 -5.89 27.96 10.75
N LEU A 327 -5.32 26.78 10.62
CA LEU A 327 -4.64 26.36 9.41
C LEU A 327 -5.63 25.78 8.44
N THR A 328 -6.88 25.65 8.85
CA THR A 328 -7.96 25.25 7.92
C THR A 328 -8.91 26.44 7.65
N GLY A 329 -8.61 27.59 8.24
CA GLY A 329 -9.47 28.77 8.06
C GLY A 329 -10.80 28.65 8.82
N SER A 330 -10.79 28.00 9.98
CA SER A 330 -12.03 27.69 10.69
C SER A 330 -12.10 28.63 11.89
N LYS A 331 -12.97 29.64 11.79
CA LYS A 331 -13.08 30.62 12.85
C LYS A 331 -13.74 30.05 14.11
N ASP A 332 -14.48 28.96 13.93
CA ASP A 332 -15.26 28.40 15.01
C ASP A 332 -15.55 26.95 14.72
N VAL A 333 -16.18 26.30 15.69
CA VAL A 333 -16.30 24.85 15.71
C VAL A 333 -17.17 24.39 14.52
N ASP A 334 -18.23 25.15 14.25
CA ASP A 334 -19.05 24.93 13.06
C ASP A 334 -18.31 24.98 11.75
N ALA A 335 -17.45 25.97 11.59
CA ALA A 335 -16.65 26.04 10.40
C ALA A 335 -15.69 24.83 10.35
N LEU A 336 -15.20 24.31 11.50
CA LEU A 336 -14.31 23.10 11.52
C LEU A 336 -15.03 21.86 11.00
N LYS A 337 -16.28 21.69 11.43
CA LYS A 337 -17.12 20.59 11.00
C LYS A 337 -17.37 20.58 9.48
N LYS A 338 -17.18 21.72 8.84
CA LYS A 338 -17.41 21.80 7.40
C LYS A 338 -16.12 21.92 6.62
N THR A 339 -14.97 21.98 7.29
CA THR A 339 -13.74 22.27 6.55
C THR A 339 -13.36 21.12 5.59
N SER A 340 -12.53 21.42 4.60
CA SER A 340 -12.15 20.45 3.59
C SER A 340 -11.21 19.40 4.16
N ILE A 341 -11.46 18.18 3.80
CA ILE A 341 -10.60 17.05 4.17
C ILE A 341 -10.21 16.17 2.97
N VAL A 342 -9.26 15.27 3.18
CA VAL A 342 -9.03 14.19 2.19
C VAL A 342 -9.09 12.91 2.97
N ILE A 343 -9.75 11.91 2.39
CA ILE A 343 -9.75 10.59 2.98
C ILE A 343 -9.11 9.58 1.99
N LEU A 344 -8.16 8.79 2.51
CA LEU A 344 -7.26 7.96 1.72
C LEU A 344 -7.24 6.53 2.28
N GLY A 345 -6.54 5.62 1.58
CA GLY A 345 -6.05 4.34 2.12
C GLY A 345 -7.16 3.44 2.70
N LYS A 346 -6.89 2.81 3.84
CA LYS A 346 -7.85 1.82 4.38
C LYS A 346 -9.18 2.43 4.81
N LEU A 347 -9.17 3.63 5.34
CA LEU A 347 -10.42 4.30 5.68
C LEU A 347 -11.30 4.50 4.44
N LYS A 348 -10.67 4.88 3.34
CA LYS A 348 -11.38 5.00 2.06
C LYS A 348 -11.97 3.63 1.68
N GLU A 349 -11.15 2.57 1.70
CA GLU A 349 -11.70 1.24 1.39
C GLU A 349 -12.76 0.76 2.35
N TRP A 350 -12.60 1.14 3.62
CA TRP A 350 -13.61 0.72 4.59
C TRP A 350 -14.98 1.34 4.20
N ALA A 351 -15.05 2.67 4.04
CA ALA A 351 -16.26 3.41 3.67
C ALA A 351 -16.84 2.90 2.36
N GLU A 352 -16.01 2.60 1.37
CA GLU A 352 -16.57 2.10 0.10
C GLU A 352 -17.26 0.74 0.27
N TYR A 353 -16.57 -0.19 0.93
CA TYR A 353 -17.14 -1.47 1.15
C TYR A 353 -18.47 -1.41 1.96
N ARG A 354 -18.53 -0.49 2.91
CA ARG A 354 -19.67 -0.35 3.81
C ARG A 354 -20.79 0.53 3.20
N GLY A 355 -20.61 0.98 1.97
CA GLY A 355 -21.72 1.58 1.24
C GLY A 355 -21.84 3.03 1.61
N ILE A 356 -20.78 3.62 2.17
CA ILE A 356 -20.78 5.03 2.47
C ILE A 356 -20.42 5.79 1.21
N ASN A 357 -21.49 6.32 0.61
CA ASN A 357 -21.39 7.18 -0.54
C ASN A 357 -20.73 8.47 -0.05
N LEU A 358 -19.56 8.78 -0.60
CA LEU A 358 -18.80 9.95 -0.22
C LEU A 358 -19.51 11.29 -0.45
N SER A 359 -20.21 11.42 -1.58
CA SER A 359 -21.00 12.61 -1.84
C SER A 359 -22.00 12.81 -0.76
N ILE A 360 -22.77 11.78 -0.48
CA ILE A 360 -23.75 12.01 0.57
C ILE A 360 -23.07 12.17 1.96
N TYR A 361 -21.94 11.46 2.19
CA TYR A 361 -21.15 11.65 3.41
C TYR A 361 -20.83 13.12 3.68
N GLU A 362 -20.19 13.72 2.68
CA GLU A 362 -19.78 15.12 2.69
C GLU A 362 -20.92 16.06 3.12
N LYS A 363 -22.05 15.97 2.41
CA LYS A 363 -23.22 16.77 2.73
C LYS A 363 -23.65 16.56 4.17
N VAL A 364 -23.80 15.31 4.61
CA VAL A 364 -24.22 15.05 6.00
C VAL A 364 -23.19 15.55 7.09
N ARG A 365 -21.87 15.33 6.88
CA ARG A 365 -20.92 15.73 7.94
C ARG A 365 -20.91 17.26 7.93
N LYS A 366 -21.30 17.76 6.75
CA LYS A 366 -21.60 19.15 6.49
C LYS A 366 -20.37 19.87 5.97
N ASP B 3 8.42 -47.50 1.62
CA ASP B 3 9.19 -46.32 1.07
C ASP B 3 8.31 -45.06 0.78
N ILE B 4 7.10 -45.30 0.28
CA ILE B 4 6.03 -44.32 0.39
C ILE B 4 5.79 -44.09 1.89
N VAL B 5 5.97 -45.15 2.66
CA VAL B 5 5.90 -45.02 4.10
C VAL B 5 6.95 -44.06 4.72
N ASN B 6 8.17 -43.97 4.17
CA ASN B 6 9.15 -42.94 4.65
C ASN B 6 8.87 -41.47 4.20
N ARG B 7 8.24 -41.31 3.03
CA ARG B 7 7.70 -40.03 2.65
C ARG B 7 6.68 -39.56 3.69
N LYS B 8 5.70 -40.41 3.94
CA LYS B 8 4.73 -40.22 5.01
C LYS B 8 5.36 -39.70 6.31
N VAL B 9 6.39 -40.39 6.83
CA VAL B 9 6.99 -39.84 8.09
C VAL B 9 7.79 -38.56 7.84
N GLU B 10 8.52 -38.50 6.71
CA GLU B 10 9.24 -37.27 6.34
C GLU B 10 8.30 -36.05 6.18
N HIS B 11 7.14 -36.25 5.56
CA HIS B 11 6.08 -35.24 5.45
C HIS B 11 5.70 -34.76 6.80
N VAL B 12 5.38 -35.68 7.70
CA VAL B 12 4.94 -35.25 9.03
C VAL B 12 6.10 -34.51 9.75
N GLU B 13 7.29 -35.04 9.58
CA GLU B 13 8.43 -34.48 10.31
C GLU B 13 8.76 -33.05 9.83
N ILE B 14 8.77 -32.84 8.52
CA ILE B 14 8.99 -31.52 7.99
C ILE B 14 7.85 -30.56 8.35
N ALA B 15 6.60 -30.99 8.13
CA ALA B 15 5.48 -30.18 8.53
C ALA B 15 5.55 -29.83 10.00
N ALA B 16 5.75 -30.83 10.85
CA ALA B 16 5.75 -30.56 12.31
C ALA B 16 6.90 -29.70 12.73
N PHE B 17 8.10 -29.93 12.18
CA PHE B 17 9.30 -29.35 12.80
C PHE B 17 10.11 -28.36 12.00
N GLU B 18 9.91 -28.29 10.68
CA GLU B 18 10.50 -27.24 9.85
C GLU B 18 9.64 -25.95 9.66
N ASN B 19 10.21 -24.93 9.04
CA ASN B 19 9.53 -23.68 8.92
C ASN B 19 8.73 -23.67 7.61
N VAL B 20 7.52 -24.24 7.59
CA VAL B 20 6.76 -24.28 6.35
C VAL B 20 5.34 -23.74 6.46
N ASP B 21 5.00 -23.24 7.62
CA ASP B 21 3.66 -22.74 7.86
C ASP B 21 3.55 -21.30 7.38
N GLY B 22 2.82 -21.06 6.28
CA GLY B 22 2.77 -19.67 5.74
C GLY B 22 4.13 -19.15 5.13
N LEU B 23 5.02 -20.04 4.68
CA LEU B 23 6.31 -19.59 4.20
C LEU B 23 6.14 -18.88 2.91
N SER B 24 6.50 -17.60 2.90
CA SER B 24 6.38 -16.71 1.72
C SER B 24 4.97 -16.71 1.09
N SER B 25 3.95 -16.95 1.89
CA SER B 25 2.62 -17.12 1.32
C SER B 25 1.63 -16.36 2.16
N SER B 26 0.39 -16.25 1.69
CA SER B 26 -0.61 -15.49 2.43
C SER B 26 -2.01 -15.99 2.23
N THR B 27 -2.81 -16.01 3.33
CA THR B 27 -4.19 -16.39 3.23
C THR B 27 -5.10 -15.27 2.64
N PHE B 28 -4.59 -14.03 2.65
CA PHE B 28 -5.39 -12.82 2.45
C PHE B 28 -6.45 -12.60 3.55
N LEU B 29 -6.45 -13.41 4.63
CA LEU B 29 -7.47 -13.23 5.69
C LEU B 29 -7.28 -11.97 6.48
N ASN B 30 -6.08 -11.38 6.43
CA ASN B 30 -5.91 -10.02 6.96
C ASN B 30 -6.69 -8.95 6.22
N ASP B 31 -7.17 -9.25 5.00
CA ASP B 31 -7.98 -8.28 4.22
C ASP B 31 -9.48 -8.39 4.53
N VAL B 32 -9.83 -9.32 5.42
CA VAL B 32 -11.20 -9.50 5.83
C VAL B 32 -11.35 -9.07 7.28
N ILE B 33 -12.29 -8.14 7.50
CA ILE B 33 -12.59 -7.68 8.81
C ILE B 33 -14.04 -7.98 9.15
N LEU B 34 -14.28 -8.61 10.31
CA LEU B 34 -15.63 -8.82 10.84
C LEU B 34 -16.06 -7.55 11.58
N VAL B 35 -17.22 -7.01 11.23
CA VAL B 35 -17.63 -5.73 11.83
C VAL B 35 -18.04 -5.96 13.30
N HIS B 36 -17.39 -5.27 14.22
CA HIS B 36 -17.72 -5.37 15.65
C HIS B 36 -19.12 -4.76 15.96
N GLN B 37 -19.91 -5.48 16.77
CA GLN B 37 -21.19 -4.97 17.23
C GLN B 37 -21.18 -4.67 18.72
N GLY B 38 -21.09 -3.41 19.08
CA GLY B 38 -20.96 -3.06 20.52
C GLY B 38 -22.22 -3.43 21.33
N PHE B 39 -23.37 -3.59 20.63
CA PHE B 39 -24.55 -4.16 21.27
C PHE B 39 -24.89 -5.44 20.53
N PRO B 40 -24.40 -6.58 21.04
CA PRO B 40 -24.59 -7.82 20.31
C PRO B 40 -26.04 -8.37 20.24
N GLY B 41 -26.88 -8.11 21.26
CA GLY B 41 -28.28 -8.56 21.22
C GLY B 41 -28.40 -9.99 21.70
N ILE B 42 -27.32 -10.56 22.28
CA ILE B 42 -27.30 -11.93 22.70
C ILE B 42 -26.42 -12.03 23.96
N SER B 43 -26.42 -13.21 24.53
CA SER B 43 -25.53 -13.47 25.62
C SER B 43 -24.60 -14.58 25.14
N PHE B 44 -23.39 -14.64 25.68
CA PHE B 44 -22.39 -15.63 25.26
C PHE B 44 -22.94 -17.05 25.37
N SER B 45 -23.60 -17.32 26.51
CA SER B 45 -24.07 -18.65 26.86
C SER B 45 -25.17 -19.14 25.94
N GLU B 46 -25.81 -18.27 25.18
CA GLU B 46 -26.85 -18.75 24.27
C GLU B 46 -26.33 -19.02 22.85
N ILE B 47 -25.04 -18.74 22.61
CA ILE B 47 -24.42 -18.99 21.32
C ILE B 47 -24.49 -20.47 21.01
N ASN B 48 -24.95 -20.81 19.81
CA ASN B 48 -25.08 -22.21 19.45
C ASN B 48 -24.17 -22.46 18.25
N THR B 49 -23.25 -23.43 18.37
CA THR B 49 -22.26 -23.65 17.32
C THR B 49 -22.54 -24.89 16.50
N LYS B 50 -23.69 -25.53 16.74
CA LYS B 50 -23.99 -26.75 16.01
C LYS B 50 -24.23 -26.45 14.55
N THR B 51 -23.91 -27.43 13.70
CA THR B 51 -24.20 -27.32 12.28
C THR B 51 -24.24 -28.76 11.68
N LYS B 52 -24.63 -28.86 10.41
CA LYS B 52 -24.78 -30.09 9.66
C LYS B 52 -23.49 -30.41 8.94
N PHE B 53 -23.16 -31.70 8.93
CA PHE B 53 -22.11 -32.24 8.13
C PHE B 53 -22.66 -33.47 7.46
N PHE B 54 -23.17 -33.28 6.25
CA PHE B 54 -23.90 -34.35 5.53
C PHE B 54 -25.06 -34.83 6.41
N ARG B 55 -25.11 -36.09 6.80
CA ARG B 55 -26.33 -36.60 7.52
C ARG B 55 -26.13 -36.57 9.05
N LYS B 56 -24.99 -36.04 9.49
CA LYS B 56 -24.74 -35.95 10.91
C LYS B 56 -24.80 -34.50 11.35
N GLU B 57 -25.03 -34.30 12.64
CA GLU B 57 -24.84 -33.00 13.26
C GLU B 57 -23.45 -33.02 13.91
N ILE B 58 -22.80 -31.85 13.90
CA ILE B 58 -21.48 -31.71 14.55
C ILE B 58 -21.60 -30.52 15.51
N SER B 59 -20.70 -30.48 16.47
CA SER B 59 -20.86 -29.56 17.58
C SER B 59 -20.37 -28.15 17.27
N VAL B 60 -19.47 -28.09 16.31
CA VAL B 60 -18.73 -26.88 15.98
C VAL B 60 -18.57 -26.87 14.43
N PRO B 61 -18.56 -25.69 13.79
CA PRO B 61 -18.36 -25.73 12.35
C PRO B 61 -16.86 -25.73 11.97
N VAL B 62 -16.14 -26.76 12.39
CA VAL B 62 -14.73 -26.86 12.17
C VAL B 62 -14.52 -28.31 11.89
N MET B 63 -13.57 -28.62 11.02
CA MET B 63 -13.20 -30.02 10.87
C MET B 63 -11.68 -30.11 10.92
N VAL B 64 -11.18 -31.28 11.31
CA VAL B 64 -9.77 -31.59 11.09
C VAL B 64 -9.67 -32.21 9.68
N THR B 65 -8.84 -31.62 8.78
CA THR B 65 -8.69 -32.19 7.43
C THR B 65 -7.62 -33.27 7.42
N GLY B 66 -7.62 -34.09 6.36
CA GLY B 66 -6.72 -35.26 6.22
C GLY B 66 -5.22 -34.97 6.26
N MET B 67 -4.46 -35.83 6.93
CA MET B 67 -3.02 -35.64 7.12
C MET B 67 -2.22 -36.94 7.01
N THR B 68 -2.44 -37.88 7.94
CA THR B 68 -1.49 -38.96 7.98
C THR B 68 -2.09 -40.33 8.12
N GLY B 69 -1.21 -41.31 8.20
CA GLY B 69 -1.59 -42.71 8.20
C GLY B 69 -0.50 -43.42 7.43
N GLY B 70 -0.34 -44.73 7.69
CA GLY B 70 0.61 -45.54 6.92
C GLY B 70 1.67 -46.31 7.70
N ARG B 71 1.85 -45.97 8.97
CA ARG B 71 2.80 -46.68 9.84
C ARG B 71 2.26 -46.53 11.26
N ASN B 72 2.74 -47.35 12.20
CA ASN B 72 2.12 -47.35 13.53
C ASN B 72 2.28 -46.06 14.33
N GLU B 73 3.41 -45.36 14.18
CA GLU B 73 3.60 -44.08 14.87
C GLU B 73 2.68 -43.00 14.32
N LEU B 74 2.35 -43.13 13.04
CA LEU B 74 1.42 -42.25 12.35
C LEU B 74 -0.02 -42.53 12.81
N GLY B 75 -0.35 -43.81 12.98
CA GLY B 75 -1.62 -44.28 13.56
C GLY B 75 -1.83 -43.82 15.01
N ARG B 76 -0.74 -43.71 15.76
CA ARG B 76 -0.82 -43.24 17.13
C ARG B 76 -1.22 -41.75 17.18
N ILE B 77 -0.73 -40.99 16.19
CA ILE B 77 -1.17 -39.61 16.01
C ILE B 77 -2.63 -39.61 15.55
N ASN B 78 -3.01 -40.49 14.61
CA ASN B 78 -4.41 -40.48 14.15
C ASN B 78 -5.33 -40.82 15.33
N LYS B 79 -4.85 -41.67 16.22
CA LYS B 79 -5.62 -42.14 17.36
C LYS B 79 -5.89 -40.96 18.30
N ILE B 80 -4.87 -40.16 18.58
CA ILE B 80 -5.03 -39.02 19.47
C ILE B 80 -5.98 -38.00 18.85
N ILE B 81 -5.79 -37.71 17.57
CA ILE B 81 -6.67 -36.74 16.87
C ILE B 81 -8.13 -37.24 16.86
N ALA B 82 -8.32 -38.50 16.51
CA ALA B 82 -9.66 -39.03 16.45
C ALA B 82 -10.36 -39.06 17.81
N GLU B 83 -9.67 -39.48 18.87
CA GLU B 83 -10.34 -39.52 20.17
C GLU B 83 -10.74 -38.13 20.72
N VAL B 84 -9.88 -37.15 20.50
CA VAL B 84 -10.22 -35.80 20.87
C VAL B 84 -11.32 -35.24 19.92
N ALA B 85 -11.24 -35.51 18.61
CA ALA B 85 -12.31 -35.03 17.70
C ALA B 85 -13.68 -35.58 18.12
N GLU B 86 -13.71 -36.85 18.49
CA GLU B 86 -14.90 -37.53 19.01
C GLU B 86 -15.42 -36.80 20.26
N LYS B 87 -14.54 -36.63 21.23
CA LYS B 87 -14.89 -35.95 22.46
C LYS B 87 -15.57 -34.60 22.14
N PHE B 88 -15.06 -33.86 21.14
CA PHE B 88 -15.57 -32.50 20.86
C PHE B 88 -16.69 -32.45 19.83
N GLY B 89 -16.97 -33.59 19.22
CA GLY B 89 -18.03 -33.62 18.18
C GLY B 89 -17.58 -32.92 16.90
N ILE B 90 -16.30 -33.06 16.57
CA ILE B 90 -15.85 -32.55 15.30
C ILE B 90 -15.40 -33.59 14.29
N PRO B 91 -15.71 -33.36 13.02
CA PRO B 91 -15.35 -34.33 11.99
C PRO B 91 -13.84 -34.35 11.75
N MET B 92 -13.37 -35.53 11.36
CA MET B 92 -11.96 -35.78 11.09
C MET B 92 -11.75 -36.50 9.76
N GLY B 93 -10.95 -35.88 8.88
CA GLY B 93 -10.41 -36.59 7.69
C GLY B 93 -9.10 -37.24 8.06
N VAL B 94 -8.84 -38.42 7.44
CA VAL B 94 -7.57 -39.08 7.61
C VAL B 94 -6.72 -38.71 6.43
N GLY B 95 -5.44 -39.05 6.48
CA GLY B 95 -4.51 -38.80 5.38
C GLY B 95 -4.68 -39.81 4.27
N SER B 96 -3.91 -39.61 3.18
CA SER B 96 -4.08 -40.42 2.00
C SER B 96 -3.99 -41.89 2.32
N GLN B 97 -4.96 -42.63 1.80
CA GLN B 97 -5.07 -44.04 2.13
C GLN B 97 -4.39 -44.99 1.13
N ARG B 98 -3.74 -44.40 0.12
CA ARG B 98 -3.03 -45.10 -0.90
C ARG B 98 -2.10 -46.14 -0.26
N VAL B 99 -1.25 -45.65 0.64
CA VAL B 99 -0.26 -46.45 1.37
C VAL B 99 -0.87 -47.68 2.01
N ALA B 100 -2.17 -47.61 2.36
CA ALA B 100 -2.90 -48.77 2.90
C ALA B 100 -3.68 -49.56 1.87
N ILE B 101 -3.87 -49.02 0.67
CA ILE B 101 -4.33 -49.85 -0.46
C ILE B 101 -3.12 -50.72 -0.95
N GLU B 102 -1.91 -50.12 -0.98
CA GLU B 102 -0.65 -50.79 -1.39
C GLU B 102 0.00 -51.78 -0.37
N LYS B 103 -0.17 -51.53 0.93
CA LYS B 103 0.44 -52.36 1.97
C LYS B 103 -0.59 -52.63 3.07
N ALA B 104 -1.00 -53.90 3.21
CA ALA B 104 -1.95 -54.29 4.25
C ALA B 104 -1.59 -53.90 5.70
N GLU B 105 -0.29 -53.80 6.01
CA GLU B 105 0.22 -53.44 7.35
C GLU B 105 0.01 -51.95 7.67
N ALA B 106 -0.43 -51.17 6.67
CA ALA B 106 -0.66 -49.75 6.87
C ALA B 106 -2.07 -49.50 7.36
N ARG B 107 -2.91 -50.53 7.20
CA ARG B 107 -4.38 -50.40 7.39
C ARG B 107 -4.80 -50.03 8.82
N GLU B 108 -4.21 -50.67 9.81
CA GLU B 108 -4.59 -50.40 11.18
C GLU B 108 -4.40 -48.90 11.57
N SER B 109 -3.38 -48.26 11.00
CA SER B 109 -3.07 -46.84 11.29
C SER B 109 -4.19 -45.88 10.80
N PHE B 110 -5.09 -46.38 9.95
CA PHE B 110 -6.36 -45.70 9.62
C PHE B 110 -7.58 -46.20 10.36
N ALA B 111 -7.69 -47.53 10.52
CA ALA B 111 -8.90 -48.12 11.12
C ALA B 111 -9.02 -47.67 12.57
N ILE B 112 -7.89 -47.51 13.25
CA ILE B 112 -7.87 -47.03 14.64
C ILE B 112 -8.74 -45.76 14.83
N VAL B 113 -8.83 -44.93 13.79
CA VAL B 113 -9.64 -43.71 13.88
C VAL B 113 -11.10 -44.01 14.23
N ARG B 114 -11.68 -45.00 13.54
CA ARG B 114 -13.08 -45.33 13.77
C ARG B 114 -13.30 -46.11 15.07
N LYS B 115 -12.30 -46.85 15.56
CA LYS B 115 -12.45 -47.62 16.78
C LYS B 115 -12.69 -46.65 17.93
N VAL B 116 -12.04 -45.49 17.85
CA VAL B 116 -11.87 -44.59 18.96
C VAL B 116 -12.82 -43.43 18.77
N ALA B 117 -13.29 -43.28 17.53
CA ALA B 117 -14.30 -42.25 17.23
C ALA B 117 -15.48 -42.83 16.50
N PRO B 118 -16.39 -43.53 17.24
CA PRO B 118 -17.54 -44.20 16.61
C PRO B 118 -18.64 -43.30 16.08
N THR B 119 -18.76 -42.05 16.54
CA THR B 119 -19.95 -41.29 16.16
C THR B 119 -19.71 -40.13 15.16
N ILE B 120 -18.59 -39.42 15.31
CA ILE B 120 -18.32 -38.24 14.46
C ILE B 120 -18.18 -38.62 12.97
N PRO B 121 -18.42 -37.65 12.07
CA PRO B 121 -18.11 -37.90 10.64
C PRO B 121 -16.62 -38.15 10.46
N ILE B 122 -16.26 -39.27 9.81
CA ILE B 122 -14.90 -39.61 9.41
C ILE B 122 -14.79 -39.51 7.86
N ILE B 123 -13.75 -38.87 7.35
CA ILE B 123 -13.68 -38.66 5.90
C ILE B 123 -12.47 -39.38 5.38
N ALA B 124 -12.71 -40.34 4.47
CA ALA B 124 -11.62 -41.00 3.73
C ALA B 124 -10.77 -40.09 2.83
N ASN B 125 -9.71 -40.65 2.28
CA ASN B 125 -8.82 -39.81 1.47
C ASN B 125 -8.02 -40.61 0.42
N LEU B 126 -8.05 -40.13 -0.82
CA LEU B 126 -7.22 -40.69 -1.92
C LEU B 126 -6.89 -39.54 -2.83
N GLY B 127 -5.72 -39.63 -3.49
CA GLY B 127 -5.25 -38.57 -4.38
C GLY B 127 -5.80 -38.71 -5.77
N MET B 128 -6.11 -37.59 -6.42
CA MET B 128 -6.48 -37.55 -7.83
C MET B 128 -5.54 -38.36 -8.76
N PRO B 129 -4.23 -38.29 -8.55
CA PRO B 129 -3.29 -38.96 -9.51
C PRO B 129 -3.48 -40.46 -9.53
N GLN B 130 -4.00 -40.99 -8.43
CA GLN B 130 -4.29 -42.43 -8.37
C GLN B 130 -5.50 -42.82 -9.24
N LEU B 131 -6.48 -41.94 -9.36
CA LEU B 131 -7.57 -42.14 -10.37
C LEU B 131 -7.09 -42.24 -11.81
N VAL B 132 -6.03 -41.53 -12.16
CA VAL B 132 -5.50 -41.61 -13.52
C VAL B 132 -4.68 -42.91 -13.75
N LYS B 133 -4.21 -43.51 -12.67
CA LYS B 133 -3.34 -44.69 -12.65
C LYS B 133 -4.03 -46.01 -12.20
N GLY B 134 -5.31 -46.17 -12.45
CA GLY B 134 -5.83 -47.49 -12.15
C GLY B 134 -6.83 -47.59 -11.03
N TYR B 135 -6.78 -46.69 -10.02
CA TYR B 135 -7.80 -46.75 -8.96
C TYR B 135 -9.15 -46.54 -9.59
N GLY B 136 -10.13 -47.24 -9.05
CA GLY B 136 -11.51 -47.11 -9.49
C GLY B 136 -12.41 -47.43 -8.31
N LEU B 137 -13.67 -47.69 -8.59
CA LEU B 137 -14.65 -47.92 -7.56
C LEU B 137 -14.16 -48.75 -6.34
N LYS B 138 -13.52 -49.87 -6.59
CA LYS B 138 -13.25 -50.80 -5.54
C LYS B 138 -12.28 -50.21 -4.56
N GLU B 139 -11.25 -49.53 -5.06
CA GLU B 139 -10.28 -48.84 -4.20
C GLU B 139 -10.98 -47.74 -3.37
N PHE B 140 -11.95 -47.03 -3.94
CA PHE B 140 -12.71 -46.04 -3.19
C PHE B 140 -13.49 -46.71 -2.08
N GLN B 141 -14.11 -47.85 -2.39
CA GLN B 141 -14.93 -48.56 -1.41
C GLN B 141 -14.05 -49.14 -0.31
N ASP B 142 -12.87 -49.68 -0.64
CA ASP B 142 -11.92 -50.14 0.39
C ASP B 142 -11.42 -49.00 1.33
N ALA B 143 -11.03 -47.85 0.76
CA ALA B 143 -10.74 -46.64 1.57
C ALA B 143 -11.87 -46.29 2.52
N ILE B 144 -13.10 -46.31 2.02
CA ILE B 144 -14.29 -46.01 2.77
C ILE B 144 -14.61 -47.01 3.90
N GLN B 145 -14.59 -48.32 3.62
CA GLN B 145 -15.02 -49.31 4.60
C GLN B 145 -13.97 -49.42 5.69
N MET B 146 -12.72 -49.17 5.31
CA MET B 146 -11.59 -49.38 6.18
C MET B 146 -11.77 -48.57 7.48
N ILE B 147 -12.55 -47.49 7.40
CA ILE B 147 -12.77 -46.58 8.53
C ILE B 147 -14.25 -46.23 8.66
N GLU B 148 -15.12 -47.02 8.03
CA GLU B 148 -16.56 -46.72 7.97
C GLU B 148 -16.85 -45.22 7.81
N ALA B 149 -16.27 -44.67 6.75
CA ALA B 149 -16.29 -43.24 6.44
C ALA B 149 -17.68 -42.73 6.09
N ASP B 150 -17.94 -41.46 6.41
CA ASP B 150 -19.18 -40.82 5.99
C ASP B 150 -19.02 -40.02 4.70
N ALA B 151 -17.79 -39.98 4.17
CA ALA B 151 -17.48 -39.28 2.93
C ALA B 151 -16.05 -39.65 2.55
N ILE B 152 -15.70 -39.41 1.29
CA ILE B 152 -14.32 -39.55 0.83
C ILE B 152 -13.86 -38.25 0.18
N ALA B 153 -12.68 -37.80 0.56
CA ALA B 153 -12.06 -36.61 0.00
C ALA B 153 -11.10 -37.08 -1.09
N VAL B 154 -11.15 -36.44 -2.24
CA VAL B 154 -10.16 -36.70 -3.30
C VAL B 154 -9.27 -35.44 -3.37
N HIS B 155 -7.98 -35.58 -3.18
CA HIS B 155 -7.17 -34.39 -3.06
C HIS B 155 -6.54 -34.03 -4.38
N LEU B 156 -6.43 -32.74 -4.60
CA LEU B 156 -5.69 -32.18 -5.73
C LEU B 156 -4.37 -31.68 -5.16
N ASN B 157 -3.24 -32.15 -5.69
CA ASN B 157 -1.92 -31.66 -5.29
C ASN B 157 -0.94 -31.56 -6.48
N PRO B 158 -1.41 -31.03 -7.61
CA PRO B 158 -0.46 -30.94 -8.76
C PRO B 158 0.82 -30.10 -8.42
N ALA B 159 0.69 -28.99 -7.70
CA ALA B 159 1.89 -28.23 -7.30
C ALA B 159 2.90 -29.09 -6.49
N GLN B 160 2.40 -29.83 -5.53
CA GLN B 160 3.23 -30.72 -4.78
C GLN B 160 3.91 -31.75 -5.65
N GLU B 161 3.16 -32.33 -6.55
CA GLU B 161 3.70 -33.41 -7.36
C GLU B 161 4.78 -32.88 -8.32
N VAL B 162 4.61 -31.65 -8.78
CA VAL B 162 5.57 -31.07 -9.70
C VAL B 162 6.96 -30.96 -9.04
N PHE B 163 7.01 -30.58 -7.77
CA PHE B 163 8.27 -30.34 -7.08
C PHE B 163 8.74 -31.56 -6.26
N GLN B 164 7.85 -32.51 -6.01
CA GLN B 164 8.15 -33.74 -5.26
C GLN B 164 9.21 -34.48 -6.05
N PRO B 165 10.28 -34.97 -5.38
CA PRO B 165 11.36 -35.70 -6.12
C PRO B 165 10.84 -36.86 -6.99
N GLU B 166 9.95 -37.64 -6.39
CA GLU B 166 9.30 -38.82 -6.95
C GLU B 166 7.77 -38.61 -7.16
N GLY B 167 7.39 -37.38 -7.51
CA GLY B 167 5.99 -36.98 -7.73
C GLY B 167 5.37 -37.45 -9.05
N GLU B 168 4.03 -37.46 -9.06
CA GLU B 168 3.25 -37.89 -10.22
C GLU B 168 2.26 -36.81 -10.72
N PRO B 169 2.74 -35.91 -11.64
CA PRO B 169 1.89 -34.80 -12.05
C PRO B 169 1.05 -35.17 -13.29
N GLU B 170 -0.01 -35.96 -13.03
CA GLU B 170 -0.89 -36.51 -14.04
C GLU B 170 -2.29 -36.13 -13.66
N TYR B 171 -2.90 -35.28 -14.47
CA TYR B 171 -4.20 -34.74 -14.12
C TYR B 171 -5.05 -34.66 -15.37
N GLN B 172 -5.01 -35.73 -16.17
CA GLN B 172 -5.84 -35.83 -17.40
C GLN B 172 -7.32 -35.78 -17.06
N ILE B 173 -8.11 -35.25 -17.98
CA ILE B 173 -9.55 -35.06 -17.78
C ILE B 173 -10.28 -36.38 -17.61
N TYR B 174 -9.71 -37.45 -18.16
CA TYR B 174 -10.28 -38.79 -18.01
C TYR B 174 -10.58 -39.09 -16.55
N ALA B 175 -9.77 -38.54 -15.65
CA ALA B 175 -9.88 -38.79 -14.22
C ALA B 175 -11.29 -38.36 -13.77
N LEU B 176 -11.74 -37.24 -14.27
CA LEU B 176 -13.03 -36.67 -13.86
C LEU B 176 -14.19 -37.55 -14.31
N GLU B 177 -14.08 -38.04 -15.55
CA GLU B 177 -15.06 -39.04 -16.06
C GLU B 177 -15.12 -40.22 -15.11
N LYS B 178 -13.97 -40.75 -14.71
CA LYS B 178 -13.91 -41.83 -13.75
C LYS B 178 -14.55 -41.47 -12.38
N LEU B 179 -14.36 -40.22 -11.93
CA LEU B 179 -14.72 -39.85 -10.58
C LEU B 179 -16.23 -39.74 -10.56
N ARG B 180 -16.77 -39.17 -11.64
CA ARG B 180 -18.20 -39.01 -11.85
C ARG B 180 -18.89 -40.36 -11.87
N ASP B 181 -18.30 -41.32 -12.59
CA ASP B 181 -18.80 -42.70 -12.59
C ASP B 181 -18.77 -43.36 -11.23
N ILE B 182 -17.60 -43.31 -10.57
CA ILE B 182 -17.45 -43.82 -9.22
C ILE B 182 -18.48 -43.26 -8.22
N SER B 183 -18.79 -41.97 -8.34
CA SER B 183 -19.74 -41.32 -7.47
C SER B 183 -21.14 -41.88 -7.63
N LYS B 184 -21.43 -42.50 -8.78
CA LYS B 184 -22.79 -42.98 -9.02
C LYS B 184 -23.01 -44.18 -8.13
N GLU B 185 -21.93 -44.87 -7.85
CA GLU B 185 -21.94 -46.18 -7.26
C GLU B 185 -21.60 -46.19 -5.76
N LEU B 186 -21.10 -45.05 -5.29
CA LEU B 186 -20.61 -44.92 -3.92
C LEU B 186 -21.80 -44.63 -2.99
N SER B 187 -21.79 -45.13 -1.76
CA SER B 187 -22.91 -44.76 -0.87
C SER B 187 -22.67 -43.48 -0.02
N VAL B 188 -21.51 -42.84 -0.16
CA VAL B 188 -21.18 -41.61 0.60
C VAL B 188 -20.73 -40.50 -0.37
N PRO B 189 -20.90 -39.24 0.01
CA PRO B 189 -20.51 -38.16 -0.88
C PRO B 189 -18.97 -38.00 -1.03
N ILE B 190 -18.60 -37.42 -2.14
CA ILE B 190 -17.23 -37.02 -2.45
C ILE B 190 -17.04 -35.51 -2.21
N ILE B 191 -15.98 -35.20 -1.46
CA ILE B 191 -15.39 -33.84 -1.35
C ILE B 191 -14.12 -33.77 -2.17
N VAL B 192 -13.94 -32.69 -2.92
CA VAL B 192 -12.68 -32.48 -3.65
C VAL B 192 -11.98 -31.34 -2.94
N LYS B 193 -10.76 -31.61 -2.50
CA LYS B 193 -10.03 -30.63 -1.68
C LYS B 193 -8.68 -30.35 -2.34
N GLU B 194 -8.17 -29.15 -2.15
CA GLU B 194 -6.81 -28.91 -2.64
C GLU B 194 -5.87 -29.32 -1.50
N SER B 195 -4.62 -28.87 -1.57
CA SER B 195 -3.68 -29.22 -0.57
C SER B 195 -2.62 -28.11 -0.45
N GLY B 196 -3.09 -26.90 -0.20
CA GLY B 196 -2.22 -25.78 0.04
C GLY B 196 -2.13 -24.69 -1.00
N ASN B 197 -2.68 -24.92 -2.20
CA ASN B 197 -2.60 -24.00 -3.32
C ASN B 197 -3.99 -23.53 -3.84
N GLY B 198 -5.07 -24.03 -3.26
CA GLY B 198 -6.34 -23.37 -3.38
C GLY B 198 -7.12 -23.72 -4.65
N ILE B 199 -8.43 -23.51 -4.61
CA ILE B 199 -9.36 -23.85 -5.69
C ILE B 199 -9.86 -22.57 -6.28
N SER B 200 -9.63 -22.45 -7.59
CA SER B 200 -10.07 -21.31 -8.34
C SER B 200 -11.49 -21.55 -8.86
N MET B 201 -12.14 -20.50 -9.33
CA MET B 201 -13.42 -20.63 -10.05
C MET B 201 -13.43 -21.50 -11.30
N GLU B 202 -12.37 -21.51 -12.09
CA GLU B 202 -12.32 -22.41 -13.27
C GLU B 202 -12.31 -23.86 -12.84
N THR B 203 -11.50 -24.18 -11.82
CA THR B 203 -11.44 -25.52 -11.34
C THR B 203 -12.74 -25.92 -10.61
N ALA B 204 -13.32 -25.05 -9.81
CA ALA B 204 -14.55 -25.41 -9.15
C ALA B 204 -15.69 -25.62 -10.22
N LYS B 205 -15.86 -24.72 -11.19
CA LYS B 205 -16.90 -24.93 -12.26
C LYS B 205 -16.70 -26.24 -13.03
N LEU B 206 -15.45 -26.61 -13.27
CA LEU B 206 -15.16 -27.82 -13.99
C LEU B 206 -15.52 -29.00 -13.12
N LEU B 207 -15.07 -29.03 -11.88
CA LEU B 207 -15.49 -30.16 -11.03
C LEU B 207 -17.04 -30.23 -10.92
N TYR B 208 -17.65 -29.09 -10.75
CA TYR B 208 -19.09 -29.01 -10.66
C TYR B 208 -19.78 -29.64 -11.94
N SER B 209 -19.23 -29.40 -13.12
CA SER B 209 -19.78 -29.90 -14.34
C SER B 209 -19.71 -31.43 -14.35
N TYR B 210 -18.85 -32.03 -13.53
CA TYR B 210 -18.76 -33.48 -13.46
C TYR B 210 -19.48 -33.99 -12.24
N GLY B 211 -20.27 -33.13 -11.60
CA GLY B 211 -21.14 -33.60 -10.44
C GLY B 211 -20.64 -33.26 -9.04
N ILE B 212 -19.43 -32.74 -8.89
CA ILE B 212 -18.87 -32.48 -7.55
C ILE B 212 -19.50 -31.24 -6.97
N LYS B 213 -20.04 -31.36 -5.75
CA LYS B 213 -20.74 -30.23 -5.13
C LYS B 213 -20.09 -29.87 -3.75
N ASN B 214 -19.13 -30.67 -3.34
CA ASN B 214 -18.50 -30.45 -2.03
C ASN B 214 -17.03 -30.12 -2.22
N PHE B 215 -16.61 -28.96 -1.72
CA PHE B 215 -15.24 -28.43 -1.92
C PHE B 215 -14.54 -28.10 -0.63
N ASP B 216 -13.23 -28.32 -0.62
CA ASP B 216 -12.42 -27.82 0.49
C ASP B 216 -11.29 -26.97 -0.10
N THR B 217 -11.28 -25.66 0.15
CA THR B 217 -10.39 -24.72 -0.55
C THR B 217 -8.91 -25.05 -0.39
N SER B 218 -8.50 -25.52 0.78
CA SER B 218 -7.08 -25.63 1.10
C SER B 218 -6.23 -24.56 0.35
N GLY B 219 -6.47 -23.29 0.66
CA GLY B 219 -5.70 -22.25 -0.07
C GLY B 219 -4.25 -22.09 0.43
N GLN B 220 -3.51 -21.23 -0.27
CA GLN B 220 -2.20 -20.87 0.18
C GLN B 220 -2.32 -19.99 1.44
N GLY B 221 -1.24 -19.98 2.24
CA GLY B 221 -1.10 -19.15 3.43
C GLY B 221 -0.89 -20.03 4.65
N GLY B 222 -1.20 -21.31 4.54
CA GLY B 222 -1.07 -22.23 5.65
C GLY B 222 0.04 -23.13 5.27
N THR B 223 -0.10 -24.43 5.52
CA THR B 223 0.94 -25.38 5.23
C THR B 223 1.31 -25.21 3.76
N ASN B 224 2.61 -25.05 3.52
CA ASN B 224 3.14 -24.81 2.17
C ASN B 224 3.84 -26.07 1.68
N TRP B 225 3.12 -26.81 0.85
CA TRP B 225 3.58 -28.10 0.40
C TRP B 225 4.67 -27.98 -0.63
N ILE B 226 4.70 -26.85 -1.31
CA ILE B 226 5.75 -26.57 -2.26
C ILE B 226 7.05 -26.38 -1.41
N ALA B 227 6.93 -25.72 -0.25
CA ALA B 227 8.06 -25.60 0.70
C ALA B 227 8.48 -26.96 1.21
N ILE B 228 7.51 -27.81 1.52
CA ILE B 228 7.84 -29.10 2.10
C ILE B 228 8.67 -29.90 1.07
N GLU B 229 8.21 -29.91 -0.16
CA GLU B 229 8.94 -30.60 -1.18
C GLU B 229 10.30 -29.88 -1.55
N MET B 230 10.35 -28.56 -1.53
CA MET B 230 11.60 -27.90 -1.64
C MET B 230 12.62 -28.47 -0.59
N ILE B 231 12.18 -28.61 0.65
CA ILE B 231 13.02 -29.14 1.72
C ILE B 231 13.48 -30.55 1.42
N ARG B 232 12.56 -31.38 0.91
CA ARG B 232 12.92 -32.74 0.53
C ARG B 232 13.89 -32.79 -0.63
N ASP B 233 13.69 -31.91 -1.62
CA ASP B 233 14.70 -31.68 -2.65
C ASP B 233 16.12 -31.21 -2.09
N ILE B 234 16.16 -30.24 -1.19
CA ILE B 234 17.40 -29.77 -0.61
C ILE B 234 18.11 -30.96 0.06
N ARG B 235 17.40 -31.62 0.95
CA ARG B 235 17.84 -32.85 1.52
C ARG B 235 18.47 -33.88 0.59
N ARG B 236 17.95 -34.07 -0.62
CA ARG B 236 18.64 -35.00 -1.54
C ARG B 236 19.54 -34.35 -2.59
N GLY B 237 19.81 -33.05 -2.42
CA GLY B 237 20.56 -32.33 -3.43
C GLY B 237 19.93 -32.40 -4.82
N ASN B 238 18.59 -32.55 -4.87
CA ASN B 238 17.84 -32.50 -6.11
C ASN B 238 17.74 -31.04 -6.65
N TRP B 239 18.12 -30.85 -7.91
CA TRP B 239 18.16 -29.51 -8.56
C TRP B 239 16.77 -28.75 -8.43
N LYS B 240 15.67 -29.48 -8.43
CA LYS B 240 14.34 -28.88 -8.33
C LYS B 240 14.14 -27.90 -7.18
N ALA B 241 14.92 -28.01 -6.09
CA ALA B 241 14.78 -27.13 -4.92
C ALA B 241 14.77 -25.64 -5.22
N GLU B 242 15.65 -25.21 -6.10
CA GLU B 242 15.79 -23.79 -6.44
C GLU B 242 14.55 -23.37 -7.27
N SER B 243 14.05 -24.27 -8.11
CA SER B 243 12.82 -23.97 -8.82
C SER B 243 11.62 -23.86 -7.88
N ALA B 244 11.54 -24.78 -6.89
CA ALA B 244 10.44 -24.76 -5.87
C ALA B 244 10.44 -23.41 -5.15
N LYS B 245 11.63 -22.93 -4.81
CA LYS B 245 11.70 -21.64 -4.15
C LYS B 245 11.04 -20.52 -4.96
N ASN B 246 11.19 -20.53 -6.28
CA ASN B 246 10.54 -19.53 -7.10
C ASN B 246 8.99 -19.60 -7.09
N PHE B 247 8.46 -20.77 -6.72
CA PHE B 247 7.03 -21.05 -6.62
C PHE B 247 6.42 -20.97 -5.20
N LEU B 248 7.22 -20.56 -4.21
CA LEU B 248 6.74 -20.56 -2.82
C LEU B 248 5.41 -19.84 -2.58
N ASP B 249 5.17 -18.80 -3.38
CA ASP B 249 3.96 -18.01 -3.22
C ASP B 249 2.93 -18.32 -4.33
N TRP B 250 3.08 -19.47 -4.96
CA TRP B 250 2.15 -19.91 -5.96
C TRP B 250 0.81 -20.36 -5.30
N GLY B 251 -0.31 -20.00 -5.91
CA GLY B 251 -1.59 -20.51 -5.50
C GLY B 251 -2.67 -19.48 -5.28
N VAL B 252 -3.88 -19.93 -4.93
CA VAL B 252 -4.96 -19.04 -4.65
C VAL B 252 -4.98 -18.90 -3.12
N PRO B 253 -4.88 -17.66 -2.58
CA PRO B 253 -5.00 -17.48 -1.15
C PRO B 253 -6.32 -18.02 -0.66
N THR B 254 -6.28 -18.54 0.55
CA THR B 254 -7.50 -19.08 1.17
C THR B 254 -8.74 -18.19 1.02
N ALA B 255 -8.60 -16.92 1.44
CA ALA B 255 -9.75 -16.04 1.46
C ALA B 255 -10.31 -15.86 0.02
N ALA B 256 -9.43 -15.68 -0.97
CA ALA B 256 -9.82 -15.53 -2.38
C ALA B 256 -10.44 -16.81 -2.89
N SER B 257 -9.96 -17.96 -2.40
CA SER B 257 -10.51 -19.25 -2.84
C SER B 257 -11.97 -19.46 -2.32
N ILE B 258 -12.19 -19.07 -1.06
CA ILE B 258 -13.48 -19.12 -0.51
C ILE B 258 -14.46 -18.25 -1.34
N MET B 259 -14.08 -17.00 -1.58
CA MET B 259 -14.84 -16.16 -2.46
C MET B 259 -15.04 -16.76 -3.84
N GLU B 260 -13.99 -17.32 -4.45
CA GLU B 260 -14.17 -17.84 -5.81
C GLU B 260 -15.14 -19.03 -5.91
N VAL B 261 -15.07 -19.94 -4.92
CA VAL B 261 -15.89 -21.15 -4.95
C VAL B 261 -17.35 -20.83 -4.60
N ARG B 262 -17.57 -20.07 -3.53
CA ARG B 262 -18.93 -19.70 -3.13
C ARG B 262 -19.58 -18.89 -4.29
N TYR B 263 -18.81 -18.03 -4.94
CA TYR B 263 -19.37 -17.23 -6.05
C TYR B 263 -19.71 -18.10 -7.25
N SER B 264 -18.85 -19.04 -7.57
CA SER B 264 -18.98 -19.63 -8.87
C SER B 264 -19.82 -20.85 -8.75
N VAL B 265 -19.86 -21.42 -7.52
CA VAL B 265 -20.86 -22.44 -7.21
C VAL B 265 -21.67 -22.16 -5.95
N PRO B 266 -22.72 -21.34 -6.12
CA PRO B 266 -23.44 -20.79 -4.95
C PRO B 266 -24.10 -21.83 -4.06
N ASP B 267 -24.35 -23.03 -4.55
CA ASP B 267 -24.97 -24.02 -3.68
C ASP B 267 -24.02 -25.11 -3.16
N SER B 268 -22.72 -24.87 -3.34
CA SER B 268 -21.71 -25.87 -2.90
C SER B 268 -21.72 -25.99 -1.40
N PHE B 269 -21.36 -27.16 -0.93
CA PHE B 269 -21.01 -27.32 0.43
C PHE B 269 -19.49 -27.04 0.50
N LEU B 270 -19.12 -25.95 1.19
CA LEU B 270 -17.75 -25.38 1.21
C LEU B 270 -16.96 -25.48 2.57
N VAL B 271 -15.84 -26.20 2.59
CA VAL B 271 -14.86 -26.11 3.73
C VAL B 271 -13.82 -25.04 3.32
N GLY B 272 -13.65 -24.05 4.18
CA GLY B 272 -12.67 -23.01 4.04
C GLY B 272 -11.44 -23.39 4.90
N SER B 273 -10.33 -23.71 4.26
CA SER B 273 -9.13 -24.19 4.96
C SER B 273 -7.87 -23.78 4.21
N GLY B 274 -6.73 -23.91 4.91
CA GLY B 274 -5.42 -23.45 4.43
C GLY B 274 -5.04 -22.25 5.27
N GLY B 275 -4.30 -22.49 6.37
CA GLY B 275 -3.89 -21.42 7.27
C GLY B 275 -4.92 -20.93 8.23
N ILE B 276 -5.89 -21.76 8.61
CA ILE B 276 -6.83 -21.37 9.66
C ILE B 276 -6.12 -21.76 10.95
N ARG B 277 -5.79 -20.77 11.80
CA ARG B 277 -4.88 -20.98 12.97
C ARG B 277 -5.56 -20.54 14.29
N SER B 278 -6.74 -19.94 14.20
CA SER B 278 -7.42 -19.46 15.35
C SER B 278 -8.93 -19.56 15.07
N GLY B 279 -9.77 -19.46 16.10
CA GLY B 279 -11.23 -19.41 15.89
C GLY B 279 -11.64 -18.13 15.20
N LEU B 280 -10.82 -17.11 15.30
CA LEU B 280 -11.10 -15.87 14.53
C LEU B 280 -10.91 -16.11 13.04
N ASP B 281 -9.81 -16.77 12.65
CA ASP B 281 -9.68 -17.18 11.26
C ASP B 281 -10.86 -18.05 10.79
N ALA B 282 -11.29 -18.97 11.64
CA ALA B 282 -12.39 -19.87 11.33
C ALA B 282 -13.68 -19.05 11.13
N ALA B 283 -13.94 -18.12 12.06
CA ALA B 283 -15.09 -17.25 11.93
C ALA B 283 -15.06 -16.45 10.63
N LYS B 284 -13.89 -15.93 10.24
CA LYS B 284 -13.77 -15.14 8.98
C LYS B 284 -14.02 -16.00 7.78
N ALA B 285 -13.49 -17.23 7.78
CA ALA B 285 -13.69 -18.15 6.67
C ALA B 285 -15.19 -18.42 6.45
N ILE B 286 -15.95 -18.61 7.55
CA ILE B 286 -17.32 -18.95 7.47
C ILE B 286 -18.08 -17.72 7.10
N ALA B 287 -17.73 -16.56 7.72
CA ALA B 287 -18.44 -15.33 7.33
C ALA B 287 -18.29 -15.01 5.84
N LEU B 288 -17.08 -15.23 5.28
CA LEU B 288 -16.81 -14.99 3.84
C LEU B 288 -17.58 -15.92 2.93
N GLY B 289 -17.93 -17.12 3.37
CA GLY B 289 -18.68 -17.95 2.48
C GLY B 289 -18.52 -19.41 2.72
N ALA B 290 -17.61 -19.82 3.60
CA ALA B 290 -17.54 -21.27 3.84
C ALA B 290 -18.66 -21.74 4.79
N ASP B 291 -19.00 -23.03 4.70
CA ASP B 291 -19.90 -23.65 5.70
C ASP B 291 -19.16 -24.15 6.92
N ILE B 292 -17.93 -24.62 6.69
CA ILE B 292 -17.10 -24.97 7.79
C ILE B 292 -15.62 -24.58 7.61
N ALA B 293 -14.92 -24.39 8.73
CA ALA B 293 -13.50 -24.10 8.68
C ALA B 293 -12.70 -25.37 8.81
N GLY B 294 -11.70 -25.59 7.96
CA GLY B 294 -10.88 -26.81 8.12
C GLY B 294 -9.49 -26.45 8.71
N MET B 295 -8.87 -27.37 9.45
CA MET B 295 -7.49 -27.19 10.02
C MET B 295 -6.73 -28.50 9.92
N ALA B 296 -5.42 -28.43 9.63
CA ALA B 296 -4.59 -29.61 9.64
C ALA B 296 -3.35 -29.35 10.46
N LEU B 297 -2.38 -28.60 9.93
CA LEU B 297 -1.09 -28.45 10.62
C LEU B 297 -1.17 -28.18 12.14
N PRO B 298 -1.92 -27.15 12.62
CA PRO B 298 -1.86 -26.94 14.09
C PRO B 298 -2.44 -28.13 14.86
N VAL B 299 -3.31 -28.92 14.25
CA VAL B 299 -3.83 -30.07 14.97
C VAL B 299 -2.74 -31.11 15.09
N LEU B 300 -1.97 -31.30 14.04
CA LEU B 300 -0.82 -32.22 14.05
C LEU B 300 0.14 -31.80 15.16
N LYS B 301 0.51 -30.52 15.21
CA LYS B 301 1.53 -30.09 16.19
C LYS B 301 1.06 -30.32 17.64
N SER B 302 -0.23 -30.05 17.93
CA SER B 302 -0.75 -30.34 19.26
C SER B 302 -0.85 -31.82 19.54
N ALA B 303 -1.29 -32.60 18.56
CA ALA B 303 -1.41 -34.02 18.73
C ALA B 303 -0.05 -34.65 19.11
N ILE B 304 1.02 -34.24 18.46
CA ILE B 304 2.33 -34.76 18.75
C ILE B 304 2.72 -34.42 20.21
N GLU B 305 2.25 -33.30 20.72
CA GLU B 305 2.53 -32.93 22.09
C GLU B 305 1.70 -33.78 23.05
N GLY B 306 0.56 -34.29 22.57
CA GLY B 306 -0.27 -35.16 23.40
C GLY B 306 -1.77 -34.84 23.41
N LYS B 307 -2.50 -35.74 24.03
CA LYS B 307 -3.93 -35.66 24.09
C LYS B 307 -4.36 -34.39 24.79
N GLU B 308 -3.75 -34.10 25.93
CA GLU B 308 -4.17 -32.93 26.68
C GLU B 308 -3.85 -31.59 25.96
N SER B 309 -2.70 -31.51 25.32
CA SER B 309 -2.36 -30.37 24.51
C SER B 309 -3.43 -30.12 23.38
N LEU B 310 -3.83 -31.20 22.70
CA LEU B 310 -4.83 -31.13 21.66
C LEU B 310 -6.23 -30.72 22.18
N GLU B 311 -6.59 -31.22 23.36
CA GLU B 311 -7.85 -30.82 23.97
C GLU B 311 -7.84 -29.33 24.28
N GLN B 312 -6.75 -28.84 24.84
CA GLN B 312 -6.59 -27.41 25.10
C GLN B 312 -6.63 -26.58 23.78
N PHE B 313 -5.99 -27.06 22.72
CA PHE B 313 -6.07 -26.43 21.44
C PHE B 313 -7.50 -26.24 20.93
N PHE B 314 -8.33 -27.26 21.01
CA PHE B 314 -9.74 -27.16 20.56
C PHE B 314 -10.59 -26.27 21.44
N ARG B 315 -10.31 -26.35 22.73
CA ARG B 315 -10.96 -25.48 23.67
C ARG B 315 -10.73 -24.00 23.28
N LYS B 316 -9.52 -23.67 22.94
CA LYS B 316 -9.11 -22.32 22.55
C LYS B 316 -9.74 -21.89 21.18
N ILE B 317 -9.73 -22.81 20.21
CA ILE B 317 -10.32 -22.56 18.87
C ILE B 317 -11.78 -22.26 19.04
N ILE B 318 -12.46 -23.08 19.84
CA ILE B 318 -13.90 -22.94 20.10
C ILE B 318 -14.25 -21.69 20.89
N PHE B 319 -13.50 -21.40 21.93
CA PHE B 319 -13.66 -20.12 22.57
C PHE B 319 -13.49 -18.89 21.61
N GLU B 320 -12.40 -18.83 20.89
CA GLU B 320 -12.18 -17.82 19.86
C GLU B 320 -13.30 -17.72 18.79
N LEU B 321 -13.80 -18.85 18.27
CA LEU B 321 -15.00 -18.83 17.39
C LEU B 321 -16.22 -18.17 18.04
N LYS B 322 -16.50 -18.56 19.28
CA LYS B 322 -17.68 -18.02 19.96
C LYS B 322 -17.47 -16.53 20.32
N ALA B 323 -16.20 -16.13 20.57
CA ALA B 323 -15.99 -14.71 20.85
C ALA B 323 -16.32 -13.91 19.59
N ALA B 324 -15.91 -14.40 18.40
CA ALA B 324 -16.23 -13.71 17.14
C ALA B 324 -17.74 -13.68 16.87
N MET B 325 -18.45 -14.76 17.17
CA MET B 325 -19.93 -14.78 17.04
C MET B 325 -20.55 -13.79 18.03
N MET B 326 -20.05 -13.78 19.27
CA MET B 326 -20.54 -12.87 20.29
C MET B 326 -20.38 -11.45 19.82
N LEU B 327 -19.18 -11.11 19.39
CA LEU B 327 -18.85 -9.74 19.05
C LEU B 327 -19.36 -9.33 17.65
N THR B 328 -20.00 -10.23 16.90
CA THR B 328 -20.66 -9.81 15.65
C THR B 328 -22.21 -9.92 15.82
N GLY B 329 -22.64 -10.26 17.03
CA GLY B 329 -24.06 -10.49 17.30
C GLY B 329 -24.62 -11.74 16.62
N SER B 330 -23.80 -12.80 16.50
CA SER B 330 -24.19 -14.06 15.79
C SER B 330 -24.56 -15.12 16.77
N LYS B 331 -25.84 -15.44 16.86
CA LYS B 331 -26.29 -16.39 17.87
C LYS B 331 -25.99 -17.77 17.42
N ASP B 332 -25.86 -17.94 16.10
CA ASP B 332 -25.64 -19.27 15.57
C ASP B 332 -24.84 -19.19 14.27
N VAL B 333 -24.47 -20.34 13.74
CA VAL B 333 -23.59 -20.43 12.58
C VAL B 333 -24.22 -19.74 11.39
N ASP B 334 -25.52 -19.95 11.21
CA ASP B 334 -26.26 -19.29 10.18
C ASP B 334 -26.20 -17.76 10.26
N ALA B 335 -26.38 -17.17 11.44
CA ALA B 335 -26.16 -15.74 11.59
C ALA B 335 -24.70 -15.33 11.25
N LEU B 336 -23.71 -16.16 11.63
CA LEU B 336 -22.28 -15.86 11.36
C LEU B 336 -22.06 -15.69 9.83
N LYS B 337 -22.64 -16.62 9.07
CA LYS B 337 -22.62 -16.64 7.57
C LYS B 337 -23.19 -15.35 6.94
N LYS B 338 -24.02 -14.66 7.69
CA LYS B 338 -24.63 -13.42 7.20
C LYS B 338 -24.11 -12.18 7.87
N THR B 339 -23.12 -12.30 8.74
CA THR B 339 -22.76 -11.11 9.51
C THR B 339 -22.02 -10.13 8.59
N SER B 340 -21.97 -8.86 8.97
CA SER B 340 -21.36 -7.81 8.24
C SER B 340 -19.82 -7.93 8.24
N ILE B 341 -19.19 -7.71 7.07
CA ILE B 341 -17.74 -7.77 6.91
C ILE B 341 -17.25 -6.56 6.17
N VAL B 342 -15.93 -6.40 6.13
CA VAL B 342 -15.31 -5.43 5.25
C VAL B 342 -14.21 -6.20 4.54
N ILE B 343 -14.12 -5.97 3.23
CA ILE B 343 -13.04 -6.54 2.41
C ILE B 343 -12.21 -5.42 1.85
N LEU B 344 -10.89 -5.48 2.10
CA LEU B 344 -9.94 -4.40 1.84
C LEU B 344 -8.79 -4.93 0.99
N GLY B 345 -7.93 -4.03 0.53
CA GLY B 345 -6.58 -4.42 0.06
C GLY B 345 -6.52 -5.32 -1.16
N LYS B 346 -5.64 -6.30 -1.12
CA LYS B 346 -5.35 -7.20 -2.26
C LYS B 346 -6.50 -8.15 -2.47
N LEU B 347 -7.10 -8.65 -1.39
CA LEU B 347 -8.31 -9.44 -1.57
C LEU B 347 -9.39 -8.66 -2.43
N LYS B 348 -9.57 -7.38 -2.15
CA LYS B 348 -10.53 -6.57 -2.87
C LYS B 348 -10.07 -6.46 -4.33
N GLU B 349 -8.78 -6.19 -4.55
CA GLU B 349 -8.28 -6.11 -5.93
C GLU B 349 -8.35 -7.45 -6.66
N TRP B 350 -8.22 -8.54 -5.91
CA TRP B 350 -8.29 -9.86 -6.53
C TRP B 350 -9.72 -10.10 -6.99
N ALA B 351 -10.71 -9.87 -6.12
CA ALA B 351 -12.11 -10.10 -6.47
C ALA B 351 -12.51 -9.21 -7.64
N GLU B 352 -12.16 -7.92 -7.62
CA GLU B 352 -12.48 -7.02 -8.72
C GLU B 352 -11.89 -7.49 -10.06
N TYR B 353 -10.63 -7.84 -10.08
CA TYR B 353 -10.05 -8.30 -11.35
C TYR B 353 -10.75 -9.54 -11.87
N ARG B 354 -11.20 -10.40 -10.96
CA ARG B 354 -11.70 -11.71 -11.33
C ARG B 354 -13.22 -11.67 -11.59
N GLY B 355 -13.77 -10.45 -11.54
CA GLY B 355 -15.13 -10.20 -11.95
C GLY B 355 -16.11 -10.56 -10.87
N ILE B 356 -15.65 -10.58 -9.62
CA ILE B 356 -16.54 -10.84 -8.47
C ILE B 356 -17.22 -9.54 -8.11
N ASN B 357 -18.43 -9.43 -8.60
CA ASN B 357 -19.27 -8.28 -8.32
C ASN B 357 -19.63 -8.40 -6.84
N LEU B 358 -19.11 -7.46 -6.05
CA LEU B 358 -19.38 -7.44 -4.61
C LEU B 358 -20.87 -7.48 -4.19
N SER B 359 -21.74 -6.73 -4.88
CA SER B 359 -23.20 -6.79 -4.63
C SER B 359 -23.68 -8.19 -4.76
N ILE B 360 -23.44 -8.81 -5.91
CA ILE B 360 -23.94 -10.16 -6.03
C ILE B 360 -23.25 -11.13 -5.02
N TYR B 361 -21.95 -10.94 -4.79
CA TYR B 361 -21.22 -11.65 -3.73
C TYR B 361 -21.86 -11.69 -2.32
N GLU B 362 -22.15 -10.48 -1.77
CA GLU B 362 -22.85 -10.32 -0.47
C GLU B 362 -24.17 -11.12 -0.45
N LYS B 363 -24.96 -10.98 -1.53
CA LYS B 363 -26.22 -11.69 -1.63
C LYS B 363 -25.98 -13.20 -1.62
N VAL B 364 -25.02 -13.67 -2.43
CA VAL B 364 -24.71 -15.11 -2.47
C VAL B 364 -24.14 -15.73 -1.10
N ARG B 365 -23.18 -15.06 -0.43
CA ARG B 365 -22.63 -15.58 0.84
C ARG B 365 -23.74 -15.39 1.88
N LYS B 366 -24.59 -14.38 1.61
CA LYS B 366 -25.71 -13.98 2.46
C LYS B 366 -25.38 -12.91 3.49
N ASP C 3 39.08 0.99 -28.45
CA ASP C 3 38.57 1.61 -27.14
C ASP C 3 37.08 1.45 -26.83
N ILE C 4 36.25 1.62 -27.85
CA ILE C 4 34.90 1.08 -27.85
C ILE C 4 35.04 -0.39 -27.38
N VAL C 5 36.15 -1.04 -27.73
CA VAL C 5 36.42 -2.42 -27.25
C VAL C 5 36.63 -2.54 -25.72
N ASN C 6 37.26 -1.54 -25.12
CA ASN C 6 37.40 -1.50 -23.67
C ASN C 6 36.01 -1.33 -23.04
N ARG C 7 35.19 -0.49 -23.66
CA ARG C 7 33.84 -0.25 -23.15
C ARG C 7 33.05 -1.59 -23.15
N LYS C 8 33.17 -2.35 -24.25
CA LYS C 8 32.57 -3.67 -24.41
C LYS C 8 32.99 -4.60 -23.28
N VAL C 9 34.28 -4.58 -22.97
CA VAL C 9 34.79 -5.33 -21.83
C VAL C 9 34.26 -4.79 -20.51
N GLU C 10 34.36 -3.49 -20.31
CA GLU C 10 33.86 -2.90 -19.08
C GLU C 10 32.30 -3.11 -18.88
N HIS C 11 31.53 -2.98 -19.95
CA HIS C 11 30.11 -3.39 -19.86
C HIS C 11 29.85 -4.76 -19.29
N VAL C 12 30.56 -5.77 -19.82
CA VAL C 12 30.35 -7.16 -19.40
C VAL C 12 30.79 -7.32 -17.96
N GLU C 13 31.91 -6.69 -17.63
CA GLU C 13 32.49 -6.84 -16.30
C GLU C 13 31.58 -6.22 -15.23
N ILE C 14 31.06 -5.03 -15.50
CA ILE C 14 30.15 -4.38 -14.59
C ILE C 14 28.79 -5.15 -14.46
N ALA C 15 28.26 -5.59 -15.60
CA ALA C 15 26.98 -6.30 -15.56
C ALA C 15 27.20 -7.62 -14.84
N ALA C 16 28.29 -8.32 -15.16
CA ALA C 16 28.55 -9.65 -14.48
C ALA C 16 28.85 -9.54 -12.99
N PHE C 17 29.61 -8.51 -12.59
CA PHE C 17 30.23 -8.58 -11.25
C PHE C 17 29.87 -7.49 -10.29
N GLU C 18 29.28 -6.39 -10.77
CA GLU C 18 28.75 -5.35 -9.88
C GLU C 18 27.23 -5.53 -9.63
N ASN C 19 26.68 -4.69 -8.76
CA ASN C 19 25.33 -4.83 -8.29
C ASN C 19 24.38 -3.95 -9.14
N VAL C 20 23.91 -4.42 -10.30
CA VAL C 20 23.15 -3.60 -11.23
C VAL C 20 21.88 -4.30 -11.75
N ASP C 21 21.61 -5.50 -11.25
CA ASP C 21 20.46 -6.28 -11.61
C ASP C 21 19.31 -5.84 -10.76
N GLY C 22 18.40 -5.07 -11.35
CA GLY C 22 17.22 -4.63 -10.61
C GLY C 22 17.49 -3.54 -9.58
N LEU C 23 18.57 -2.79 -9.77
CA LEU C 23 18.98 -1.73 -8.83
C LEU C 23 18.01 -0.60 -8.82
N SER C 24 17.33 -0.42 -7.68
CA SER C 24 16.35 0.65 -7.50
C SER C 24 15.25 0.65 -8.57
N SER C 25 14.98 -0.50 -9.16
CA SER C 25 14.02 -0.58 -10.23
C SER C 25 13.11 -1.81 -10.11
N SER C 26 12.09 -1.90 -10.94
CA SER C 26 11.11 -2.96 -10.73
C SER C 26 10.47 -3.36 -12.03
N THR C 27 10.30 -4.64 -12.23
CA THR C 27 9.55 -5.15 -13.38
C THR C 27 8.05 -4.96 -13.35
N PHE C 28 7.49 -4.83 -12.14
CA PHE C 28 6.04 -4.87 -11.85
C PHE C 28 5.50 -6.29 -12.01
N LEU C 29 6.36 -7.27 -12.22
CA LEU C 29 5.86 -8.65 -12.38
C LEU C 29 5.25 -9.27 -11.14
N ASN C 30 5.60 -8.74 -9.96
CA ASN C 30 5.01 -9.20 -8.72
C ASN C 30 3.56 -8.81 -8.66
N ASP C 31 3.16 -7.89 -9.55
CA ASP C 31 1.74 -7.44 -9.59
C ASP C 31 0.92 -8.35 -10.49
N VAL C 32 1.58 -9.37 -11.07
CA VAL C 32 0.93 -10.31 -11.99
C VAL C 32 0.88 -11.64 -11.36
N ILE C 33 -0.34 -12.13 -11.16
CA ILE C 33 -0.51 -13.46 -10.65
C ILE C 33 -1.14 -14.39 -11.68
N LEU C 34 -0.55 -15.55 -11.90
CA LEU C 34 -1.10 -16.63 -12.74
C LEU C 34 -2.04 -17.49 -11.89
N VAL C 35 -3.29 -17.68 -12.33
CA VAL C 35 -4.31 -18.32 -11.49
C VAL C 35 -4.03 -19.84 -11.40
N HIS C 36 -3.88 -20.37 -10.18
CA HIS C 36 -3.55 -21.77 -10.04
C HIS C 36 -4.81 -22.61 -10.30
N GLN C 37 -4.67 -23.69 -11.08
CA GLN C 37 -5.69 -24.65 -11.40
C GLN C 37 -5.40 -25.96 -10.69
N GLY C 38 -6.07 -26.22 -9.58
CA GLY C 38 -5.82 -27.48 -8.86
C GLY C 38 -6.25 -28.73 -9.66
N PHE C 39 -7.13 -28.57 -10.69
CA PHE C 39 -7.28 -29.68 -11.65
C PHE C 39 -6.81 -29.23 -13.01
N PRO C 40 -5.51 -29.44 -13.34
CA PRO C 40 -4.97 -28.90 -14.64
C PRO C 40 -5.57 -29.46 -15.91
N GLY C 41 -5.92 -30.75 -15.95
CA GLY C 41 -6.57 -31.32 -17.13
C GLY C 41 -5.57 -31.85 -18.15
N ILE C 42 -4.34 -32.03 -17.70
CA ILE C 42 -3.24 -32.38 -18.58
C ILE C 42 -2.23 -33.11 -17.75
N SER C 43 -1.22 -33.62 -18.41
CA SER C 43 -0.19 -34.32 -17.73
C SER C 43 1.06 -33.50 -18.07
N PHE C 44 2.01 -33.48 -17.16
CA PHE C 44 3.26 -32.75 -17.33
C PHE C 44 3.93 -33.09 -18.66
N SER C 45 3.91 -34.39 -18.95
CA SER C 45 4.70 -34.98 -20.02
C SER C 45 4.12 -34.64 -21.38
N GLU C 46 2.88 -34.19 -21.42
CA GLU C 46 2.26 -33.80 -22.68
C GLU C 46 2.39 -32.29 -23.02
N ILE C 47 2.94 -31.51 -22.06
CA ILE C 47 3.14 -30.07 -22.27
C ILE C 47 4.07 -29.86 -23.48
N ASN C 48 3.68 -28.94 -24.36
CA ASN C 48 4.42 -28.69 -25.57
C ASN C 48 4.88 -27.20 -25.58
N THR C 49 6.19 -26.98 -25.69
CA THR C 49 6.72 -25.64 -25.54
C THR C 49 7.20 -25.06 -26.83
N LYS C 50 6.95 -25.75 -27.93
CA LYS C 50 7.41 -25.26 -29.22
C LYS C 50 6.63 -24.04 -29.63
N THR C 51 7.26 -23.21 -30.48
CA THR C 51 6.58 -22.06 -30.99
C THR C 51 7.38 -21.52 -32.21
N LYS C 52 6.80 -20.54 -32.88
CA LYS C 52 7.38 -19.94 -34.08
C LYS C 52 8.22 -18.74 -33.72
N PHE C 53 9.34 -18.63 -34.41
CA PHE C 53 10.20 -17.47 -34.39
C PHE C 53 10.46 -17.13 -35.85
N PHE C 54 9.66 -16.26 -36.42
CA PHE C 54 9.68 -15.92 -37.87
C PHE C 54 9.45 -17.21 -38.64
N ARG C 55 10.40 -17.66 -39.48
CA ARG C 55 10.13 -18.84 -40.33
C ARG C 55 10.66 -20.13 -39.69
N LYS C 56 11.33 -20.00 -38.54
CA LYS C 56 11.81 -21.20 -37.86
C LYS C 56 10.88 -21.63 -36.72
N GLU C 57 11.02 -22.87 -36.30
CA GLU C 57 10.41 -23.35 -35.07
C GLU C 57 11.52 -23.39 -34.00
N ILE C 58 11.13 -22.98 -32.79
CA ILE C 58 12.03 -23.04 -31.64
C ILE C 58 11.44 -23.95 -30.58
N SER C 59 12.28 -24.43 -29.67
CA SER C 59 11.84 -25.48 -28.77
C SER C 59 11.06 -24.98 -27.54
N VAL C 60 11.27 -23.70 -27.23
CA VAL C 60 10.88 -23.09 -25.99
C VAL C 60 10.61 -21.65 -26.32
N PRO C 61 9.58 -21.03 -25.71
CA PRO C 61 9.32 -19.65 -26.13
C PRO C 61 10.18 -18.62 -25.34
N VAL C 62 11.47 -18.69 -25.52
CA VAL C 62 12.42 -17.93 -24.78
C VAL C 62 13.57 -17.63 -25.72
N MET C 63 14.17 -16.47 -25.58
CA MET C 63 15.34 -16.19 -26.37
C MET C 63 16.42 -15.58 -25.47
N VAL C 64 17.67 -15.75 -25.90
CA VAL C 64 18.75 -14.98 -25.36
C VAL C 64 18.87 -13.70 -26.20
N THR C 65 18.76 -12.52 -25.58
CA THR C 65 18.83 -11.27 -26.30
C THR C 65 20.27 -10.77 -26.31
N GLY C 66 20.53 -9.82 -27.19
CA GLY C 66 21.91 -9.43 -27.53
C GLY C 66 22.73 -8.83 -26.39
N MET C 67 24.00 -9.19 -26.35
CA MET C 67 24.89 -8.75 -25.27
C MET C 67 26.27 -8.36 -25.72
N THR C 68 27.00 -9.30 -26.32
CA THR C 68 28.39 -9.01 -26.45
C THR C 68 29.01 -9.39 -27.76
N GLY C 69 30.30 -9.07 -27.87
CA GLY C 69 31.06 -9.34 -29.05
C GLY C 69 32.01 -8.19 -29.16
N GLY C 70 33.12 -8.37 -29.89
CA GLY C 70 34.09 -7.28 -30.07
C GLY C 70 35.54 -7.56 -29.77
N ARG C 71 35.79 -8.65 -29.06
CA ARG C 71 37.16 -9.06 -28.70
C ARG C 71 37.11 -10.59 -28.50
N ASN C 72 38.27 -11.26 -28.50
CA ASN C 72 38.22 -12.71 -28.49
C ASN C 72 37.67 -13.38 -27.20
N GLU C 73 37.86 -12.75 -26.05
CA GLU C 73 37.25 -13.24 -24.79
C GLU C 73 35.74 -13.06 -24.76
N LEU C 74 35.26 -12.01 -25.40
CA LEU C 74 33.85 -11.76 -25.61
C LEU C 74 33.26 -12.82 -26.53
N GLY C 75 34.03 -13.19 -27.57
CA GLY C 75 33.65 -14.22 -28.54
C GLY C 75 33.58 -15.61 -27.91
N ARG C 76 34.45 -15.87 -26.95
CA ARG C 76 34.41 -17.13 -26.21
C ARG C 76 33.11 -17.30 -25.35
N ILE C 77 32.64 -16.19 -24.77
CA ILE C 77 31.32 -16.11 -24.16
C ILE C 77 30.24 -16.35 -25.23
N ASN C 78 30.34 -15.68 -26.39
CA ASN C 78 29.31 -15.82 -27.41
C ASN C 78 29.26 -17.25 -27.91
N LYS C 79 30.43 -17.88 -27.94
CA LYS C 79 30.56 -19.27 -28.38
C LYS C 79 29.80 -20.19 -27.43
N ILE C 80 30.01 -19.98 -26.14
CA ILE C 80 29.37 -20.85 -25.17
C ILE C 80 27.84 -20.68 -25.21
N ILE C 81 27.38 -19.43 -25.27
CA ILE C 81 25.94 -19.18 -25.30
C ILE C 81 25.34 -19.81 -26.57
N ALA C 82 25.99 -19.60 -27.71
CA ALA C 82 25.48 -20.10 -28.94
C ALA C 82 25.43 -21.62 -29.00
N GLU C 83 26.47 -22.28 -28.53
CA GLU C 83 26.42 -23.73 -28.61
C GLU C 83 25.37 -24.36 -27.69
N VAL C 84 25.12 -23.73 -26.54
CA VAL C 84 24.09 -24.20 -25.64
C VAL C 84 22.70 -23.80 -26.23
N ALA C 85 22.55 -22.56 -26.73
CA ALA C 85 21.31 -22.18 -27.39
C ALA C 85 20.95 -23.18 -28.51
N GLU C 86 21.95 -23.56 -29.30
CA GLU C 86 21.78 -24.53 -30.38
C GLU C 86 21.27 -25.88 -29.84
N LYS C 87 21.99 -26.40 -28.83
CA LYS C 87 21.57 -27.63 -28.14
C LYS C 87 20.07 -27.57 -27.69
N PHE C 88 19.64 -26.44 -27.13
CA PHE C 88 18.27 -26.34 -26.58
C PHE C 88 17.18 -25.88 -27.58
N GLY C 89 17.59 -25.49 -28.80
CA GLY C 89 16.62 -25.03 -29.81
C GLY C 89 16.10 -23.64 -29.45
N ILE C 90 16.96 -22.80 -28.84
CA ILE C 90 16.57 -21.43 -28.56
C ILE C 90 17.34 -20.31 -29.33
N PRO C 91 16.61 -19.28 -29.74
CA PRO C 91 17.17 -18.23 -30.55
C PRO C 91 18.13 -17.40 -29.73
N MET C 92 19.15 -16.86 -30.40
CA MET C 92 20.14 -16.05 -29.78
C MET C 92 20.44 -14.77 -30.57
N GLY C 93 20.27 -13.63 -29.90
CA GLY C 93 20.79 -12.36 -30.38
C GLY C 93 22.24 -12.16 -29.91
N VAL C 94 23.02 -11.51 -30.77
CA VAL C 94 24.38 -11.14 -30.43
C VAL C 94 24.36 -9.69 -29.98
N GLY C 95 25.42 -9.26 -29.30
CA GLY C 95 25.63 -7.85 -28.94
C GLY C 95 25.82 -6.94 -30.13
N SER C 96 25.85 -5.64 -29.88
CA SER C 96 26.06 -4.65 -30.94
C SER C 96 27.28 -4.91 -31.79
N GLN C 97 27.05 -4.91 -33.09
CA GLN C 97 28.03 -5.28 -34.08
C GLN C 97 28.76 -4.07 -34.65
N ARG C 98 28.44 -2.90 -34.10
CA ARG C 98 29.12 -1.66 -34.48
C ARG C 98 30.63 -1.92 -34.48
N VAL C 99 31.11 -2.42 -33.33
CA VAL C 99 32.52 -2.66 -33.09
C VAL C 99 33.14 -3.49 -34.20
N ALA C 100 32.37 -4.38 -34.78
CA ALA C 100 32.88 -5.19 -35.88
C ALA C 100 32.63 -4.56 -37.24
N ILE C 101 31.78 -3.55 -37.31
CA ILE C 101 31.74 -2.75 -38.54
C ILE C 101 33.01 -1.85 -38.56
N GLU C 102 33.37 -1.28 -37.40
CA GLU C 102 34.56 -0.41 -37.23
C GLU C 102 35.95 -1.13 -37.18
N LYS C 103 36.00 -2.36 -36.71
CA LYS C 103 37.28 -3.06 -36.65
C LYS C 103 37.14 -4.49 -37.17
N ALA C 104 37.73 -4.80 -38.33
CA ALA C 104 37.70 -6.21 -38.86
C ALA C 104 38.12 -7.34 -37.90
N GLU C 105 38.96 -7.04 -36.90
CA GLU C 105 39.45 -8.03 -35.91
C GLU C 105 38.37 -8.38 -34.86
N ALA C 106 37.27 -7.63 -34.85
CA ALA C 106 36.13 -7.90 -33.97
C ALA C 106 35.15 -8.91 -34.58
N ARG C 107 35.22 -9.09 -35.89
CA ARG C 107 34.29 -9.93 -36.65
C ARG C 107 34.18 -11.37 -36.18
N GLU C 108 35.31 -12.04 -35.97
CA GLU C 108 35.25 -13.46 -35.60
C GLU C 108 34.46 -13.69 -34.24
N SER C 109 34.51 -12.71 -33.33
CA SER C 109 33.82 -12.84 -32.08
C SER C 109 32.28 -12.83 -32.24
N PHE C 110 31.82 -12.52 -33.45
CA PHE C 110 30.41 -12.68 -33.80
C PHE C 110 30.13 -13.88 -34.66
N ALA C 111 30.92 -14.05 -35.70
CA ALA C 111 30.77 -15.16 -36.67
C ALA C 111 30.81 -16.52 -35.98
N ILE C 112 31.61 -16.62 -34.90
CA ILE C 112 31.70 -17.88 -34.11
C ILE C 112 30.32 -18.43 -33.76
N VAL C 113 29.40 -17.51 -33.48
CA VAL C 113 28.01 -17.87 -33.10
C VAL C 113 27.38 -18.79 -34.15
N ARG C 114 27.40 -18.41 -35.42
CA ARG C 114 26.84 -19.25 -36.49
C ARG C 114 27.61 -20.54 -36.79
N LYS C 115 28.92 -20.53 -36.58
CA LYS C 115 29.73 -21.75 -36.75
C LYS C 115 29.28 -22.91 -35.83
N VAL C 116 28.87 -22.54 -34.63
CA VAL C 116 28.60 -23.46 -33.56
C VAL C 116 27.07 -23.62 -33.41
N ALA C 117 26.33 -22.68 -33.98
CA ALA C 117 24.86 -22.78 -33.96
C ALA C 117 24.26 -22.63 -35.33
N PRO C 118 24.28 -23.72 -36.13
CA PRO C 118 23.86 -23.61 -37.55
C PRO C 118 22.34 -23.62 -37.78
N THR C 119 21.55 -24.08 -36.81
CA THR C 119 20.14 -24.22 -37.05
C THR C 119 19.24 -23.12 -36.42
N ILE C 120 19.49 -22.77 -35.16
CA ILE C 120 18.61 -21.83 -34.43
C ILE C 120 18.54 -20.44 -35.08
N PRO C 121 17.44 -19.70 -34.81
CA PRO C 121 17.45 -18.29 -35.22
C PRO C 121 18.57 -17.51 -34.55
N ILE C 122 19.34 -16.74 -35.35
CA ILE C 122 20.39 -15.84 -34.85
C ILE C 122 19.99 -14.41 -35.20
N ILE C 123 20.08 -13.48 -34.26
CA ILE C 123 19.57 -12.13 -34.47
C ILE C 123 20.74 -11.15 -34.36
N ALA C 124 21.00 -10.45 -35.47
CA ALA C 124 22.01 -9.39 -35.53
C ALA C 124 21.67 -8.21 -34.62
N ASN C 125 22.60 -7.27 -34.52
CA ASN C 125 22.40 -6.13 -33.62
C ASN C 125 23.16 -4.88 -34.01
N LEU C 126 22.44 -3.77 -34.10
CA LEU C 126 22.98 -2.41 -34.31
C LEU C 126 22.16 -1.39 -33.51
N GLY C 127 22.79 -0.30 -33.09
CA GLY C 127 22.10 0.70 -32.30
C GLY C 127 21.51 1.81 -33.16
N MET C 128 20.35 2.30 -32.75
CA MET C 128 19.69 3.42 -33.40
C MET C 128 20.59 4.61 -33.69
N PRO C 129 21.46 4.98 -32.76
CA PRO C 129 22.30 6.18 -32.99
C PRO C 129 23.23 6.09 -34.19
N GLN C 130 23.60 4.85 -34.53
CA GLN C 130 24.38 4.61 -35.71
C GLN C 130 23.60 4.84 -36.99
N LEU C 131 22.26 4.70 -36.96
CA LEU C 131 21.41 5.10 -38.10
C LEU C 131 21.38 6.59 -38.32
N VAL C 132 21.48 7.38 -37.26
CA VAL C 132 21.53 8.82 -37.54
C VAL C 132 22.92 9.32 -37.94
N LYS C 133 23.96 8.50 -37.69
CA LYS C 133 25.35 8.78 -38.04
C LYS C 133 25.94 8.05 -39.29
N GLY C 134 25.12 7.78 -40.28
CA GLY C 134 25.74 7.26 -41.47
C GLY C 134 25.51 5.81 -41.80
N TYR C 135 25.17 4.95 -40.83
CA TYR C 135 24.85 3.58 -41.22
C TYR C 135 23.64 3.60 -42.14
N GLY C 136 23.65 2.66 -43.08
CA GLY C 136 22.55 2.49 -43.95
C GLY C 136 22.53 1.03 -44.33
N LEU C 137 21.88 0.75 -45.45
CA LEU C 137 21.60 -0.59 -45.88
C LEU C 137 22.78 -1.56 -45.83
N LYS C 138 23.95 -1.08 -46.27
CA LYS C 138 25.11 -1.93 -46.44
C LYS C 138 25.60 -2.44 -45.10
N GLU C 139 25.65 -1.52 -44.13
CA GLU C 139 26.06 -1.84 -42.77
C GLU C 139 25.09 -2.84 -42.17
N PHE C 140 23.79 -2.72 -42.48
CA PHE C 140 22.80 -3.66 -41.98
C PHE C 140 23.08 -5.03 -42.58
N GLN C 141 23.25 -5.05 -43.90
CA GLN C 141 23.56 -6.29 -44.65
C GLN C 141 24.86 -6.96 -44.14
N ASP C 142 25.91 -6.17 -43.88
CA ASP C 142 27.15 -6.70 -43.34
C ASP C 142 26.92 -7.33 -41.95
N ALA C 143 26.22 -6.64 -41.06
CA ALA C 143 25.85 -7.21 -39.73
C ALA C 143 25.16 -8.54 -39.92
N ILE C 144 24.16 -8.58 -40.79
CA ILE C 144 23.38 -9.77 -41.06
C ILE C 144 24.23 -10.94 -41.62
N GLN C 145 25.03 -10.68 -42.67
CA GLN C 145 25.76 -11.78 -43.37
C GLN C 145 26.88 -12.36 -42.51
N MET C 146 27.48 -11.48 -41.68
CA MET C 146 28.53 -11.82 -40.76
C MET C 146 28.20 -13.06 -39.92
N ILE C 147 26.90 -13.28 -39.67
CA ILE C 147 26.43 -14.37 -38.84
C ILE C 147 25.27 -15.09 -39.47
N GLU C 148 25.06 -14.90 -40.76
CA GLU C 148 23.85 -15.44 -41.48
C GLU C 148 22.62 -15.36 -40.61
N ALA C 149 22.30 -14.14 -40.22
CA ALA C 149 21.24 -13.83 -39.26
C ALA C 149 19.84 -14.07 -39.80
N ASP C 150 18.89 -14.42 -38.94
CA ASP C 150 17.51 -14.58 -39.40
C ASP C 150 16.69 -13.30 -39.16
N ALA C 151 17.32 -12.32 -38.52
CA ALA C 151 16.68 -11.07 -38.20
C ALA C 151 17.76 -10.16 -37.69
N ILE C 152 17.45 -8.86 -37.66
CA ILE C 152 18.33 -7.89 -37.06
C ILE C 152 17.52 -7.05 -36.02
N ALA C 153 18.14 -6.90 -34.85
CA ALA C 153 17.56 -6.08 -33.79
C ALA C 153 18.23 -4.73 -33.88
N VAL C 154 17.42 -3.67 -33.86
CA VAL C 154 17.94 -2.31 -33.70
C VAL C 154 17.62 -1.84 -32.26
N HIS C 155 18.65 -1.54 -31.48
CA HIS C 155 18.41 -1.16 -30.11
C HIS C 155 18.15 0.30 -29.89
N LEU C 156 17.22 0.59 -28.98
CA LEU C 156 17.03 1.94 -28.46
C LEU C 156 17.73 1.98 -27.13
N ASN C 157 18.67 2.91 -26.97
CA ASN C 157 19.31 3.09 -25.64
C ASN C 157 19.52 4.56 -25.25
N PRO C 158 18.50 5.40 -25.47
CA PRO C 158 18.79 6.81 -25.20
C PRO C 158 19.18 7.10 -23.75
N ALA C 159 18.51 6.47 -22.76
CA ALA C 159 18.88 6.66 -21.36
C ALA C 159 20.33 6.34 -21.10
N GLN C 160 20.78 5.22 -21.67
CA GLN C 160 22.14 4.80 -21.49
C GLN C 160 23.09 5.83 -22.09
N GLU C 161 22.75 6.35 -23.26
CA GLU C 161 23.63 7.22 -23.97
C GLU C 161 23.78 8.54 -23.20
N VAL C 162 22.68 9.02 -22.63
CA VAL C 162 22.64 10.27 -21.88
C VAL C 162 23.64 10.25 -20.71
N PHE C 163 23.74 9.10 -20.03
CA PHE C 163 24.58 9.04 -18.83
C PHE C 163 25.97 8.48 -19.13
N GLN C 164 26.10 7.84 -20.29
CA GLN C 164 27.37 7.28 -20.78
C GLN C 164 28.41 8.40 -20.89
N PRO C 165 29.64 8.15 -20.42
CA PRO C 165 30.66 9.22 -20.49
C PRO C 165 30.88 10.10 -21.79
N GLU C 166 31.09 9.80 -23.05
CA GLU C 166 31.13 8.83 -24.10
C GLU C 166 29.93 8.52 -24.99
N GLY C 167 28.73 8.79 -24.46
CA GLY C 167 27.48 8.46 -25.13
C GLY C 167 27.04 9.37 -26.26
N GLU C 168 26.21 8.84 -27.15
CA GLU C 168 25.68 9.61 -28.30
C GLU C 168 24.13 9.65 -28.28
N PRO C 169 23.55 10.71 -27.65
CA PRO C 169 22.09 10.76 -27.52
C PRO C 169 21.44 11.51 -28.67
N GLU C 170 21.35 10.82 -29.81
CA GLU C 170 20.84 11.35 -31.07
C GLU C 170 19.76 10.40 -31.49
N TYR C 171 18.52 10.88 -31.46
CA TYR C 171 17.39 10.10 -31.86
C TYR C 171 16.46 10.86 -32.77
N GLN C 172 17.04 11.62 -33.71
CA GLN C 172 16.25 12.36 -34.71
C GLN C 172 15.34 11.40 -35.50
N ILE C 173 14.17 11.90 -35.88
CA ILE C 173 13.14 11.15 -36.58
C ILE C 173 13.61 10.66 -37.96
N TYR C 174 14.49 11.42 -38.59
CA TYR C 174 15.18 10.96 -39.81
C TYR C 174 15.65 9.53 -39.71
N ALA C 175 16.12 9.12 -38.53
CA ALA C 175 16.58 7.75 -38.39
C ALA C 175 15.49 6.73 -38.76
N LEU C 176 14.24 7.01 -38.45
CA LEU C 176 13.13 6.11 -38.70
C LEU C 176 12.82 6.01 -40.19
N GLU C 177 12.84 7.14 -40.85
CA GLU C 177 12.75 7.22 -42.30
C GLU C 177 13.77 6.28 -42.92
N LYS C 178 15.00 6.39 -42.46
CA LYS C 178 16.08 5.54 -42.91
C LYS C 178 15.85 4.06 -42.59
N LEU C 179 15.27 3.77 -41.41
CA LEU C 179 15.05 2.38 -41.01
C LEU C 179 13.97 1.76 -41.87
N ARG C 180 12.89 2.52 -42.07
CA ARG C 180 11.82 2.09 -42.97
C ARG C 180 12.35 1.78 -44.39
N ASP C 181 13.19 2.66 -44.93
CA ASP C 181 13.83 2.43 -46.23
C ASP C 181 14.71 1.20 -46.26
N ILE C 182 15.58 1.06 -45.28
CA ILE C 182 16.36 -0.15 -45.13
C ILE C 182 15.53 -1.43 -45.10
N SER C 183 14.41 -1.39 -44.40
CA SER C 183 13.62 -2.61 -44.23
C SER C 183 12.99 -3.07 -45.57
N LYS C 184 12.98 -2.17 -46.55
CA LYS C 184 12.39 -2.46 -47.85
C LYS C 184 13.31 -3.38 -48.58
N GLU C 185 14.61 -3.17 -48.32
CA GLU C 185 15.67 -3.78 -49.05
C GLU C 185 16.27 -5.06 -48.42
N LEU C 186 15.96 -5.26 -47.13
CA LEU C 186 16.58 -6.31 -46.30
C LEU C 186 15.83 -7.62 -46.56
N SER C 187 16.53 -8.75 -46.59
CA SER C 187 15.76 -10.00 -46.73
C SER C 187 15.31 -10.62 -45.37
N VAL C 188 15.63 -9.99 -44.24
CA VAL C 188 15.18 -10.55 -42.93
C VAL C 188 14.42 -9.48 -42.12
N PRO C 189 13.61 -9.88 -41.14
CA PRO C 189 12.88 -8.87 -40.39
C PRO C 189 13.74 -8.07 -39.39
N ILE C 190 13.24 -6.87 -39.09
CA ILE C 190 13.77 -6.01 -38.04
C ILE C 190 12.89 -6.12 -36.82
N ILE C 191 13.58 -6.29 -35.70
CA ILE C 191 13.03 -6.11 -34.36
C ILE C 191 13.57 -4.83 -33.75
N VAL C 192 12.70 -4.03 -33.12
CA VAL C 192 13.20 -2.89 -32.34
C VAL C 192 13.10 -3.26 -30.86
N LYS C 193 14.22 -3.12 -30.17
CA LYS C 193 14.27 -3.52 -28.76
C LYS C 193 14.73 -2.37 -27.94
N GLU C 194 14.25 -2.27 -26.72
CA GLU C 194 14.84 -1.27 -25.80
C GLU C 194 16.08 -1.89 -25.18
N SER C 195 16.62 -1.23 -24.15
CA SER C 195 17.75 -1.82 -23.45
C SER C 195 17.73 -1.51 -21.96
N GLY C 196 16.67 -1.93 -21.29
CA GLY C 196 16.51 -1.77 -19.85
C GLY C 196 15.57 -0.70 -19.32
N ASN C 197 15.03 0.13 -20.21
CA ASN C 197 14.08 1.22 -19.87
C ASN C 197 12.70 1.14 -20.55
N GLY C 198 12.47 0.08 -21.34
CA GLY C 198 11.12 -0.25 -21.77
C GLY C 198 10.50 0.58 -22.90
N ILE C 199 9.52 -0.02 -23.59
CA ILE C 199 8.83 0.58 -24.73
C ILE C 199 7.43 0.90 -24.28
N SER C 200 7.07 2.18 -24.45
CA SER C 200 5.79 2.76 -24.16
C SER C 200 4.92 2.66 -25.39
N MET C 201 3.65 2.86 -25.18
CA MET C 201 2.70 2.91 -26.27
C MET C 201 2.96 3.97 -27.31
N GLU C 202 3.46 5.17 -26.90
CA GLU C 202 3.65 6.25 -27.89
C GLU C 202 4.84 5.85 -28.77
N THR C 203 5.82 5.17 -28.15
CA THR C 203 7.00 4.74 -28.89
C THR C 203 6.65 3.56 -29.84
N ALA C 204 5.89 2.62 -29.32
CA ALA C 204 5.50 1.50 -30.15
C ALA C 204 4.60 1.96 -31.34
N LYS C 205 3.64 2.87 -31.12
CA LYS C 205 2.77 3.35 -32.21
C LYS C 205 3.60 4.10 -33.28
N LEU C 206 4.63 4.82 -32.86
CA LEU C 206 5.50 5.58 -33.75
C LEU C 206 6.33 4.61 -34.60
N LEU C 207 6.91 3.61 -33.97
CA LEU C 207 7.68 2.66 -34.67
C LEU C 207 6.77 1.89 -35.66
N TYR C 208 5.61 1.48 -35.21
CA TYR C 208 4.64 0.85 -36.06
C TYR C 208 4.27 1.71 -37.30
N SER C 209 4.07 3.02 -37.09
CA SER C 209 3.75 3.93 -38.18
C SER C 209 4.86 3.93 -39.25
N TYR C 210 6.06 3.49 -38.90
CA TYR C 210 7.12 3.43 -39.85
C TYR C 210 7.35 2.01 -40.31
N GLY C 211 6.44 1.09 -40.02
CA GLY C 211 6.54 -0.28 -40.53
C GLY C 211 7.09 -1.37 -39.54
N ILE C 212 7.39 -0.95 -38.31
CA ILE C 212 8.02 -1.90 -37.38
C ILE C 212 6.90 -2.71 -36.76
N LYS C 213 7.06 -4.04 -36.76
CA LYS C 213 5.98 -4.92 -36.26
C LYS C 213 6.51 -5.89 -35.19
N ASN C 214 7.81 -5.85 -34.94
CA ASN C 214 8.47 -6.77 -34.03
C ASN C 214 9.19 -6.00 -32.94
N PHE C 215 8.84 -6.30 -31.68
CA PHE C 215 9.23 -5.45 -30.54
C PHE C 215 9.79 -6.30 -29.44
N ASP C 216 10.72 -5.74 -28.66
CA ASP C 216 11.25 -6.42 -27.50
C ASP C 216 11.27 -5.39 -26.34
N THR C 217 10.40 -5.58 -25.35
CA THR C 217 10.17 -4.52 -24.37
C THR C 217 11.44 -4.03 -23.65
N SER C 218 12.37 -4.95 -23.33
CA SER C 218 13.50 -4.65 -22.47
C SER C 218 13.12 -3.58 -21.41
N GLY C 219 12.14 -3.91 -20.56
CA GLY C 219 11.66 -2.92 -19.58
C GLY C 219 12.61 -2.78 -18.36
N GLN C 220 12.32 -1.82 -17.50
CA GLN C 220 13.13 -1.69 -16.30
C GLN C 220 12.82 -2.83 -15.31
N GLY C 221 13.78 -3.13 -14.42
CA GLY C 221 13.60 -4.09 -13.35
C GLY C 221 14.60 -5.21 -13.51
N GLY C 222 15.29 -5.23 -14.67
CA GLY C 222 16.36 -6.16 -14.85
C GLY C 222 17.64 -5.36 -14.94
N THR C 223 18.51 -5.74 -15.88
CA THR C 223 19.77 -5.06 -16.02
C THR C 223 19.52 -3.54 -16.10
N ASN C 224 20.17 -2.80 -15.19
CA ASN C 224 19.98 -1.37 -15.15
C ASN C 224 21.15 -0.72 -15.84
N TRP C 225 20.96 -0.29 -17.08
CA TRP C 225 22.00 0.31 -17.84
C TRP C 225 22.35 1.72 -17.36
N ILE C 226 21.38 2.42 -16.78
CA ILE C 226 21.66 3.72 -16.21
C ILE C 226 22.62 3.44 -15.01
N ALA C 227 22.42 2.33 -14.28
CA ALA C 227 23.35 1.98 -13.16
C ALA C 227 24.76 1.64 -13.65
N ILE C 228 24.82 0.93 -14.76
CA ILE C 228 26.08 0.53 -15.35
C ILE C 228 26.90 1.74 -15.76
N GLU C 229 26.26 2.71 -16.43
CA GLU C 229 26.91 3.97 -16.80
C GLU C 229 27.22 4.86 -15.58
N MET C 230 26.32 4.89 -14.60
CA MET C 230 26.61 5.51 -13.33
C MET C 230 27.96 5.00 -12.78
N ILE C 231 28.19 3.69 -12.86
CA ILE C 231 29.37 3.06 -12.31
C ILE C 231 30.57 3.46 -13.13
N ARG C 232 30.39 3.54 -14.46
CA ARG C 232 31.49 3.96 -15.31
C ARG C 232 31.82 5.44 -15.04
N ASP C 233 30.78 6.28 -14.82
CA ASP C 233 31.01 7.67 -14.44
C ASP C 233 31.76 7.81 -13.10
N ILE C 234 31.38 7.03 -12.08
CA ILE C 234 32.05 7.04 -10.75
C ILE C 234 33.52 6.71 -10.98
N ARG C 235 33.77 5.59 -11.64
CA ARG C 235 35.10 5.16 -12.05
C ARG C 235 35.94 6.22 -12.70
N ARG C 236 35.34 7.10 -13.47
CA ARG C 236 36.21 8.16 -13.97
C ARG C 236 36.07 9.51 -13.30
N GLY C 237 35.44 9.55 -12.12
CA GLY C 237 35.12 10.81 -11.47
C GLY C 237 34.40 11.82 -12.35
N ASN C 238 33.64 11.32 -13.33
CA ASN C 238 32.71 12.12 -14.14
C ASN C 238 31.49 12.59 -13.28
N TRP C 239 31.21 13.90 -13.29
CA TRP C 239 30.11 14.53 -12.48
C TRP C 239 28.70 13.88 -12.72
N LYS C 240 28.46 13.35 -13.93
CA LYS C 240 27.17 12.76 -14.34
C LYS C 240 26.67 11.61 -13.49
N ALA C 241 27.59 10.97 -12.74
CA ALA C 241 27.27 9.88 -11.82
C ALA C 241 26.14 10.22 -10.85
N GLU C 242 26.19 11.41 -10.24
CA GLU C 242 25.19 11.76 -9.23
C GLU C 242 23.87 12.01 -9.94
N SER C 243 23.92 12.50 -11.18
CA SER C 243 22.70 12.64 -11.92
C SER C 243 22.09 11.29 -12.32
N ALA C 244 22.94 10.35 -12.77
CA ALA C 244 22.46 8.97 -13.11
C ALA C 244 21.73 8.36 -11.92
N LYS C 245 22.27 8.58 -10.72
CA LYS C 245 21.66 8.03 -9.52
C LYS C 245 20.20 8.52 -9.34
N ASN C 246 19.91 9.77 -9.65
CA ASN C 246 18.53 10.28 -9.62
C ASN C 246 17.61 9.63 -10.66
N PHE C 247 18.21 9.05 -11.70
CA PHE C 247 17.47 8.36 -12.76
C PHE C 247 17.43 6.82 -12.68
N LEU C 248 17.96 6.23 -11.60
CA LEU C 248 17.99 4.76 -11.45
C LEU C 248 16.67 4.06 -11.64
N ASP C 249 15.56 4.73 -11.28
CA ASP C 249 14.24 4.11 -11.39
C ASP C 249 13.46 4.62 -12.59
N TRP C 250 14.18 5.16 -13.58
CA TRP C 250 13.56 5.72 -14.80
C TRP C 250 13.16 4.60 -15.73
N GLY C 251 11.98 4.75 -16.38
CA GLY C 251 11.64 3.78 -17.45
C GLY C 251 10.29 3.10 -17.28
N VAL C 252 9.90 2.32 -18.31
CA VAL C 252 8.65 1.57 -18.23
C VAL C 252 8.97 0.21 -17.67
N PRO C 253 8.34 -0.20 -16.54
CA PRO C 253 8.54 -1.55 -16.03
C PRO C 253 8.17 -2.62 -17.05
N THR C 254 8.92 -3.71 -17.05
CA THR C 254 8.69 -4.74 -18.04
C THR C 254 7.23 -5.09 -18.21
N ALA C 255 6.56 -5.44 -17.10
CA ALA C 255 5.18 -5.90 -17.19
C ALA C 255 4.24 -4.82 -17.85
N ALA C 256 4.43 -3.53 -17.49
CA ALA C 256 3.67 -2.43 -18.06
C ALA C 256 3.96 -2.26 -19.57
N SER C 257 5.22 -2.49 -19.94
CA SER C 257 5.64 -2.35 -21.30
C SER C 257 5.00 -3.46 -22.19
N ILE C 258 5.03 -4.69 -21.68
CA ILE C 258 4.34 -5.75 -22.36
C ILE C 258 2.84 -5.38 -22.61
N MET C 259 2.17 -4.97 -21.55
CA MET C 259 0.80 -4.49 -21.69
C MET C 259 0.72 -3.36 -22.70
N GLU C 260 1.56 -2.32 -22.58
CA GLU C 260 1.42 -1.17 -23.46
C GLU C 260 1.62 -1.53 -24.96
N VAL C 261 2.57 -2.43 -25.24
CA VAL C 261 2.90 -2.77 -26.60
C VAL C 261 1.82 -3.65 -27.22
N ARG C 262 1.38 -4.68 -26.48
CA ARG C 262 0.38 -5.58 -26.91
C ARG C 262 -0.95 -4.83 -27.11
N TYR C 263 -1.19 -3.84 -26.25
CA TYR C 263 -2.43 -3.07 -26.34
C TYR C 263 -2.43 -2.09 -27.53
N SER C 264 -1.32 -1.38 -27.68
CA SER C 264 -1.31 -0.38 -28.70
C SER C 264 -0.96 -1.00 -30.08
N VAL C 265 -0.33 -2.18 -30.11
CA VAL C 265 -0.09 -2.83 -31.40
C VAL C 265 -0.47 -4.29 -31.31
N PRO C 266 -1.80 -4.56 -31.37
CA PRO C 266 -2.31 -5.86 -31.03
C PRO C 266 -1.77 -6.97 -31.91
N ASP C 267 -1.27 -6.66 -33.09
CA ASP C 267 -0.79 -7.77 -33.95
C ASP C 267 0.77 -7.88 -33.95
N SER C 268 1.40 -7.13 -33.06
CA SER C 268 2.84 -7.16 -32.97
C SER C 268 3.36 -8.58 -32.62
N PHE C 269 4.51 -8.93 -33.17
CA PHE C 269 5.28 -10.00 -32.57
C PHE C 269 6.14 -9.39 -31.40
N LEU C 270 5.93 -9.89 -30.17
CA LEU C 270 6.45 -9.29 -28.93
C LEU C 270 7.39 -10.20 -28.10
N VAL C 271 8.60 -9.71 -27.87
CA VAL C 271 9.48 -10.31 -26.90
C VAL C 271 9.28 -9.55 -25.60
N GLY C 272 9.03 -10.26 -24.50
CA GLY C 272 8.90 -9.60 -23.21
C GLY C 272 10.15 -9.87 -22.41
N SER C 273 10.92 -8.83 -22.14
CA SER C 273 12.22 -9.01 -21.51
C SER C 273 12.53 -7.81 -20.66
N GLY C 274 13.64 -7.94 -19.88
CA GLY C 274 14.06 -6.96 -18.87
C GLY C 274 13.66 -7.54 -17.48
N GLY C 275 14.64 -8.20 -16.86
CA GLY C 275 14.45 -8.80 -15.56
C GLY C 275 13.68 -10.12 -15.54
N ILE C 276 13.66 -10.87 -16.64
CA ILE C 276 13.15 -12.23 -16.60
C ILE C 276 14.25 -13.15 -16.00
N ARG C 277 14.00 -13.69 -14.80
CA ARG C 277 15.03 -14.41 -14.04
C ARG C 277 14.67 -15.86 -13.73
N SER C 278 13.46 -16.26 -14.10
CA SER C 278 13.02 -17.63 -13.85
C SER C 278 12.04 -18.01 -14.95
N GLY C 279 11.73 -19.30 -15.09
CA GLY C 279 10.65 -19.72 -16.00
C GLY C 279 9.26 -19.25 -15.58
N LEU C 280 9.08 -19.00 -14.28
CA LEU C 280 7.89 -18.33 -13.81
C LEU C 280 7.74 -16.89 -14.36
N ASP C 281 8.77 -16.04 -14.18
CA ASP C 281 8.78 -14.74 -14.87
C ASP C 281 8.46 -14.88 -16.40
N ALA C 282 9.04 -15.89 -17.05
CA ALA C 282 8.83 -16.09 -18.48
C ALA C 282 7.36 -16.43 -18.75
N ALA C 283 6.83 -17.35 -17.94
CA ALA C 283 5.38 -17.66 -18.04
C ALA C 283 4.50 -16.40 -17.91
N LYS C 284 4.81 -15.56 -16.92
CA LYS C 284 4.00 -14.36 -16.65
C LYS C 284 4.05 -13.44 -17.86
N ALA C 285 5.27 -13.28 -18.42
CA ALA C 285 5.51 -12.36 -19.57
C ALA C 285 4.62 -12.75 -20.80
N ILE C 286 4.59 -14.04 -21.08
CA ILE C 286 3.86 -14.61 -22.17
C ILE C 286 2.40 -14.50 -21.85
N ALA C 287 1.98 -14.91 -20.65
CA ALA C 287 0.59 -14.79 -20.23
C ALA C 287 0.05 -13.37 -20.33
N LEU C 288 0.85 -12.37 -19.93
CA LEU C 288 0.48 -10.97 -20.10
C LEU C 288 0.37 -10.46 -21.52
N GLY C 289 1.04 -11.06 -22.50
CA GLY C 289 0.90 -10.44 -23.82
C GLY C 289 2.06 -10.73 -24.74
N ALA C 290 3.20 -11.18 -24.18
CA ALA C 290 4.37 -11.42 -25.04
C ALA C 290 4.21 -12.74 -25.77
N ASP C 291 4.87 -12.84 -26.95
CA ASP C 291 4.99 -14.10 -27.68
C ASP C 291 6.15 -14.92 -27.20
N ILE C 292 7.21 -14.23 -26.78
CA ILE C 292 8.30 -14.91 -26.16
C ILE C 292 8.92 -14.14 -24.98
N ALA C 293 9.60 -14.86 -24.12
CA ALA C 293 10.34 -14.24 -23.03
C ALA C 293 11.77 -14.09 -23.43
N GLY C 294 12.35 -12.90 -23.25
CA GLY C 294 13.78 -12.73 -23.52
C GLY C 294 14.61 -12.61 -22.26
N MET C 295 15.90 -13.01 -22.32
CA MET C 295 16.80 -12.95 -21.14
C MET C 295 18.22 -12.59 -21.63
N ALA C 296 18.96 -11.82 -20.86
CA ALA C 296 20.34 -11.54 -21.21
C ALA C 296 21.22 -11.75 -19.95
N LEU C 297 21.12 -10.87 -18.95
CA LEU C 297 22.08 -10.93 -17.84
C LEU C 297 22.29 -12.34 -17.19
N PRO C 298 21.20 -13.09 -16.87
CA PRO C 298 21.52 -14.35 -16.18
C PRO C 298 22.17 -15.38 -17.11
N VAL C 299 21.93 -15.26 -18.41
CA VAL C 299 22.63 -16.08 -19.37
C VAL C 299 24.15 -15.75 -19.37
N LEU C 300 24.50 -14.46 -19.38
CA LEU C 300 25.88 -14.01 -19.30
C LEU C 300 26.57 -14.62 -18.03
N LYS C 301 25.95 -14.46 -16.87
CA LYS C 301 26.52 -14.96 -15.63
C LYS C 301 26.82 -16.46 -15.66
N SER C 302 25.89 -17.25 -16.20
CA SER C 302 26.10 -18.67 -16.31
C SER C 302 27.15 -18.98 -17.35
N ALA C 303 27.09 -18.32 -18.48
CA ALA C 303 28.06 -18.53 -19.52
C ALA C 303 29.45 -18.30 -19.00
N ILE C 304 29.65 -17.29 -18.17
CA ILE C 304 30.98 -17.00 -17.63
C ILE C 304 31.46 -18.14 -16.73
N GLU C 305 30.54 -18.76 -16.00
CA GLU C 305 30.89 -19.93 -15.20
C GLU C 305 31.15 -21.17 -16.09
N GLY C 306 30.64 -21.17 -17.33
CA GLY C 306 30.90 -22.27 -18.25
C GLY C 306 29.70 -22.96 -18.88
N LYS C 307 30.01 -23.85 -19.80
CA LYS C 307 29.03 -24.44 -20.63
C LYS C 307 28.04 -25.23 -19.71
N GLU C 308 28.59 -26.04 -18.82
CA GLU C 308 27.72 -26.87 -18.02
C GLU C 308 26.80 -26.07 -17.11
N SER C 309 27.33 -25.00 -16.54
CA SER C 309 26.53 -24.11 -15.76
C SER C 309 25.37 -23.49 -16.57
N LEU C 310 25.64 -23.14 -17.82
CA LEU C 310 24.66 -22.57 -18.70
C LEU C 310 23.62 -23.59 -19.11
N GLU C 311 24.04 -24.82 -19.32
CA GLU C 311 23.12 -25.90 -19.61
C GLU C 311 22.15 -26.14 -18.45
N GLN C 312 22.68 -26.16 -17.24
CA GLN C 312 21.87 -26.30 -16.06
C GLN C 312 20.91 -25.12 -15.93
N PHE C 313 21.35 -23.91 -16.29
CA PHE C 313 20.49 -22.75 -16.15
C PHE C 313 19.24 -22.91 -17.07
N PHE C 314 19.46 -23.26 -18.33
CA PHE C 314 18.33 -23.44 -19.27
C PHE C 314 17.37 -24.60 -18.85
N ARG C 315 17.94 -25.70 -18.35
CA ARG C 315 17.17 -26.82 -17.83
C ARG C 315 16.20 -26.31 -16.72
N LYS C 316 16.69 -25.50 -15.85
CA LYS C 316 15.93 -24.95 -14.77
C LYS C 316 14.89 -23.95 -15.27
N ILE C 317 15.24 -23.05 -16.18
CA ILE C 317 14.25 -22.11 -16.78
C ILE C 317 13.08 -22.86 -17.45
N ILE C 318 13.41 -23.91 -18.17
CA ILE C 318 12.44 -24.67 -18.97
C ILE C 318 11.55 -25.48 -18.01
N PHE C 319 12.16 -26.09 -16.99
CA PHE C 319 11.37 -26.75 -15.98
C PHE C 319 10.36 -25.81 -15.27
N GLU C 320 10.83 -24.63 -14.89
CA GLU C 320 9.98 -23.65 -14.26
C GLU C 320 8.89 -23.15 -15.21
N LEU C 321 9.24 -22.95 -16.48
CA LEU C 321 8.22 -22.54 -17.42
C LEU C 321 7.11 -23.63 -17.48
N LYS C 322 7.50 -24.88 -17.58
CA LYS C 322 6.59 -25.97 -17.75
C LYS C 322 5.75 -26.19 -16.50
N ALA C 323 6.35 -25.95 -15.32
CA ALA C 323 5.62 -26.06 -14.05
C ALA C 323 4.49 -25.03 -14.06
N ALA C 324 4.80 -23.78 -14.50
CA ALA C 324 3.78 -22.74 -14.56
C ALA C 324 2.65 -23.08 -15.60
N MET C 325 3.01 -23.62 -16.76
CA MET C 325 2.03 -24.18 -17.72
C MET C 325 1.19 -25.30 -17.10
N MET C 326 1.86 -26.27 -16.46
CA MET C 326 1.19 -27.39 -15.81
C MET C 326 0.14 -26.85 -14.81
N LEU C 327 0.56 -25.89 -14.01
CA LEU C 327 -0.22 -25.47 -12.88
C LEU C 327 -1.30 -24.45 -13.29
N THR C 328 -1.36 -24.07 -14.58
CA THR C 328 -2.41 -23.17 -15.06
C THR C 328 -3.26 -23.99 -16.02
N GLY C 329 -2.91 -25.27 -16.21
CA GLY C 329 -3.56 -26.13 -17.20
C GLY C 329 -3.32 -25.77 -18.67
N SER C 330 -2.12 -25.29 -18.98
CA SER C 330 -1.73 -24.82 -20.30
C SER C 330 -0.95 -25.92 -21.01
N LYS C 331 -1.60 -26.59 -22.00
CA LYS C 331 -0.92 -27.71 -22.68
C LYS C 331 0.14 -27.20 -23.65
N ASP C 332 0.08 -25.92 -24.00
CA ASP C 332 0.93 -25.40 -25.01
C ASP C 332 1.01 -23.89 -24.85
N VAL C 333 1.90 -23.26 -25.61
CA VAL C 333 2.21 -21.83 -25.49
C VAL C 333 0.97 -20.96 -25.76
N ASP C 334 0.22 -21.38 -26.77
CA ASP C 334 -1.04 -20.74 -27.08
C ASP C 334 -2.01 -20.77 -25.95
N ALA C 335 -2.11 -21.87 -25.24
CA ALA C 335 -3.00 -21.88 -24.06
C ALA C 335 -2.42 -20.96 -22.94
N LEU C 336 -1.09 -20.89 -22.78
CA LEU C 336 -0.46 -20.00 -21.72
C LEU C 336 -0.81 -18.54 -22.00
N LYS C 337 -0.72 -18.13 -23.27
CA LYS C 337 -1.12 -16.80 -23.69
C LYS C 337 -2.55 -16.44 -23.27
N LYS C 338 -3.40 -17.46 -23.12
CA LYS C 338 -4.85 -17.20 -22.79
C LYS C 338 -5.23 -17.52 -21.34
N THR C 339 -4.26 -17.99 -20.55
CA THR C 339 -4.62 -18.47 -19.22
C THR C 339 -5.05 -17.32 -18.33
N SER C 340 -5.81 -17.63 -17.29
CA SER C 340 -6.32 -16.66 -16.34
C SER C 340 -5.22 -16.02 -15.43
N ILE C 341 -5.29 -14.70 -15.28
CA ILE C 341 -4.35 -13.97 -14.49
C ILE C 341 -5.10 -13.00 -13.55
N VAL C 342 -4.36 -12.40 -12.61
CA VAL C 342 -4.89 -11.34 -11.84
C VAL C 342 -3.78 -10.28 -11.92
N ILE C 343 -4.22 -9.02 -12.05
CA ILE C 343 -3.33 -7.89 -12.04
C ILE C 343 -3.74 -6.98 -10.88
N LEU C 344 -2.76 -6.59 -10.09
CA LEU C 344 -2.98 -5.91 -8.84
C LEU C 344 -2.07 -4.66 -8.76
N GLY C 345 -2.22 -3.92 -7.64
CA GLY C 345 -1.21 -2.96 -7.19
C GLY C 345 -0.85 -1.92 -8.24
N LYS C 346 0.42 -1.57 -8.29
CA LYS C 346 0.87 -0.44 -9.14
C LYS C 346 0.71 -0.73 -10.60
N LEU C 347 0.90 -2.00 -11.02
CA LEU C 347 0.62 -2.32 -12.43
C LEU C 347 -0.85 -2.00 -12.81
N LYS C 348 -1.81 -2.32 -11.95
CA LYS C 348 -3.19 -2.00 -12.17
C LYS C 348 -3.43 -0.51 -12.27
N GLU C 349 -2.78 0.24 -11.40
CA GLU C 349 -2.91 1.68 -11.42
C GLU C 349 -2.25 2.28 -12.65
N TRP C 350 -1.14 1.67 -13.10
CA TRP C 350 -0.43 2.16 -14.28
C TRP C 350 -1.37 1.97 -15.50
N ALA C 351 -1.89 0.76 -15.72
CA ALA C 351 -2.86 0.48 -16.77
C ALA C 351 -4.07 1.39 -16.79
N GLU C 352 -4.65 1.63 -15.62
CA GLU C 352 -5.83 2.51 -15.50
C GLU C 352 -5.53 3.94 -15.89
N TYR C 353 -4.48 4.50 -15.31
CA TYR C 353 -4.09 5.83 -15.69
C TYR C 353 -3.77 5.96 -17.21
N ARG C 354 -3.18 4.94 -17.80
CA ARG C 354 -2.77 5.01 -19.21
C ARG C 354 -3.93 4.64 -20.18
N GLY C 355 -5.13 4.44 -19.64
CA GLY C 355 -6.31 4.22 -20.48
C GLY C 355 -6.34 2.81 -21.03
N ILE C 356 -5.73 1.86 -20.32
CA ILE C 356 -5.77 0.46 -20.73
C ILE C 356 -7.01 -0.15 -20.12
N ASN C 357 -8.04 -0.21 -20.94
CA ASN C 357 -9.29 -0.77 -20.55
C ASN C 357 -9.00 -2.25 -20.40
N LEU C 358 -9.18 -2.77 -19.18
CA LEU C 358 -8.90 -4.17 -18.89
C LEU C 358 -9.70 -5.19 -19.71
N SER C 359 -11.00 -4.90 -19.95
CA SER C 359 -11.82 -5.74 -20.82
C SER C 359 -11.17 -5.85 -22.16
N ILE C 360 -10.93 -4.71 -22.79
CA ILE C 360 -10.36 -4.83 -24.09
C ILE C 360 -8.96 -5.46 -24.02
N TYR C 361 -8.21 -5.18 -22.95
CA TYR C 361 -6.91 -5.83 -22.76
C TYR C 361 -7.04 -7.36 -22.77
N GLU C 362 -7.94 -7.89 -21.96
CA GLU C 362 -8.20 -9.34 -21.92
C GLU C 362 -8.43 -9.97 -23.29
N LYS C 363 -9.29 -9.36 -24.11
CA LYS C 363 -9.60 -9.84 -25.43
C LYS C 363 -8.36 -9.83 -26.30
N VAL C 364 -7.67 -8.68 -26.31
CA VAL C 364 -6.43 -8.54 -27.10
C VAL C 364 -5.31 -9.58 -26.75
N ARG C 365 -5.00 -9.75 -25.46
CA ARG C 365 -3.97 -10.73 -25.05
C ARG C 365 -4.52 -12.15 -25.25
N LYS C 366 -5.84 -12.26 -25.13
CA LYS C 366 -6.64 -13.46 -25.40
C LYS C 366 -6.93 -14.30 -24.14
N ASP D 3 17.74 41.63 15.86
CA ASP D 3 16.87 40.67 16.62
C ASP D 3 15.79 39.95 15.73
N ILE D 4 14.98 40.73 15.00
CA ILE D 4 14.40 40.19 13.76
C ILE D 4 15.61 39.75 12.90
N VAL D 5 16.66 40.58 12.89
CA VAL D 5 17.97 40.24 12.30
C VAL D 5 18.46 38.88 12.82
N ASN D 6 18.27 38.59 14.10
CA ASN D 6 18.75 37.30 14.65
C ASN D 6 17.98 36.08 14.24
N ARG D 7 16.68 36.25 14.14
CA ARG D 7 15.81 35.17 13.67
C ARG D 7 16.16 34.80 12.22
N LYS D 8 16.55 35.78 11.43
CA LYS D 8 16.98 35.60 10.05
C LYS D 8 18.27 34.78 10.03
N VAL D 9 19.23 35.15 10.90
CA VAL D 9 20.45 34.36 11.03
C VAL D 9 20.12 32.88 11.40
N GLU D 10 19.32 32.72 12.46
CA GLU D 10 18.91 31.44 12.97
C GLU D 10 18.14 30.57 11.97
N HIS D 11 17.21 31.18 11.24
CA HIS D 11 16.55 30.50 10.09
C HIS D 11 17.55 29.87 9.11
N VAL D 12 18.53 30.66 8.66
CA VAL D 12 19.50 30.17 7.70
C VAL D 12 20.29 29.00 8.32
N GLU D 13 20.74 29.20 9.55
CA GLU D 13 21.56 28.20 10.24
C GLU D 13 20.86 26.87 10.46
N ILE D 14 19.62 26.89 10.92
CA ILE D 14 18.81 25.71 11.07
C ILE D 14 18.49 25.04 9.72
N ALA D 15 18.06 25.86 8.74
CA ALA D 15 17.78 25.32 7.41
C ALA D 15 19.07 24.73 6.83
N ALA D 16 20.19 25.43 6.95
CA ALA D 16 21.45 24.91 6.35
C ALA D 16 22.02 23.70 7.09
N PHE D 17 21.86 23.65 8.42
CA PHE D 17 22.68 22.71 9.18
C PHE D 17 21.94 21.70 10.01
N GLU D 18 20.66 21.95 10.31
CA GLU D 18 19.84 20.95 10.98
C GLU D 18 19.05 20.06 9.98
N ASN D 19 18.38 19.03 10.52
CA ASN D 19 17.74 18.05 9.71
C ASN D 19 16.24 18.45 9.50
N VAL D 20 15.94 19.30 8.52
CA VAL D 20 14.57 19.85 8.37
C VAL D 20 14.10 19.75 6.90
N ASP D 21 14.94 19.17 6.03
CA ASP D 21 14.58 18.96 4.62
C ASP D 21 13.70 17.72 4.50
N GLY D 22 12.41 17.92 4.32
CA GLY D 22 11.54 16.78 4.09
C GLY D 22 11.28 16.01 5.40
N LEU D 23 11.50 16.64 6.55
CA LEU D 23 11.29 15.96 7.84
C LEU D 23 9.82 15.55 8.07
N SER D 24 9.61 14.23 8.14
CA SER D 24 8.25 13.65 8.33
C SER D 24 7.22 14.14 7.32
N SER D 25 7.68 14.61 6.18
CA SER D 25 6.76 15.14 5.19
C SER D 25 7.04 14.55 3.77
N SER D 26 6.18 14.85 2.79
CA SER D 26 6.37 14.26 1.48
C SER D 26 5.81 15.20 0.38
N THR D 27 6.55 15.26 -0.76
CA THR D 27 6.07 16.04 -1.92
C THR D 27 4.97 15.34 -2.75
N PHE D 28 4.80 14.03 -2.54
CA PHE D 28 4.06 13.11 -3.39
C PHE D 28 4.64 12.96 -4.78
N LEU D 29 5.84 13.49 -5.05
CA LEU D 29 6.41 13.37 -6.44
C LEU D 29 6.81 11.95 -6.80
N ASN D 30 6.93 11.07 -5.82
CA ASN D 30 7.22 9.68 -6.11
C ASN D 30 5.99 9.01 -6.69
N ASP D 31 4.84 9.67 -6.62
CA ASP D 31 3.63 9.12 -7.24
C ASP D 31 3.45 9.59 -8.67
N VAL D 32 4.38 10.44 -9.14
CA VAL D 32 4.36 10.93 -10.53
C VAL D 32 5.48 10.24 -11.31
N ILE D 33 5.12 9.53 -12.38
CA ILE D 33 6.11 8.95 -13.25
C ILE D 33 6.00 9.64 -14.63
N LEU D 34 7.14 10.08 -15.17
CA LEU D 34 7.25 10.55 -16.53
C LEU D 34 7.45 9.32 -17.44
N VAL D 35 6.60 9.14 -18.46
CA VAL D 35 6.67 7.97 -19.33
C VAL D 35 7.92 7.99 -20.23
N HIS D 36 8.76 6.98 -20.09
CA HIS D 36 9.96 6.89 -20.92
C HIS D 36 9.63 6.66 -22.43
N GLN D 37 10.28 7.41 -23.31
CA GLN D 37 10.18 7.17 -24.75
C GLN D 37 11.48 6.66 -25.32
N GLY D 38 11.57 5.35 -25.63
CA GLY D 38 12.81 4.77 -26.11
C GLY D 38 13.22 5.33 -27.47
N PHE D 39 12.25 5.85 -28.23
CA PHE D 39 12.58 6.64 -29.43
C PHE D 39 12.19 8.10 -29.22
N PRO D 40 13.11 8.92 -28.69
CA PRO D 40 12.74 10.29 -28.36
C PRO D 40 12.36 11.23 -29.54
N GLY D 41 13.00 11.07 -30.70
CA GLY D 41 12.64 11.82 -31.92
C GLY D 41 13.41 13.13 -31.97
N ILE D 42 14.45 13.18 -31.14
CA ILE D 42 15.21 14.41 -30.98
C ILE D 42 16.61 14.09 -30.62
N SER D 43 17.42 15.13 -30.62
CA SER D 43 18.81 14.95 -30.23
C SER D 43 18.97 15.77 -28.96
N PHE D 44 19.82 15.33 -28.05
CA PHE D 44 20.06 16.07 -26.84
C PHE D 44 20.38 17.54 -27.08
N SER D 45 21.20 17.78 -28.13
CA SER D 45 21.79 19.09 -28.37
C SER D 45 20.74 20.06 -28.88
N GLU D 46 19.64 19.56 -29.41
CA GLU D 46 18.63 20.48 -29.92
C GLU D 46 17.61 20.89 -28.84
N ILE D 47 17.67 20.28 -27.66
CA ILE D 47 16.71 20.59 -26.62
C ILE D 47 16.81 22.07 -26.23
N ASN D 48 15.66 22.74 -26.16
CA ASN D 48 15.63 24.16 -25.85
C ASN D 48 14.94 24.42 -24.49
N THR D 49 15.65 25.02 -23.56
CA THR D 49 15.05 25.17 -22.22
C THR D 49 14.57 26.57 -21.95
N LYS D 50 14.74 27.48 -22.89
CA LYS D 50 14.21 28.82 -22.70
C LYS D 50 12.71 28.89 -22.43
N THR D 51 12.31 29.91 -21.67
CA THR D 51 10.91 30.14 -21.38
C THR D 51 10.68 31.58 -20.89
N LYS D 52 9.41 31.97 -20.81
CA LYS D 52 9.04 33.32 -20.42
C LYS D 52 8.85 33.40 -18.92
N PHE D 53 9.37 34.50 -18.36
CA PHE D 53 9.11 34.96 -17.01
C PHE D 53 8.62 36.41 -17.07
N PHE D 54 7.31 36.56 -17.08
CA PHE D 54 6.70 37.88 -17.29
C PHE D 54 7.24 38.48 -18.60
N ARG D 55 7.92 39.60 -18.55
CA ARG D 55 8.40 40.26 -19.80
C ARG D 55 9.82 39.88 -20.21
N LYS D 56 10.48 39.03 -19.42
CA LYS D 56 11.81 38.64 -19.81
C LYS D 56 11.82 37.21 -20.29
N GLU D 57 12.89 36.82 -20.96
CA GLU D 57 13.14 35.42 -21.27
C GLU D 57 14.20 34.92 -20.28
N ILE D 58 14.09 33.67 -19.87
CA ILE D 58 15.02 33.05 -18.96
C ILE D 58 15.55 31.81 -19.64
N SER D 59 16.74 31.34 -19.23
CA SER D 59 17.36 30.28 -19.97
C SER D 59 16.82 28.88 -19.69
N VAL D 60 16.19 28.71 -18.53
CA VAL D 60 15.87 27.42 -17.95
C VAL D 60 14.56 27.65 -17.19
N PRO D 61 13.60 26.69 -17.17
CA PRO D 61 12.35 26.94 -16.47
C PRO D 61 12.46 26.60 -14.98
N VAL D 62 13.39 27.27 -14.31
CA VAL D 62 13.69 27.05 -12.91
C VAL D 62 13.93 28.45 -12.29
N MET D 63 13.46 28.69 -11.06
CA MET D 63 13.86 29.87 -10.34
C MET D 63 14.38 29.49 -8.92
N VAL D 64 15.24 30.36 -8.39
CA VAL D 64 15.61 30.32 -7.00
C VAL D 64 14.58 31.12 -6.22
N THR D 65 13.83 30.53 -5.28
CA THR D 65 12.81 31.32 -4.55
C THR D 65 13.39 32.07 -3.34
N GLY D 66 12.62 33.01 -2.78
CA GLY D 66 13.08 33.90 -1.74
C GLY D 66 13.62 33.22 -0.44
N MET D 67 14.74 33.72 0.09
CA MET D 67 15.29 33.11 1.34
C MET D 67 15.78 34.13 2.33
N THR D 68 16.76 34.94 1.93
CA THR D 68 17.44 35.65 2.96
C THR D 68 17.75 37.08 2.62
N GLY D 69 18.42 37.76 3.56
CA GLY D 69 18.69 39.20 3.49
C GLY D 69 18.51 39.73 4.90
N GLY D 70 19.13 40.86 5.20
CA GLY D 70 18.92 41.47 6.52
C GLY D 70 20.18 41.78 7.35
N ARG D 71 21.30 41.13 7.02
CA ARG D 71 22.60 41.40 7.65
C ARG D 71 23.66 41.16 6.59
N ASN D 72 24.89 41.60 6.84
CA ASN D 72 25.90 41.56 5.76
C ASN D 72 26.35 40.16 5.31
N GLU D 73 26.38 39.21 6.26
CA GLU D 73 26.70 37.83 5.91
C GLU D 73 25.58 37.19 5.10
N LEU D 74 24.35 37.61 5.34
CA LEU D 74 23.21 37.16 4.57
C LEU D 74 23.28 37.72 3.15
N GLY D 75 23.72 38.98 3.03
CA GLY D 75 23.93 39.63 1.72
C GLY D 75 25.06 39.00 0.89
N ARG D 76 26.08 38.50 1.57
CA ARG D 76 27.15 37.75 0.90
C ARG D 76 26.60 36.43 0.26
N ILE D 77 25.65 35.81 0.94
CA ILE D 77 24.95 34.67 0.38
C ILE D 77 24.09 35.12 -0.80
N ASN D 78 23.32 36.20 -0.64
CA ASN D 78 22.51 36.71 -1.72
C ASN D 78 23.38 37.11 -2.91
N LYS D 79 24.59 37.56 -2.61
CA LYS D 79 25.49 38.03 -3.67
C LYS D 79 25.90 36.86 -4.55
N ILE D 80 26.29 35.77 -3.90
CA ILE D 80 26.73 34.56 -4.58
C ILE D 80 25.59 33.95 -5.38
N ILE D 81 24.39 33.86 -4.80
CA ILE D 81 23.26 33.28 -5.50
C ILE D 81 22.94 34.15 -6.68
N ALA D 82 22.87 35.46 -6.49
CA ALA D 82 22.55 36.36 -7.60
C ALA D 82 23.57 36.38 -8.72
N GLU D 83 24.86 36.39 -8.41
CA GLU D 83 25.82 36.37 -9.52
C GLU D 83 25.80 35.05 -10.31
N VAL D 84 25.52 33.94 -9.65
CA VAL D 84 25.44 32.67 -10.34
C VAL D 84 24.10 32.60 -11.14
N ALA D 85 22.99 33.02 -10.52
CA ALA D 85 21.72 33.06 -11.23
C ALA D 85 21.82 33.90 -12.50
N GLU D 86 22.53 35.02 -12.42
CA GLU D 86 22.79 35.90 -13.60
C GLU D 86 23.57 35.15 -14.71
N LYS D 87 24.61 34.48 -14.31
CA LYS D 87 25.44 33.72 -15.23
C LYS D 87 24.56 32.66 -15.95
N PHE D 88 23.60 32.07 -15.24
CA PHE D 88 22.81 30.97 -15.82
C PHE D 88 21.51 31.42 -16.49
N GLY D 89 21.13 32.70 -16.31
CA GLY D 89 19.91 33.21 -16.94
C GLY D 89 18.71 32.69 -16.16
N ILE D 90 18.86 32.55 -14.84
CA ILE D 90 17.73 32.16 -14.00
C ILE D 90 17.24 33.20 -12.99
N PRO D 91 15.91 33.34 -12.89
CA PRO D 91 15.38 34.32 -11.96
C PRO D 91 15.67 33.98 -10.50
N MET D 92 15.73 35.04 -9.68
CA MET D 92 15.98 34.91 -8.28
C MET D 92 15.04 35.80 -7.47
N GLY D 93 14.35 35.19 -6.52
CA GLY D 93 13.65 35.95 -5.46
C GLY D 93 14.62 36.17 -4.29
N VAL D 94 14.42 37.27 -3.58
CA VAL D 94 15.14 37.53 -2.35
C VAL D 94 14.27 37.14 -1.18
N GLY D 95 14.86 37.09 0.03
CA GLY D 95 14.13 36.81 1.28
C GLY D 95 13.22 37.95 1.66
N SER D 96 12.33 37.71 2.62
CA SER D 96 11.49 38.80 3.13
C SER D 96 12.27 40.08 3.40
N GLN D 97 11.77 41.17 2.80
CA GLN D 97 12.38 42.48 2.90
C GLN D 97 11.85 43.34 4.06
N ARG D 98 10.96 42.80 4.87
CA ARG D 98 10.50 43.46 6.09
C ARG D 98 11.69 44.07 6.89
N VAL D 99 12.66 43.22 7.19
CA VAL D 99 13.86 43.57 7.95
C VAL D 99 14.53 44.79 7.41
N ALA D 100 14.47 45.01 6.11
CA ALA D 100 15.05 46.21 5.48
C ALA D 100 14.07 47.37 5.32
N ILE D 101 12.79 47.15 5.59
CA ILE D 101 11.87 48.28 5.69
C ILE D 101 12.08 48.88 7.13
N GLU D 102 12.27 48.00 8.11
CA GLU D 102 12.44 48.38 9.52
C GLU D 102 13.84 48.92 9.89
N LYS D 103 14.87 48.50 9.16
CA LYS D 103 16.24 48.90 9.48
C LYS D 103 16.99 49.21 8.19
N ALA D 104 17.34 50.47 8.00
CA ALA D 104 18.05 50.89 6.80
C ALA D 104 19.42 50.18 6.57
N GLU D 105 20.04 49.66 7.63
CA GLU D 105 21.33 48.94 7.51
C GLU D 105 21.17 47.56 6.87
N ALA D 106 19.92 47.09 6.76
CA ALA D 106 19.62 45.79 6.18
C ALA D 106 19.50 45.88 4.66
N ARG D 107 19.42 47.10 4.14
CA ARG D 107 19.10 47.34 2.75
C ARG D 107 20.12 46.81 1.76
N GLU D 108 21.40 47.07 2.06
CA GLU D 108 22.47 46.68 1.14
C GLU D 108 22.50 45.16 0.92
N SER D 109 22.01 44.39 1.88
CA SER D 109 22.05 42.95 1.79
C SER D 109 21.00 42.41 0.80
N PHE D 110 20.07 43.27 0.38
CA PHE D 110 19.18 43.01 -0.75
C PHE D 110 19.61 43.66 -2.05
N ALA D 111 19.99 44.94 -2.01
CA ALA D 111 20.39 45.70 -3.20
C ALA D 111 21.57 45.10 -3.94
N ILE D 112 22.45 44.41 -3.21
CA ILE D 112 23.63 43.76 -3.82
C ILE D 112 23.22 42.79 -4.93
N VAL D 113 22.04 42.19 -4.77
CA VAL D 113 21.48 41.24 -5.77
C VAL D 113 21.43 41.90 -7.14
N ARG D 114 20.90 43.11 -7.23
CA ARG D 114 20.72 43.75 -8.53
C ARG D 114 22.04 44.34 -9.09
N LYS D 115 22.99 44.65 -8.22
CA LYS D 115 24.28 45.18 -8.65
C LYS D 115 24.99 44.13 -9.50
N VAL D 116 24.80 42.90 -9.10
CA VAL D 116 25.60 41.78 -9.54
C VAL D 116 24.77 40.96 -10.58
N ALA D 117 23.45 41.17 -10.57
CA ALA D 117 22.58 40.50 -11.56
C ALA D 117 21.69 41.52 -12.24
N PRO D 118 22.23 42.23 -13.24
CA PRO D 118 21.51 43.35 -13.85
C PRO D 118 20.47 42.93 -14.89
N THR D 119 20.53 41.70 -15.40
CA THR D 119 19.59 41.32 -16.45
C THR D 119 18.45 40.34 -16.06
N ILE D 120 18.70 39.35 -15.21
CA ILE D 120 17.68 38.36 -14.80
C ILE D 120 16.51 38.97 -14.08
N PRO D 121 15.34 38.30 -14.13
CA PRO D 121 14.26 38.70 -13.23
C PRO D 121 14.72 38.59 -11.76
N ILE D 122 14.46 39.64 -10.98
CA ILE D 122 14.63 39.62 -9.54
C ILE D 122 13.26 39.82 -8.90
N ILE D 123 12.94 39.04 -7.88
CA ILE D 123 11.60 39.07 -7.31
C ILE D 123 11.67 39.54 -5.86
N ALA D 124 10.99 40.65 -5.56
CA ALA D 124 10.89 41.17 -4.17
C ALA D 124 10.06 40.26 -3.25
N ASN D 125 10.02 40.57 -1.97
CA ASN D 125 9.38 39.68 -1.01
C ASN D 125 8.92 40.42 0.25
N LEU D 126 7.63 40.24 0.58
CA LEU D 126 7.05 40.71 1.85
C LEU D 126 6.05 39.67 2.28
N GLY D 127 5.74 39.66 3.57
CA GLY D 127 4.88 38.65 4.13
C GLY D 127 3.45 39.16 4.22
N MET D 128 2.49 38.28 3.96
CA MET D 128 1.07 38.64 4.08
C MET D 128 0.65 39.29 5.40
N PRO D 129 1.14 38.78 6.56
CA PRO D 129 0.83 39.44 7.88
C PRO D 129 1.12 40.93 7.98
N GLN D 130 2.12 41.40 7.23
CA GLN D 130 2.51 42.80 7.28
C GLN D 130 1.42 43.68 6.63
N LEU D 131 0.66 43.10 5.70
CA LEU D 131 -0.46 43.81 5.07
C LEU D 131 -1.57 44.07 6.09
N VAL D 132 -1.73 43.21 7.08
CA VAL D 132 -2.75 43.56 8.06
C VAL D 132 -2.19 44.48 9.18
N LYS D 133 -0.89 44.72 9.15
CA LYS D 133 -0.21 45.49 10.14
C LYS D 133 0.39 46.80 9.61
N GLY D 134 -0.25 47.39 8.62
CA GLY D 134 0.20 48.73 8.27
C GLY D 134 0.92 48.89 6.97
N TYR D 135 1.58 47.84 6.45
CA TYR D 135 2.15 47.90 5.12
C TYR D 135 1.12 48.11 4.06
N GLY D 136 1.47 48.83 3.00
CA GLY D 136 0.58 49.08 1.91
C GLY D 136 1.46 49.45 0.73
N LEU D 137 0.93 50.22 -0.19
CA LEU D 137 1.59 50.56 -1.43
C LEU D 137 3.05 51.01 -1.30
N LYS D 138 3.33 51.90 -0.36
CA LYS D 138 4.62 52.53 -0.35
C LYS D 138 5.69 51.49 0.03
N GLU D 139 5.37 50.64 1.01
CA GLU D 139 6.28 49.59 1.43
C GLU D 139 6.52 48.58 0.29
N PHE D 140 5.48 48.27 -0.51
CA PHE D 140 5.65 47.39 -1.70
C PHE D 140 6.60 48.03 -2.69
N GLN D 141 6.35 49.32 -2.97
CA GLN D 141 7.19 50.10 -3.92
C GLN D 141 8.62 50.24 -3.40
N ASP D 142 8.82 50.37 -2.09
CA ASP D 142 10.17 50.40 -1.49
C ASP D 142 10.91 49.05 -1.63
N ALA D 143 10.24 47.96 -1.27
CA ALA D 143 10.73 46.60 -1.57
C ALA D 143 11.14 46.43 -3.04
N ILE D 144 10.28 46.89 -3.95
CA ILE D 144 10.55 46.76 -5.38
C ILE D 144 11.76 47.60 -5.87
N GLN D 145 11.78 48.91 -5.58
CA GLN D 145 12.85 49.77 -6.10
C GLN D 145 14.21 49.39 -5.44
N MET D 146 14.17 48.80 -4.27
CA MET D 146 15.40 48.52 -3.53
C MET D 146 16.29 47.59 -4.32
N ILE D 147 15.67 46.83 -5.22
CA ILE D 147 16.37 45.86 -6.05
C ILE D 147 15.92 45.93 -7.49
N GLU D 148 15.26 47.02 -7.87
CA GLU D 148 14.66 47.14 -9.22
C GLU D 148 14.06 45.78 -9.66
N ALA D 149 13.13 45.30 -8.84
CA ALA D 149 12.47 44.03 -9.01
C ALA D 149 11.56 43.98 -10.23
N ASP D 150 11.41 42.79 -10.84
CA ASP D 150 10.44 42.62 -11.92
C ASP D 150 9.15 42.06 -11.45
N ALA D 151 9.05 41.78 -10.15
CA ALA D 151 7.80 41.30 -9.59
C ALA D 151 8.00 41.27 -8.07
N ILE D 152 6.91 41.15 -7.33
CA ILE D 152 7.00 40.99 -5.93
C ILE D 152 6.19 39.75 -5.55
N ALA D 153 6.80 38.94 -4.70
CA ALA D 153 6.18 37.80 -4.06
C ALA D 153 5.65 38.21 -2.69
N VAL D 154 4.41 37.84 -2.39
CA VAL D 154 3.84 37.97 -1.06
C VAL D 154 3.69 36.59 -0.46
N HIS D 155 4.35 36.34 0.67
CA HIS D 155 4.36 34.96 1.14
C HIS D 155 3.24 34.67 2.13
N LEU D 156 2.72 33.45 2.04
CA LEU D 156 1.81 32.90 3.04
C LEU D 156 2.62 31.98 3.96
N ASN D 157 2.59 32.25 5.27
CA ASN D 157 3.27 31.39 6.21
C ASN D 157 2.51 31.23 7.51
N PRO D 158 1.17 31.04 7.45
CA PRO D 158 0.46 30.95 8.73
C PRO D 158 0.90 29.76 9.60
N ALA D 159 1.27 28.61 9.01
CA ALA D 159 1.71 27.47 9.84
C ALA D 159 2.98 27.82 10.61
N GLN D 160 3.93 28.40 9.91
CA GLN D 160 5.15 28.89 10.55
C GLN D 160 4.87 29.91 11.65
N GLU D 161 3.99 30.89 11.38
CA GLU D 161 3.70 31.91 12.40
C GLU D 161 3.01 31.28 13.61
N VAL D 162 2.15 30.28 13.43
CA VAL D 162 1.53 29.62 14.59
C VAL D 162 2.57 29.00 15.61
N PHE D 163 3.62 28.38 15.09
CA PHE D 163 4.57 27.66 15.91
C PHE D 163 5.80 28.53 16.25
N GLN D 164 6.02 29.61 15.50
CA GLN D 164 7.12 30.55 15.72
C GLN D 164 6.94 31.14 17.15
N PRO D 165 8.05 31.22 17.94
CA PRO D 165 7.91 31.68 19.34
C PRO D 165 7.27 33.09 19.41
N GLU D 166 7.78 33.97 18.54
CA GLU D 166 7.36 35.35 18.37
C GLU D 166 6.62 35.62 17.03
N GLY D 167 5.81 34.63 16.62
CA GLY D 167 5.04 34.68 15.36
C GLY D 167 3.75 35.51 15.37
N GLU D 168 3.34 35.94 14.17
CA GLU D 168 2.16 36.78 14.02
C GLU D 168 1.07 36.15 13.11
N PRO D 169 0.23 35.23 13.67
CA PRO D 169 -0.76 34.52 12.81
C PRO D 169 -2.04 35.38 12.55
N GLU D 170 -1.87 36.36 11.67
CA GLU D 170 -2.88 37.35 11.32
C GLU D 170 -3.16 37.32 9.85
N TYR D 171 -4.29 36.73 9.49
CA TYR D 171 -4.61 36.50 8.10
C TYR D 171 -6.07 36.92 7.77
N GLN D 172 -6.49 38.06 8.33
CA GLN D 172 -7.79 38.72 8.01
C GLN D 172 -7.93 38.97 6.53
N ILE D 173 -9.13 38.75 6.03
CA ILE D 173 -9.51 38.98 4.63
C ILE D 173 -9.17 40.38 4.15
N TYR D 174 -9.21 41.37 5.05
CA TYR D 174 -8.81 42.72 4.74
C TYR D 174 -7.43 42.78 4.07
N ALA D 175 -6.55 41.85 4.43
CA ALA D 175 -5.25 41.80 3.76
C ALA D 175 -5.34 41.64 2.24
N LEU D 176 -6.28 40.80 1.79
CA LEU D 176 -6.56 40.58 0.35
C LEU D 176 -7.16 41.79 -0.28
N GLU D 177 -8.07 42.47 0.39
CA GLU D 177 -8.62 43.76 -0.14
C GLU D 177 -7.48 44.74 -0.38
N LYS D 178 -6.59 44.83 0.60
CA LYS D 178 -5.44 45.72 0.49
C LYS D 178 -4.51 45.34 -0.66
N LEU D 179 -4.32 44.03 -0.84
CA LEU D 179 -3.41 43.48 -1.84
C LEU D 179 -3.96 43.75 -3.24
N ARG D 180 -5.24 43.51 -3.39
CA ARG D 180 -5.93 43.88 -4.61
C ARG D 180 -5.78 45.37 -4.96
N ASP D 181 -5.98 46.26 -3.99
CA ASP D 181 -5.79 47.72 -4.20
C ASP D 181 -4.33 48.02 -4.64
N ILE D 182 -3.38 47.55 -3.86
CA ILE D 182 -1.99 47.74 -4.15
C ILE D 182 -1.64 47.27 -5.55
N SER D 183 -2.24 46.17 -5.99
CA SER D 183 -1.86 45.64 -7.29
C SER D 183 -2.31 46.56 -8.45
N LYS D 184 -3.33 47.39 -8.21
CA LYS D 184 -3.78 48.42 -9.18
C LYS D 184 -2.68 49.44 -9.44
N GLU D 185 -1.94 49.75 -8.41
CA GLU D 185 -1.01 50.85 -8.41
C GLU D 185 0.45 50.47 -8.72
N LEU D 186 0.73 49.18 -8.71
CA LEU D 186 2.11 48.67 -8.80
C LEU D 186 2.50 48.51 -10.27
N SER D 187 3.74 48.77 -10.62
CA SER D 187 4.04 48.61 -12.03
C SER D 187 4.57 47.20 -12.39
N VAL D 188 4.74 46.34 -11.39
CA VAL D 188 5.15 44.94 -11.61
C VAL D 188 4.10 43.94 -11.05
N PRO D 189 4.07 42.69 -11.54
CA PRO D 189 3.10 41.72 -11.03
C PRO D 189 3.44 41.16 -9.66
N ILE D 190 2.38 40.70 -9.01
CA ILE D 190 2.39 40.01 -7.75
C ILE D 190 2.28 38.48 -7.95
N ILE D 191 3.16 37.78 -7.25
CA ILE D 191 3.08 36.35 -7.07
C ILE D 191 2.74 36.07 -5.63
N VAL D 192 1.77 35.17 -5.37
CA VAL D 192 1.53 34.71 -4.01
C VAL D 192 2.10 33.29 -3.84
N LYS D 193 2.92 33.14 -2.78
CA LYS D 193 3.68 31.92 -2.61
C LYS D 193 3.42 31.41 -1.22
N GLU D 194 3.30 30.11 -1.05
CA GLU D 194 3.30 29.57 0.31
C GLU D 194 4.74 29.45 0.82
N SER D 195 4.93 28.70 1.92
CA SER D 195 6.27 28.55 2.42
C SER D 195 6.48 27.22 3.10
N GLY D 196 6.24 26.14 2.33
CA GLY D 196 6.44 24.76 2.82
C GLY D 196 5.21 23.99 3.23
N ASN D 197 4.07 24.67 3.18
CA ASN D 197 2.78 24.01 3.47
C ASN D 197 1.76 23.95 2.33
N GLY D 198 2.12 24.56 1.19
CA GLY D 198 1.36 24.45 -0.05
C GLY D 198 0.02 25.19 -0.20
N ILE D 199 -0.42 25.31 -1.45
CA ILE D 199 -1.66 26.03 -1.80
C ILE D 199 -2.70 25.08 -2.29
N SER D 200 -3.82 25.06 -1.61
CA SER D 200 -4.97 24.27 -1.99
C SER D 200 -5.80 25.00 -3.05
N MET D 201 -6.78 24.30 -3.54
CA MET D 201 -7.76 24.92 -4.42
C MET D 201 -8.62 26.00 -3.83
N GLU D 202 -9.06 25.83 -2.58
CA GLU D 202 -9.84 26.87 -1.94
C GLU D 202 -9.02 28.15 -1.81
N THR D 203 -7.75 28.00 -1.44
CA THR D 203 -6.88 29.17 -1.29
C THR D 203 -6.55 29.79 -2.65
N ALA D 204 -6.24 28.96 -3.64
CA ALA D 204 -6.00 29.47 -4.99
C ALA D 204 -7.24 30.24 -5.56
N LYS D 205 -8.42 29.64 -5.47
CA LYS D 205 -9.66 30.32 -5.96
C LYS D 205 -9.93 31.63 -5.22
N LEU D 206 -9.64 31.65 -3.93
CA LEU D 206 -9.87 32.87 -3.14
C LEU D 206 -8.90 33.97 -3.59
N LEU D 207 -7.61 33.65 -3.68
CA LEU D 207 -6.67 34.62 -4.18
C LEU D 207 -7.04 35.08 -5.59
N TYR D 208 -7.42 34.14 -6.42
CA TYR D 208 -7.85 34.49 -7.80
C TYR D 208 -9.03 35.51 -7.80
N SER D 209 -9.97 35.37 -6.87
CA SER D 209 -11.13 36.24 -6.82
C SER D 209 -10.73 37.68 -6.44
N TYR D 210 -9.54 37.84 -5.88
CA TYR D 210 -9.02 39.14 -5.56
C TYR D 210 -7.97 39.57 -6.56
N GLY D 211 -7.84 38.86 -7.68
CA GLY D 211 -7.01 39.35 -8.80
C GLY D 211 -5.66 38.66 -8.93
N ILE D 212 -5.37 37.73 -8.02
CA ILE D 212 -4.04 37.07 -8.05
C ILE D 212 -4.02 36.03 -9.17
N LYS D 213 -3.00 36.10 -10.02
CA LYS D 213 -2.95 35.19 -11.19
C LYS D 213 -1.67 34.36 -11.21
N ASN D 214 -0.77 34.68 -10.29
CA ASN D 214 0.59 34.11 -10.27
C ASN D 214 0.78 33.45 -8.92
N PHE D 215 1.08 32.14 -8.95
CA PHE D 215 1.15 31.32 -7.74
C PHE D 215 2.45 30.57 -7.64
N ASP D 216 2.91 30.32 -6.42
CA ASP D 216 4.06 29.45 -6.17
C ASP D 216 3.71 28.46 -5.05
N THR D 217 3.55 27.19 -5.40
CA THR D 217 2.89 26.22 -4.54
C THR D 217 3.58 26.05 -3.17
N SER D 218 4.93 26.06 -3.16
CA SER D 218 5.73 25.81 -1.98
C SER D 218 5.06 24.78 -1.11
N GLY D 219 4.92 23.57 -1.63
CA GLY D 219 4.17 22.55 -0.93
C GLY D 219 5.06 21.88 0.12
N GLN D 220 4.43 21.02 0.90
CA GLN D 220 5.15 20.20 1.89
C GLN D 220 6.01 19.17 1.18
N GLY D 221 7.10 18.74 1.85
CA GLY D 221 8.03 17.73 1.31
C GLY D 221 9.47 18.22 1.14
N GLY D 222 9.68 19.55 1.21
CA GLY D 222 10.98 20.13 1.13
C GLY D 222 11.18 20.79 2.45
N THR D 223 11.76 21.97 2.46
CA THR D 223 12.02 22.65 3.71
C THR D 223 10.75 22.66 4.58
N ASN D 224 10.89 22.12 5.79
CA ASN D 224 9.80 22.08 6.74
C ASN D 224 9.91 23.18 7.77
N TRP D 225 9.15 24.26 7.54
CA TRP D 225 9.20 25.43 8.36
C TRP D 225 8.60 25.21 9.73
N ILE D 226 7.64 24.29 9.83
CA ILE D 226 7.13 23.92 11.10
C ILE D 226 8.31 23.26 11.92
N ALA D 227 9.12 22.43 11.26
CA ALA D 227 10.21 21.78 11.91
C ALA D 227 11.21 22.84 12.36
N ILE D 228 11.41 23.85 11.52
CA ILE D 228 12.38 24.90 11.84
C ILE D 228 11.96 25.64 13.11
N GLU D 229 10.70 26.01 13.16
CA GLU D 229 10.20 26.66 14.33
C GLU D 229 10.12 25.69 15.53
N MET D 230 9.82 24.42 15.33
CA MET D 230 9.89 23.47 16.39
C MET D 230 11.31 23.50 17.05
N ILE D 231 12.37 23.60 16.23
CA ILE D 231 13.77 23.60 16.71
C ILE D 231 14.02 24.88 17.46
N ARG D 232 13.55 26.00 16.92
CA ARG D 232 13.65 27.24 17.67
C ARG D 232 12.91 27.20 19.04
N ASP D 233 11.70 26.62 19.07
CA ASP D 233 11.02 26.35 20.33
C ASP D 233 11.83 25.40 21.27
N ILE D 234 12.39 24.32 20.77
CA ILE D 234 13.17 23.42 21.64
C ILE D 234 14.29 24.25 22.29
N ARG D 235 15.02 24.97 21.43
CA ARG D 235 16.09 25.85 21.84
C ARG D 235 15.70 26.82 22.91
N ARG D 236 14.48 27.36 22.87
CA ARG D 236 14.13 28.21 23.99
C ARG D 236 13.26 27.60 25.07
N GLY D 237 13.21 26.28 25.13
CA GLY D 237 12.38 25.58 26.10
C GLY D 237 10.94 26.06 26.04
N ASN D 238 10.50 26.57 24.87
CA ASN D 238 9.11 26.95 24.64
C ASN D 238 8.23 25.69 24.46
N TRP D 239 7.14 25.61 25.23
CA TRP D 239 6.19 24.45 25.25
C TRP D 239 5.63 24.06 23.84
N LYS D 240 5.51 25.05 22.95
CA LYS D 240 4.98 24.83 21.59
C LYS D 240 5.73 23.76 20.80
N ALA D 241 6.96 23.41 21.22
CA ALA D 241 7.77 22.46 20.46
C ALA D 241 7.08 21.13 20.30
N GLU D 242 6.43 20.69 21.37
CA GLU D 242 5.78 19.39 21.30
C GLU D 242 4.55 19.46 20.39
N SER D 243 3.93 20.62 20.35
CA SER D 243 2.78 20.78 19.48
C SER D 243 3.19 20.82 17.99
N ALA D 244 4.24 21.57 17.67
CA ALA D 244 4.80 21.60 16.32
C ALA D 244 5.09 20.17 15.85
N LYS D 245 5.67 19.36 16.74
CA LYS D 245 5.97 18.01 16.35
C LYS D 245 4.73 17.24 15.82
N ASN D 246 3.55 17.47 16.39
CA ASN D 246 2.32 16.81 15.88
C ASN D 246 1.88 17.29 14.49
N PHE D 247 2.41 18.43 14.06
CA PHE D 247 2.08 19.11 12.83
C PHE D 247 3.15 18.98 11.76
N LEU D 248 4.19 18.21 12.04
CA LEU D 248 5.30 18.09 11.09
C LEU D 248 4.91 17.69 9.68
N ASP D 249 3.82 16.94 9.56
CA ASP D 249 3.37 16.43 8.28
C ASP D 249 2.10 17.18 7.80
N TRP D 250 1.84 18.35 8.36
CA TRP D 250 0.72 19.23 7.96
C TRP D 250 0.99 19.85 6.59
N GLY D 251 -0.05 19.94 5.75
CA GLY D 251 -0.01 20.79 4.57
C GLY D 251 -0.34 20.09 3.27
N VAL D 252 -0.30 20.80 2.12
CA VAL D 252 -0.58 20.14 0.82
C VAL D 252 0.78 19.73 0.20
N PRO D 253 0.96 18.42 -0.09
CA PRO D 253 2.17 18.02 -0.77
C PRO D 253 2.37 18.78 -2.11
N THR D 254 3.62 19.09 -2.42
CA THR D 254 3.90 19.84 -3.63
C THR D 254 3.14 19.36 -4.87
N ALA D 255 3.19 18.04 -5.17
CA ALA D 255 2.59 17.50 -6.39
C ALA D 255 1.06 17.76 -6.37
N ALA D 256 0.42 17.54 -5.24
CA ALA D 256 -0.99 17.73 -5.12
C ALA D 256 -1.33 19.21 -5.30
N SER D 257 -0.46 20.08 -4.80
CA SER D 257 -0.69 21.52 -4.86
C SER D 257 -0.56 22.02 -6.29
N ILE D 258 0.46 21.54 -6.99
CA ILE D 258 0.53 21.81 -8.39
C ILE D 258 -0.77 21.38 -9.12
N MET D 259 -1.20 20.12 -8.92
CA MET D 259 -2.49 19.74 -9.48
C MET D 259 -3.64 20.64 -9.04
N GLU D 260 -3.71 20.96 -7.74
CA GLU D 260 -4.89 21.72 -7.28
C GLU D 260 -4.95 23.12 -7.90
N VAL D 261 -3.80 23.77 -8.03
CA VAL D 261 -3.76 25.14 -8.49
C VAL D 261 -4.01 25.15 -10.02
N ARG D 262 -3.30 24.30 -10.77
CA ARG D 262 -3.50 24.24 -12.20
C ARG D 262 -4.98 23.89 -12.55
N TYR D 263 -5.59 23.04 -11.73
CA TYR D 263 -6.97 22.62 -11.99
C TYR D 263 -7.94 23.73 -11.69
N SER D 264 -7.77 24.36 -10.54
CA SER D 264 -8.76 25.31 -10.09
C SER D 264 -8.56 26.69 -10.72
N VAL D 265 -7.34 26.97 -11.15
CA VAL D 265 -7.03 28.16 -11.92
C VAL D 265 -6.22 27.89 -13.15
N PRO D 266 -6.93 27.42 -14.21
CA PRO D 266 -6.28 26.82 -15.40
C PRO D 266 -5.34 27.77 -16.11
N ASP D 267 -5.56 29.08 -16.01
CA ASP D 267 -4.76 30.02 -16.78
C ASP D 267 -3.69 30.68 -15.90
N SER D 268 -3.47 30.11 -14.69
CA SER D 268 -2.53 30.75 -13.74
C SER D 268 -1.11 30.62 -14.29
N PHE D 269 -0.27 31.59 -13.95
CA PHE D 269 1.15 31.39 -14.04
C PHE D 269 1.65 30.68 -12.74
N LEU D 270 2.26 29.49 -12.89
CA LEU D 270 2.45 28.55 -11.76
C LEU D 270 3.94 28.15 -11.54
N VAL D 271 4.49 28.51 -10.39
CA VAL D 271 5.79 28.00 -9.94
C VAL D 271 5.52 26.76 -9.08
N GLY D 272 6.11 25.61 -9.45
CA GLY D 272 5.98 24.41 -8.68
C GLY D 272 7.20 24.25 -7.77
N SER D 273 7.02 24.36 -6.47
CA SER D 273 8.19 24.37 -5.55
C SER D 273 7.84 23.74 -4.21
N GLY D 274 8.85 23.41 -3.44
CA GLY D 274 8.70 22.74 -2.11
C GLY D 274 9.27 21.35 -2.31
N GLY D 275 10.56 21.20 -2.01
CA GLY D 275 11.22 19.90 -2.15
C GLY D 275 11.62 19.51 -3.58
N ILE D 276 11.82 20.49 -4.48
CA ILE D 276 12.47 20.23 -5.78
C ILE D 276 14.01 20.11 -5.56
N ARG D 277 14.57 18.91 -5.76
CA ARG D 277 15.96 18.61 -5.37
C ARG D 277 16.79 18.15 -6.56
N SER D 278 16.17 17.98 -7.71
CA SER D 278 16.88 17.50 -8.87
C SER D 278 16.18 18.04 -10.10
N GLY D 279 16.85 17.97 -11.27
CA GLY D 279 16.22 18.40 -12.50
C GLY D 279 15.09 17.49 -12.92
N LEU D 280 15.15 16.25 -12.44
CA LEU D 280 14.03 15.31 -12.59
C LEU D 280 12.80 15.76 -11.79
N ASP D 281 12.99 16.10 -10.51
CA ASP D 281 11.88 16.70 -9.76
C ASP D 281 11.32 17.91 -10.51
N ALA D 282 12.22 18.75 -11.02
CA ALA D 282 11.84 19.94 -11.76
C ALA D 282 11.03 19.60 -13.02
N ALA D 283 11.49 18.63 -13.79
CA ALA D 283 10.71 18.08 -14.94
C ALA D 283 9.30 17.58 -14.55
N LYS D 284 9.23 16.83 -13.46
CA LYS D 284 7.93 16.26 -13.02
C LYS D 284 6.96 17.37 -12.68
N ALA D 285 7.47 18.40 -12.01
CA ALA D 285 6.65 19.54 -11.53
C ALA D 285 6.07 20.32 -12.72
N ILE D 286 6.89 20.59 -13.74
CA ILE D 286 6.45 21.22 -14.96
C ILE D 286 5.46 20.32 -15.73
N ALA D 287 5.80 19.03 -15.89
CA ALA D 287 4.90 18.07 -16.56
C ALA D 287 3.56 17.98 -15.83
N LEU D 288 3.59 17.99 -14.51
CA LEU D 288 2.32 18.01 -13.78
C LEU D 288 1.46 19.24 -13.95
N GLY D 289 2.04 20.38 -14.32
CA GLY D 289 1.14 21.56 -14.40
C GLY D 289 1.78 22.88 -14.11
N ALA D 290 2.97 22.87 -13.53
CA ALA D 290 3.67 24.12 -13.29
C ALA D 290 4.30 24.68 -14.59
N ASP D 291 4.56 25.97 -14.59
CA ASP D 291 5.29 26.67 -15.67
C ASP D 291 6.73 26.70 -15.36
N ILE D 292 7.04 26.72 -14.07
CA ILE D 292 8.42 26.66 -13.72
C ILE D 292 8.61 25.95 -12.38
N ALA D 293 9.81 25.42 -12.21
CA ALA D 293 10.13 24.75 -10.94
C ALA D 293 10.88 25.71 -10.08
N GLY D 294 10.48 25.87 -8.82
CA GLY D 294 11.21 26.76 -7.89
C GLY D 294 12.09 25.96 -6.92
N MET D 295 13.21 26.51 -6.42
CA MET D 295 14.06 25.80 -5.40
C MET D 295 14.63 26.81 -4.47
N ALA D 296 14.81 26.47 -3.20
CA ALA D 296 15.42 27.38 -2.24
C ALA D 296 16.53 26.66 -1.45
N LEU D 297 16.19 25.74 -0.54
CA LEU D 297 17.16 25.12 0.34
C LEU D 297 18.43 24.59 -0.35
N PRO D 298 18.30 23.73 -1.41
CA PRO D 298 19.60 23.26 -1.96
C PRO D 298 20.47 24.37 -2.55
N VAL D 299 19.86 25.44 -3.06
CA VAL D 299 20.63 26.61 -3.49
C VAL D 299 21.37 27.29 -2.29
N LEU D 300 20.72 27.43 -1.15
CA LEU D 300 21.37 27.97 0.03
C LEU D 300 22.58 27.12 0.45
N LYS D 301 22.38 25.80 0.53
CA LYS D 301 23.45 24.90 0.94
C LYS D 301 24.66 24.97 0.04
N SER D 302 24.44 25.04 -1.27
CA SER D 302 25.52 25.22 -2.20
C SER D 302 26.14 26.58 -2.13
N ALA D 303 25.33 27.62 -1.97
CA ALA D 303 25.85 28.97 -1.93
C ALA D 303 26.77 29.12 -0.74
N ILE D 304 26.38 28.58 0.40
CA ILE D 304 27.20 28.60 1.58
C ILE D 304 28.58 27.95 1.30
N GLU D 305 28.65 26.88 0.50
CA GLU D 305 29.90 26.24 0.17
C GLU D 305 30.74 27.04 -0.83
N GLY D 306 30.10 27.92 -1.59
CA GLY D 306 30.80 28.83 -2.47
C GLY D 306 30.22 28.95 -3.87
N LYS D 307 30.71 29.94 -4.59
CA LYS D 307 30.28 30.22 -5.92
C LYS D 307 30.46 28.98 -6.82
N GLU D 308 31.60 28.32 -6.75
CA GLU D 308 31.86 27.22 -7.65
C GLU D 308 30.97 25.99 -7.39
N SER D 309 30.72 25.72 -6.11
CA SER D 309 29.79 24.71 -5.70
C SER D 309 28.35 24.99 -6.26
N LEU D 310 27.93 26.26 -6.18
CA LEU D 310 26.65 26.68 -6.66
C LEU D 310 26.55 26.57 -8.17
N GLU D 311 27.65 26.86 -8.87
CA GLU D 311 27.73 26.72 -10.34
C GLU D 311 27.55 25.26 -10.75
N GLN D 312 28.30 24.40 -10.07
CA GLN D 312 28.20 22.96 -10.27
C GLN D 312 26.78 22.48 -10.00
N PHE D 313 26.13 23.00 -8.97
CA PHE D 313 24.79 22.58 -8.61
C PHE D 313 23.82 22.91 -9.79
N PHE D 314 23.86 24.13 -10.33
CA PHE D 314 22.98 24.48 -11.43
C PHE D 314 23.26 23.65 -12.69
N ARG D 315 24.54 23.37 -12.94
CA ARG D 315 24.94 22.57 -14.09
C ARG D 315 24.28 21.19 -13.96
N LYS D 316 24.26 20.66 -12.76
CA LYS D 316 23.68 19.33 -12.52
C LYS D 316 22.13 19.36 -12.66
N ILE D 317 21.47 20.39 -12.13
CA ILE D 317 20.01 20.52 -12.21
C ILE D 317 19.63 20.62 -13.70
N ILE D 318 20.35 21.44 -14.44
CA ILE D 318 20.08 21.70 -15.85
C ILE D 318 20.29 20.42 -16.69
N PHE D 319 21.40 19.75 -16.44
CA PHE D 319 21.62 18.47 -17.07
C PHE D 319 20.45 17.48 -16.82
N GLU D 320 20.05 17.37 -15.56
CA GLU D 320 18.98 16.45 -15.18
C GLU D 320 17.66 16.82 -15.80
N LEU D 321 17.37 18.12 -15.85
CA LEU D 321 16.16 18.56 -16.49
C LEU D 321 16.17 18.12 -17.99
N LYS D 322 17.32 18.31 -18.66
CA LYS D 322 17.42 18.06 -20.09
C LYS D 322 17.40 16.56 -20.37
N ALA D 323 17.95 15.77 -19.43
CA ALA D 323 17.87 14.32 -19.51
C ALA D 323 16.41 13.91 -19.52
N ALA D 324 15.62 14.46 -18.61
CA ALA D 324 14.22 14.08 -18.52
C ALA D 324 13.39 14.52 -19.78
N MET D 325 13.68 15.69 -20.33
CA MET D 325 13.12 16.14 -21.62
C MET D 325 13.58 15.19 -22.77
N MET D 326 14.87 14.83 -22.81
CA MET D 326 15.39 13.94 -23.83
C MET D 326 14.56 12.65 -23.77
N LEU D 327 14.43 12.12 -22.55
CA LEU D 327 13.92 10.79 -22.35
C LEU D 327 12.41 10.73 -22.41
N THR D 328 11.74 11.88 -22.45
CA THR D 328 10.30 11.90 -22.72
C THR D 328 10.02 12.44 -24.13
N GLY D 329 11.07 12.67 -24.93
CA GLY D 329 10.87 13.24 -26.28
C GLY D 329 10.37 14.67 -26.33
N SER D 330 10.87 15.50 -25.39
CA SER D 330 10.39 16.86 -25.20
C SER D 330 11.44 17.80 -25.74
N LYS D 331 11.22 18.37 -26.93
CA LYS D 331 12.26 19.21 -27.52
C LYS D 331 12.31 20.55 -26.81
N ASP D 332 11.28 20.89 -26.06
CA ASP D 332 11.21 22.21 -25.43
C ASP D 332 10.28 22.18 -24.25
N VAL D 333 10.15 23.30 -23.57
CA VAL D 333 9.43 23.35 -22.29
C VAL D 333 7.97 23.10 -22.51
N ASP D 334 7.49 23.67 -23.62
CA ASP D 334 6.10 23.43 -24.01
C ASP D 334 5.78 21.97 -24.24
N ALA D 335 6.71 21.26 -24.87
CA ALA D 335 6.49 19.83 -25.10
C ALA D 335 6.52 19.08 -23.69
N LEU D 336 7.38 19.52 -22.77
CA LEU D 336 7.48 18.87 -21.42
C LEU D 336 6.15 18.99 -20.67
N LYS D 337 5.52 20.18 -20.75
CA LYS D 337 4.22 20.46 -20.14
C LYS D 337 3.14 19.52 -20.62
N LYS D 338 3.35 18.89 -21.78
CA LYS D 338 2.33 18.03 -22.39
C LYS D 338 2.74 16.58 -22.44
N THR D 339 3.91 16.25 -21.90
CA THR D 339 4.38 14.88 -22.09
C THR D 339 3.55 13.90 -21.26
N SER D 340 3.55 12.64 -21.66
CA SER D 340 2.79 11.60 -21.01
C SER D 340 3.30 11.31 -19.55
N ILE D 341 2.38 11.16 -18.62
CA ILE D 341 2.73 10.82 -17.25
C ILE D 341 1.85 9.73 -16.76
N VAL D 342 2.26 9.14 -15.64
CA VAL D 342 1.41 8.21 -14.85
C VAL D 342 1.32 8.80 -13.46
N ILE D 343 0.10 8.82 -12.92
CA ILE D 343 -0.12 9.20 -11.53
C ILE D 343 -0.67 8.02 -10.73
N LEU D 344 -0.04 7.71 -9.59
CA LEU D 344 -0.30 6.47 -8.83
C LEU D 344 -0.53 6.82 -7.36
N GLY D 345 -0.90 5.81 -6.58
CA GLY D 345 -0.76 5.86 -5.12
C GLY D 345 -1.59 6.94 -4.42
N LYS D 346 -1.02 7.58 -3.42
CA LYS D 346 -1.73 8.55 -2.59
C LYS D 346 -2.02 9.84 -3.39
N LEU D 347 -1.13 10.27 -4.28
CA LEU D 347 -1.49 11.40 -5.13
C LEU D 347 -2.79 11.13 -5.88
N LYS D 348 -2.89 9.91 -6.45
CA LYS D 348 -4.07 9.50 -7.17
C LYS D 348 -5.30 9.59 -6.26
N GLU D 349 -5.18 9.05 -5.04
CA GLU D 349 -6.33 9.07 -4.14
C GLU D 349 -6.63 10.48 -3.67
N TRP D 350 -5.60 11.32 -3.55
CA TRP D 350 -5.81 12.70 -3.16
C TRP D 350 -6.66 13.41 -4.23
N ALA D 351 -6.19 13.40 -5.48
CA ALA D 351 -6.95 13.95 -6.63
C ALA D 351 -8.39 13.44 -6.71
N GLU D 352 -8.59 12.13 -6.59
CA GLU D 352 -9.94 11.57 -6.66
C GLU D 352 -10.84 12.12 -5.53
N TYR D 353 -10.32 12.15 -4.30
CA TYR D 353 -11.18 12.60 -3.21
C TYR D 353 -11.53 14.10 -3.40
N ARG D 354 -10.60 14.87 -3.93
CA ARG D 354 -10.73 16.31 -4.11
C ARG D 354 -11.52 16.71 -5.38
N GLY D 355 -12.06 15.70 -6.08
CA GLY D 355 -12.91 15.93 -7.25
C GLY D 355 -12.10 16.35 -8.47
N ILE D 356 -10.81 16.02 -8.52
CA ILE D 356 -10.02 16.30 -9.72
C ILE D 356 -10.24 15.15 -10.72
N ASN D 357 -11.15 15.45 -11.64
CA ASN D 357 -11.45 14.60 -12.74
C ASN D 357 -10.21 14.52 -13.64
N LEU D 358 -9.59 13.33 -13.71
CA LEU D 358 -8.35 13.14 -14.44
C LEU D 358 -8.37 13.46 -15.97
N SER D 359 -9.50 13.22 -16.64
CA SER D 359 -9.67 13.61 -18.03
C SER D 359 -9.55 15.11 -18.14
N ILE D 360 -10.38 15.82 -17.38
CA ILE D 360 -10.29 17.25 -17.50
C ILE D 360 -8.89 17.74 -17.00
N TYR D 361 -8.38 17.13 -15.92
CA TYR D 361 -6.96 17.35 -15.54
C TYR D 361 -5.99 17.25 -16.74
N GLU D 362 -6.04 16.13 -17.47
CA GLU D 362 -5.07 15.89 -18.54
C GLU D 362 -5.15 17.05 -19.56
N LYS D 363 -6.36 17.41 -19.95
CA LYS D 363 -6.59 18.48 -20.88
C LYS D 363 -6.04 19.85 -20.42
N VAL D 364 -6.34 20.24 -19.16
CA VAL D 364 -5.82 21.47 -18.52
C VAL D 364 -4.29 21.57 -18.37
N ARG D 365 -3.62 20.55 -17.84
CA ARG D 365 -2.16 20.65 -17.69
C ARG D 365 -1.55 20.73 -19.10
N LYS D 366 -2.17 19.94 -19.99
CA LYS D 366 -2.13 20.06 -21.46
C LYS D 366 -1.31 18.95 -22.08
#